data_5ZC6
#
_entry.id   5ZC6
#
loop_
_entity.id
_entity.type
_entity.pdbx_description
1 polymer 'GTPase HRas'
2 non-polymer 'PHOSPHOAMINOPHOSPHONIC ACID-GUANYLATE ESTER'
3 non-polymer 3-oxidanyl-~{N}-[[(2~{R})-oxolan-2-yl]methyl]naphthalene-2-carboxamide
4 non-polymer 'MAGNESIUM ION'
#
_entity_poly.entity_id   1
_entity_poly.type   'polypeptide(L)'
_entity_poly.pdbx_seq_one_letter_code
;MTEYKLVVVGAGGVGKSALTIQLIQNHFVDEYDPSIEDSYRKQVVIDGETCLLDILDTAGQEEYSAMRDQYMRTGEGFLC
VFAINNTKSFEDIHQYREQIKRVKDSDDVPMVLVGNKCDLAARTVESRQAQDLARSYGIPYIETSAKTRQGVEDAFYTLV
REIRQH
;
_entity_poly.pdbx_strand_id   A
#
# COMPACT_ATOMS: atom_id res chain seq x y z
N MET A 1 -13.54 18.75 -1.25
CA MET A 1 -12.29 17.94 -1.24
C MET A 1 -12.46 16.66 -2.02
N THR A 2 -11.42 16.28 -2.76
CA THR A 2 -11.46 15.08 -3.57
C THR A 2 -11.31 13.83 -2.70
N GLU A 3 -12.17 12.84 -2.94
CA GLU A 3 -12.15 11.61 -2.17
C GLU A 3 -11.35 10.54 -2.91
N TYR A 4 -10.26 10.08 -2.29
CA TYR A 4 -9.41 9.07 -2.90
C TYR A 4 -9.41 7.78 -2.08
N LYS A 5 -9.84 6.69 -2.69
CA LYS A 5 -9.87 5.40 -2.02
C LYS A 5 -8.67 4.55 -2.42
N LEU A 6 -7.68 4.48 -1.54
CA LEU A 6 -6.47 3.72 -1.80
C LEU A 6 -6.52 2.34 -1.15
N VAL A 7 -6.46 1.30 -1.99
CA VAL A 7 -6.49 -0.07 -1.50
C VAL A 7 -5.07 -0.59 -1.25
N VAL A 8 -4.73 -0.77 0.02
CA VAL A 8 -3.41 -1.25 0.39
C VAL A 8 -3.33 -2.78 0.33
N VAL A 9 -2.36 -3.29 -0.40
CA VAL A 9 -2.17 -4.74 -0.53
C VAL A 9 -0.83 -5.18 0.05
N GLY A 10 -0.82 -6.34 0.68
CA GLY A 10 0.40 -6.86 1.26
C GLY A 10 0.39 -8.36 1.43
N ALA A 11 1.57 -8.96 1.55
CA ALA A 11 1.68 -10.40 1.72
C ALA A 11 0.95 -10.87 2.97
N GLY A 12 1.57 -10.67 4.12
CA GLY A 12 0.97 -11.07 5.38
C GLY A 12 1.63 -10.42 6.56
N GLY A 13 2.87 -10.82 6.83
CA GLY A 13 3.61 -10.24 7.95
C GLY A 13 4.32 -8.95 7.57
N VAL A 14 4.10 -8.50 6.34
CA VAL A 14 4.72 -7.26 5.85
C VAL A 14 4.34 -6.08 6.74
N GLY A 15 3.06 -6.00 7.10
CA GLY A 15 2.60 -4.91 7.93
C GLY A 15 1.83 -3.86 7.17
N LYS A 16 0.70 -4.24 6.60
CA LYS A 16 -0.13 -3.32 5.83
C LYS A 16 -0.90 -2.39 6.76
N SER A 17 -1.56 -2.97 7.75
CA SER A 17 -2.33 -2.19 8.71
C SER A 17 -1.43 -1.26 9.52
N ALA A 18 -0.23 -1.72 9.83
CA ALA A 18 0.73 -0.94 10.59
C ALA A 18 1.01 0.40 9.91
N LEU A 19 1.25 0.36 8.60
CA LEU A 19 1.52 1.57 7.84
C LEU A 19 0.32 2.49 7.84
N THR A 20 -0.88 1.90 7.86
CA THR A 20 -2.11 2.67 7.87
C THR A 20 -2.30 3.40 9.19
N ILE A 21 -2.26 2.65 10.29
CA ILE A 21 -2.43 3.22 11.62
C ILE A 21 -1.37 4.28 11.90
N GLN A 22 -0.18 4.07 11.35
CA GLN A 22 0.92 5.02 11.54
C GLN A 22 0.63 6.33 10.82
N LEU A 23 0.23 6.23 9.56
CA LEU A 23 -0.09 7.42 8.77
C LEU A 23 -1.39 8.09 9.25
N ILE A 24 -2.40 7.26 9.50
CA ILE A 24 -3.71 7.76 9.95
C ILE A 24 -3.76 8.04 11.44
N GLN A 25 -3.35 7.06 12.25
CA GLN A 25 -3.41 7.22 13.71
C GLN A 25 -2.06 7.57 14.33
N ASN A 26 -1.00 7.60 13.53
CA ASN A 26 0.33 7.92 14.06
C ASN A 26 0.75 6.91 15.11
N HIS A 27 0.12 5.73 15.09
CA HIS A 27 0.45 4.68 16.05
C HIS A 27 0.64 3.35 15.33
N PHE A 28 1.11 2.35 16.07
CA PHE A 28 1.34 1.02 15.49
C PHE A 28 0.11 0.15 15.63
N VAL A 29 -0.31 -0.46 14.52
CA VAL A 29 -1.47 -1.33 14.51
C VAL A 29 -1.26 -2.52 15.45
N ASP A 30 -2.09 -3.55 15.29
CA ASP A 30 -1.99 -4.75 16.13
C ASP A 30 -2.55 -4.48 17.53
N GLU A 31 -3.57 -3.63 17.60
CA GLU A 31 -4.19 -3.30 18.87
C GLU A 31 -5.45 -2.45 18.67
N TYR A 32 -6.14 -2.67 17.56
CA TYR A 32 -7.35 -1.93 17.26
C TYR A 32 -8.49 -2.87 16.84
N ASP A 33 -9.72 -2.40 16.97
CA ASP A 33 -10.88 -3.20 16.61
C ASP A 33 -11.07 -3.20 15.08
N PRO A 34 -10.96 -4.39 14.44
CA PRO A 34 -11.11 -4.52 12.99
C PRO A 34 -12.57 -4.56 12.56
N SER A 35 -12.80 -4.32 11.27
CA SER A 35 -14.15 -4.34 10.70
C SER A 35 -15.01 -3.23 11.30
N ILE A 36 -14.37 -2.20 11.86
CA ILE A 36 -15.11 -1.09 12.44
C ILE A 36 -15.61 -0.13 11.38
N GLU A 37 -14.72 0.24 10.45
CA GLU A 37 -15.07 1.16 9.38
C GLU A 37 -14.82 0.53 8.01
N ASP A 38 -13.86 -0.39 7.94
CA ASP A 38 -13.50 -1.08 6.70
C ASP A 38 -12.43 -0.30 5.93
N SER A 39 -12.43 1.02 6.09
CA SER A 39 -11.46 1.87 5.42
C SER A 39 -11.07 3.05 6.30
N TYR A 40 -9.87 3.58 6.10
CA TYR A 40 -9.40 4.71 6.88
C TYR A 40 -9.57 6.02 6.11
N ARG A 41 -9.64 7.12 6.84
CA ARG A 41 -9.82 8.43 6.23
C ARG A 41 -8.78 9.43 6.75
N LYS A 42 -8.41 10.38 5.91
CA LYS A 42 -7.42 11.39 6.29
C LYS A 42 -7.42 12.56 5.32
N GLN A 43 -7.17 13.76 5.84
CA GLN A 43 -7.13 14.97 5.03
C GLN A 43 -5.72 15.58 5.03
N VAL A 44 -5.07 15.55 3.88
CA VAL A 44 -3.73 16.10 3.77
C VAL A 44 -3.54 16.84 2.45
N VAL A 45 -2.39 17.48 2.29
CA VAL A 45 -2.08 18.22 1.07
C VAL A 45 -0.89 17.60 0.34
N ILE A 46 -1.15 17.01 -0.82
CA ILE A 46 -0.11 16.39 -1.62
C ILE A 46 0.05 17.10 -2.96
N ASP A 47 1.30 17.39 -3.33
CA ASP A 47 1.60 18.07 -4.58
C ASP A 47 1.16 19.53 -4.54
N GLY A 48 0.84 20.02 -3.33
CA GLY A 48 0.40 21.41 -3.19
C GLY A 48 -1.10 21.57 -3.21
N GLU A 49 -1.82 20.48 -3.52
CA GLU A 49 -3.27 20.52 -3.57
C GLU A 49 -3.88 19.71 -2.43
N THR A 50 -4.95 20.22 -1.85
CA THR A 50 -5.63 19.54 -0.75
C THR A 50 -6.58 18.47 -1.28
N CYS A 51 -6.45 17.26 -0.76
CA CYS A 51 -7.30 16.14 -1.17
C CYS A 51 -7.54 15.19 0.00
N LEU A 52 -8.55 14.33 -0.14
CA LEU A 52 -8.88 13.37 0.91
C LEU A 52 -8.12 12.06 0.70
N LEU A 53 -7.29 11.72 1.68
CA LEU A 53 -6.50 10.50 1.60
C LEU A 53 -7.14 9.37 2.40
N ASP A 54 -8.04 8.63 1.76
CA ASP A 54 -8.72 7.51 2.41
C ASP A 54 -7.93 6.23 2.21
N ILE A 55 -7.28 5.76 3.27
CA ILE A 55 -6.47 4.55 3.21
C ILE A 55 -7.31 3.31 3.50
N LEU A 56 -7.41 2.43 2.50
CA LEU A 56 -8.18 1.21 2.64
C LEU A 56 -7.26 -0.01 2.72
N ASP A 57 -7.04 -0.49 3.94
CA ASP A 57 -6.17 -1.65 4.15
C ASP A 57 -6.90 -2.95 3.80
N THR A 58 -6.13 -3.97 3.44
CA THR A 58 -6.70 -5.26 3.07
C THR A 58 -6.13 -6.38 3.94
N ALA A 59 -6.67 -7.59 3.78
CA ALA A 59 -6.22 -8.75 4.54
C ALA A 59 -4.82 -9.19 4.09
N GLY A 60 -4.07 -9.76 5.01
CA GLY A 60 -2.72 -10.23 4.69
C GLY A 60 -2.53 -11.70 4.97
N GLN A 61 -2.94 -12.14 6.16
CA GLN A 61 -2.79 -13.54 6.54
C GLN A 61 -4.15 -14.24 6.58
N GLU A 62 -4.95 -14.04 5.54
CA GLU A 62 -6.27 -14.65 5.46
C GLU A 62 -6.60 -15.11 4.04
N GLU A 63 -5.60 -15.11 3.16
CA GLU A 63 -5.79 -15.51 1.77
C GLU A 63 -7.03 -14.86 1.17
N TYR A 64 -7.37 -13.67 1.66
CA TYR A 64 -8.53 -12.94 1.18
C TYR A 64 -8.60 -12.92 -0.35
N SER A 65 -9.72 -13.40 -0.88
CA SER A 65 -9.92 -13.45 -2.33
C SER A 65 -11.23 -12.81 -2.72
N ALA A 66 -12.33 -13.27 -2.12
CA ALA A 66 -13.65 -12.74 -2.40
C ALA A 66 -13.70 -11.23 -2.14
N MET A 67 -13.30 -10.84 -0.93
CA MET A 67 -13.29 -9.43 -0.55
C MET A 67 -12.14 -8.70 -1.24
N ARG A 68 -11.05 -9.43 -1.47
CA ARG A 68 -9.87 -8.86 -2.12
C ARG A 68 -10.26 -8.07 -3.36
N ASP A 69 -11.16 -8.64 -4.16
CA ASP A 69 -11.62 -7.98 -5.38
C ASP A 69 -12.55 -6.83 -5.06
N GLN A 70 -13.27 -6.95 -3.94
CA GLN A 70 -14.21 -5.90 -3.53
C GLN A 70 -13.49 -4.58 -3.33
N TYR A 71 -12.38 -4.61 -2.58
CA TYR A 71 -11.61 -3.40 -2.31
C TYR A 71 -11.14 -2.74 -3.61
N MET A 72 -10.67 -3.56 -4.54
CA MET A 72 -10.18 -3.06 -5.82
C MET A 72 -11.31 -2.46 -6.66
N ARG A 73 -12.40 -3.19 -6.77
CA ARG A 73 -13.56 -2.74 -7.56
C ARG A 73 -14.09 -1.40 -7.07
N THR A 74 -13.85 -1.09 -5.79
CA THR A 74 -14.32 0.18 -5.23
C THR A 74 -13.16 1.14 -4.97
N GLY A 75 -11.93 0.61 -4.99
CA GLY A 75 -10.77 1.45 -4.76
C GLY A 75 -10.19 2.01 -6.05
N GLU A 76 -9.49 3.13 -5.95
CA GLU A 76 -8.88 3.76 -7.11
C GLU A 76 -7.44 3.31 -7.27
N GLY A 77 -6.58 3.72 -6.34
CA GLY A 77 -5.18 3.34 -6.39
C GLY A 77 -4.88 2.14 -5.51
N PHE A 78 -3.73 1.53 -5.72
CA PHE A 78 -3.34 0.36 -4.94
C PHE A 78 -1.90 0.47 -4.44
N LEU A 79 -1.74 0.53 -3.12
CA LEU A 79 -0.43 0.62 -2.51
C LEU A 79 0.08 -0.76 -2.11
N CYS A 80 1.16 -1.19 -2.74
CA CYS A 80 1.74 -2.50 -2.46
C CYS A 80 2.87 -2.40 -1.44
N VAL A 81 2.78 -3.20 -0.37
CA VAL A 81 3.81 -3.20 0.67
C VAL A 81 4.47 -4.57 0.76
N PHE A 82 5.80 -4.56 0.82
CA PHE A 82 6.57 -5.80 0.91
C PHE A 82 7.62 -5.70 2.01
N ALA A 83 8.01 -6.86 2.54
CA ALA A 83 9.02 -6.90 3.60
C ALA A 83 10.39 -7.24 3.02
N ILE A 84 11.40 -6.52 3.47
CA ILE A 84 12.76 -6.75 2.99
C ILE A 84 13.33 -8.06 3.53
N ASN A 85 12.90 -8.43 4.73
CA ASN A 85 13.35 -9.67 5.36
C ASN A 85 12.52 -10.86 4.90
N ASN A 86 11.30 -10.59 4.44
CA ASN A 86 10.41 -11.64 3.97
C ASN A 86 10.33 -11.64 2.45
N THR A 87 11.25 -12.39 1.82
CA THR A 87 11.28 -12.49 0.37
C THR A 87 9.94 -12.96 -0.18
N LYS A 88 9.20 -13.72 0.63
CA LYS A 88 7.90 -14.23 0.23
C LYS A 88 6.98 -13.09 -0.21
N SER A 89 7.20 -11.91 0.36
CA SER A 89 6.39 -10.75 0.03
C SER A 89 6.76 -10.21 -1.35
N PHE A 90 8.02 -10.41 -1.75
CA PHE A 90 8.50 -9.95 -3.04
C PHE A 90 7.68 -10.58 -4.17
N GLU A 91 7.45 -11.88 -4.06
CA GLU A 91 6.67 -12.61 -5.05
C GLU A 91 5.20 -12.22 -4.98
N ASP A 92 4.77 -11.79 -3.80
CA ASP A 92 3.38 -11.40 -3.56
C ASP A 92 3.02 -10.12 -4.31
N ILE A 93 3.96 -9.19 -4.40
CA ILE A 93 3.73 -7.92 -5.06
C ILE A 93 3.25 -8.07 -6.51
N HIS A 94 3.86 -9.00 -7.25
CA HIS A 94 3.47 -9.21 -8.65
C HIS A 94 2.14 -9.93 -8.78
N GLN A 95 1.98 -11.02 -8.04
CA GLN A 95 0.73 -11.78 -8.11
C GLN A 95 -0.46 -10.93 -7.68
N TYR A 96 -0.25 -10.04 -6.71
CA TYR A 96 -1.32 -9.17 -6.23
C TYR A 96 -1.75 -8.19 -7.32
N ARG A 97 -0.77 -7.52 -7.92
CA ARG A 97 -1.04 -6.55 -8.98
C ARG A 97 -1.87 -7.17 -10.10
N GLU A 98 -1.60 -8.44 -10.40
CA GLU A 98 -2.33 -9.14 -11.46
C GLU A 98 -3.82 -9.19 -11.15
N GLN A 99 -4.14 -9.27 -9.86
CA GLN A 99 -5.54 -9.31 -9.43
C GLN A 99 -6.20 -7.94 -9.60
N ILE A 100 -5.41 -6.89 -9.49
CA ILE A 100 -5.90 -5.53 -9.64
C ILE A 100 -6.30 -5.22 -11.08
N LYS A 101 -5.57 -5.81 -12.03
CA LYS A 101 -5.83 -5.59 -13.45
C LYS A 101 -7.17 -6.20 -13.87
N ARG A 102 -7.41 -7.43 -13.42
CA ARG A 102 -8.65 -8.13 -13.78
C ARG A 102 -9.88 -7.36 -13.31
N VAL A 103 -9.85 -6.89 -12.07
CA VAL A 103 -10.97 -6.14 -11.51
C VAL A 103 -11.03 -4.73 -12.05
N LYS A 104 -9.87 -4.08 -12.16
CA LYS A 104 -9.79 -2.73 -12.68
C LYS A 104 -10.04 -2.69 -14.19
N ASP A 105 -9.90 -3.83 -14.84
CA ASP A 105 -10.11 -3.92 -16.28
C ASP A 105 -9.24 -2.92 -17.03
N SER A 106 -8.02 -2.73 -16.54
CA SER A 106 -7.09 -1.80 -17.16
C SER A 106 -5.67 -2.35 -17.16
N ASP A 107 -4.70 -1.51 -17.48
CA ASP A 107 -3.30 -1.92 -17.51
C ASP A 107 -2.44 -1.00 -16.64
N ASP A 108 -2.58 0.31 -16.86
CA ASP A 108 -1.83 1.29 -16.09
C ASP A 108 -2.75 2.03 -15.12
N VAL A 109 -2.80 1.54 -13.88
CA VAL A 109 -3.64 2.16 -12.86
C VAL A 109 -2.79 2.64 -11.68
N PRO A 110 -3.31 3.63 -10.91
CA PRO A 110 -2.61 4.18 -9.76
C PRO A 110 -2.09 3.10 -8.82
N MET A 111 -0.77 2.99 -8.74
CA MET A 111 -0.14 2.00 -7.87
C MET A 111 1.22 2.49 -7.38
N VAL A 112 1.58 2.08 -6.16
CA VAL A 112 2.87 2.47 -5.58
C VAL A 112 3.41 1.37 -4.68
N LEU A 113 4.66 0.97 -4.94
CA LEU A 113 5.31 -0.08 -4.15
C LEU A 113 6.11 0.53 -3.01
N VAL A 114 5.92 0.00 -1.81
CA VAL A 114 6.62 0.48 -0.63
C VAL A 114 7.27 -0.67 0.14
N GLY A 115 8.57 -0.55 0.40
CA GLY A 115 9.27 -1.58 1.13
C GLY A 115 9.12 -1.45 2.63
N ASN A 116 8.14 -2.16 3.18
CA ASN A 116 7.88 -2.12 4.61
C ASN A 116 8.93 -2.93 5.37
N LYS A 117 9.10 -2.62 6.66
CA LYS A 117 10.07 -3.32 7.49
C LYS A 117 11.49 -3.13 6.98
N CYS A 118 11.76 -1.94 6.44
CA CYS A 118 13.08 -1.63 5.91
C CYS A 118 14.03 -1.13 7.00
N ASP A 119 13.46 -0.64 8.10
CA ASP A 119 14.26 -0.12 9.20
C ASP A 119 14.74 -1.25 10.12
N LEU A 120 14.38 -2.49 9.80
CA LEU A 120 14.79 -3.63 10.61
C LEU A 120 16.30 -3.82 10.57
N ALA A 121 16.79 -4.54 9.55
CA ALA A 121 18.22 -4.78 9.39
C ALA A 121 18.46 -5.90 8.39
N ALA A 122 17.71 -6.99 8.53
CA ALA A 122 17.85 -8.13 7.64
C ALA A 122 17.05 -7.93 6.36
N ARG A 123 17.72 -7.40 5.33
CA ARG A 123 17.06 -7.16 4.05
C ARG A 123 17.50 -8.20 3.02
N THR A 124 16.64 -9.18 2.77
CA THR A 124 16.93 -10.23 1.81
C THR A 124 16.98 -9.66 0.39
N VAL A 125 15.91 -8.98 0.00
CA VAL A 125 15.83 -8.38 -1.33
C VAL A 125 16.31 -6.93 -1.29
N GLU A 126 17.52 -6.70 -1.76
CA GLU A 126 18.11 -5.36 -1.78
C GLU A 126 17.20 -4.38 -2.51
N SER A 127 17.44 -3.09 -2.29
CA SER A 127 16.64 -2.04 -2.93
C SER A 127 16.61 -2.24 -4.45
N ARG A 128 17.64 -2.86 -4.99
CA ARG A 128 17.72 -3.12 -6.42
C ARG A 128 16.54 -3.96 -6.88
N GLN A 129 16.25 -5.03 -6.15
CA GLN A 129 15.14 -5.91 -6.48
C GLN A 129 13.80 -5.20 -6.31
N ALA A 130 13.68 -4.44 -5.23
CA ALA A 130 12.44 -3.71 -4.95
C ALA A 130 12.19 -2.62 -6.00
N GLN A 131 13.24 -1.86 -6.30
CA GLN A 131 13.14 -0.79 -7.29
C GLN A 131 12.81 -1.34 -8.67
N ASP A 132 13.46 -2.45 -9.03
CA ASP A 132 13.24 -3.07 -10.33
C ASP A 132 11.83 -3.66 -10.41
N LEU A 133 11.28 -4.06 -9.26
CA LEU A 133 9.95 -4.64 -9.22
C LEU A 133 8.90 -3.61 -9.62
N ALA A 134 9.02 -2.39 -9.08
CA ALA A 134 8.08 -1.33 -9.38
C ALA A 134 8.27 -0.83 -10.81
N ARG A 135 9.52 -0.74 -11.25
CA ARG A 135 9.83 -0.28 -12.60
C ARG A 135 9.16 -1.17 -13.65
N SER A 136 9.06 -2.46 -13.33
CA SER A 136 8.44 -3.42 -14.25
C SER A 136 6.97 -3.08 -14.49
N TYR A 137 6.38 -2.35 -13.54
CA TYR A 137 4.98 -1.96 -13.65
C TYR A 137 4.84 -0.51 -14.09
N GLY A 138 5.87 0.29 -13.84
CA GLY A 138 5.84 1.69 -14.21
C GLY A 138 5.30 2.58 -13.11
N ILE A 139 5.57 2.19 -11.86
CA ILE A 139 5.11 2.95 -10.71
C ILE A 139 6.28 3.34 -9.80
N PRO A 140 6.12 4.43 -9.03
CA PRO A 140 7.16 4.92 -8.13
C PRO A 140 7.35 4.00 -6.93
N TYR A 141 8.58 3.94 -6.41
CA TYR A 141 8.89 3.11 -5.25
C TYR A 141 9.42 3.95 -4.10
N ILE A 142 8.98 3.63 -2.89
CA ILE A 142 9.40 4.36 -1.70
C ILE A 142 9.58 3.42 -0.51
N GLU A 143 10.79 3.40 0.04
CA GLU A 143 11.09 2.55 1.19
C GLU A 143 10.57 3.19 2.47
N THR A 144 9.83 2.42 3.27
CA THR A 144 9.28 2.92 4.51
C THR A 144 9.21 1.84 5.58
N SER A 145 8.94 2.25 6.82
CA SER A 145 8.85 1.30 7.93
C SER A 145 7.66 1.66 8.82
N ALA A 146 6.81 0.67 9.08
CA ALA A 146 5.64 0.87 9.92
C ALA A 146 5.99 0.91 11.41
N LYS A 147 7.26 0.68 11.73
CA LYS A 147 7.71 0.69 13.13
C LYS A 147 8.35 2.02 13.50
N THR A 148 8.99 2.66 12.53
CA THR A 148 9.65 3.94 12.77
C THR A 148 8.87 5.11 12.16
N ARG A 149 7.80 4.80 11.44
CA ARG A 149 6.99 5.84 10.80
C ARG A 149 7.82 6.64 9.82
N GLN A 150 8.77 5.97 9.16
CA GLN A 150 9.63 6.63 8.18
C GLN A 150 9.18 6.34 6.76
N GLY A 151 8.77 7.39 6.05
CA GLY A 151 8.32 7.23 4.68
C GLY A 151 6.86 6.84 4.56
N VAL A 152 6.23 6.51 5.68
CA VAL A 152 4.83 6.11 5.68
C VAL A 152 3.97 7.14 4.95
N GLU A 153 4.18 8.41 5.25
CA GLU A 153 3.43 9.49 4.62
C GLU A 153 3.78 9.60 3.14
N ASP A 154 5.06 9.42 2.82
CA ASP A 154 5.52 9.52 1.44
C ASP A 154 4.88 8.43 0.57
N ALA A 155 5.00 7.18 1.01
CA ALA A 155 4.43 6.06 0.27
C ALA A 155 2.94 6.25 0.01
N PHE A 156 2.21 6.62 1.06
CA PHE A 156 0.78 6.84 0.95
C PHE A 156 0.47 8.06 0.06
N TYR A 157 1.19 9.14 0.31
CA TYR A 157 1.00 10.37 -0.46
C TYR A 157 1.27 10.15 -1.95
N THR A 158 2.33 9.41 -2.24
CA THR A 158 2.71 9.13 -3.63
C THR A 158 1.56 8.43 -4.38
N LEU A 159 0.88 7.52 -3.71
CA LEU A 159 -0.22 6.79 -4.31
C LEU A 159 -1.32 7.73 -4.80
N VAL A 160 -1.61 8.75 -4.01
CA VAL A 160 -2.64 9.73 -4.36
C VAL A 160 -2.35 10.39 -5.70
N ARG A 161 -1.09 10.75 -5.92
CA ARG A 161 -0.68 11.41 -7.15
C ARG A 161 -1.15 10.64 -8.38
N GLU A 162 -0.98 9.33 -8.37
CA GLU A 162 -1.38 8.49 -9.49
C GLU A 162 -2.91 8.50 -9.65
N ILE A 163 -3.62 8.51 -8.53
CA ILE A 163 -5.07 8.51 -8.56
C ILE A 163 -5.61 9.84 -9.08
N ARG A 164 -4.95 10.93 -8.70
CA ARG A 164 -5.37 12.27 -9.12
C ARG A 164 -5.47 12.35 -10.64
N GLN A 165 -4.63 11.59 -11.33
CA GLN A 165 -4.64 11.58 -12.79
C GLN A 165 -5.90 10.90 -13.33
N HIS A 166 -6.41 9.95 -12.56
CA HIS A 166 -7.62 9.22 -12.96
C HIS A 166 -8.88 10.04 -12.65
N MET A 1 -14.23 18.12 -0.26
CA MET A 1 -12.87 17.71 -0.71
C MET A 1 -12.92 16.44 -1.54
N THR A 2 -12.00 16.31 -2.49
CA THR A 2 -11.94 15.14 -3.36
C THR A 2 -11.59 13.90 -2.56
N GLU A 3 -12.39 12.85 -2.73
CA GLU A 3 -12.16 11.59 -2.01
C GLU A 3 -11.33 10.62 -2.83
N TYR A 4 -10.33 10.02 -2.20
CA TYR A 4 -9.45 9.06 -2.86
C TYR A 4 -9.33 7.78 -2.05
N LYS A 5 -9.99 6.72 -2.51
CA LYS A 5 -9.94 5.44 -1.81
C LYS A 5 -8.74 4.61 -2.26
N LEU A 6 -7.72 4.56 -1.41
CA LEU A 6 -6.51 3.80 -1.73
C LEU A 6 -6.52 2.43 -1.05
N VAL A 7 -6.56 1.38 -1.87
CA VAL A 7 -6.57 0.02 -1.35
C VAL A 7 -5.15 -0.53 -1.25
N VAL A 8 -4.69 -0.71 -0.01
CA VAL A 8 -3.34 -1.21 0.25
C VAL A 8 -3.28 -2.73 0.08
N VAL A 9 -2.37 -3.20 -0.75
CA VAL A 9 -2.21 -4.64 -0.98
C VAL A 9 -0.85 -5.12 -0.47
N GLY A 10 -0.82 -6.35 0.03
CA GLY A 10 0.41 -6.91 0.53
C GLY A 10 0.24 -8.31 1.09
N ALA A 11 1.33 -9.04 1.21
CA ALA A 11 1.30 -10.41 1.74
C ALA A 11 0.93 -10.42 3.22
N GLY A 12 1.13 -11.56 3.86
CA GLY A 12 0.82 -11.69 5.27
C GLY A 12 1.55 -10.69 6.12
N GLY A 13 0.81 -9.80 6.76
CA GLY A 13 1.42 -8.78 7.61
C GLY A 13 2.12 -7.70 6.81
N VAL A 14 3.41 -7.90 6.56
CA VAL A 14 4.21 -6.92 5.80
C VAL A 14 3.94 -5.50 6.26
N GLY A 15 3.56 -5.34 7.52
CA GLY A 15 3.28 -4.03 8.08
C GLY A 15 2.35 -3.20 7.22
N LYS A 16 1.54 -3.86 6.39
CA LYS A 16 0.60 -3.15 5.53
C LYS A 16 -0.40 -2.37 6.37
N SER A 17 -0.86 -2.98 7.47
CA SER A 17 -1.79 -2.34 8.38
C SER A 17 -1.10 -1.26 9.19
N ALA A 18 0.09 -1.60 9.71
CA ALA A 18 0.87 -0.67 10.52
C ALA A 18 1.14 0.62 9.76
N LEU A 19 1.54 0.50 8.50
CA LEU A 19 1.83 1.67 7.67
C LEU A 19 0.60 2.57 7.59
N THR A 20 -0.57 1.96 7.43
CA THR A 20 -1.81 2.72 7.34
C THR A 20 -2.15 3.36 8.68
N ILE A 21 -2.01 2.60 9.75
CA ILE A 21 -2.30 3.10 11.09
C ILE A 21 -1.38 4.26 11.44
N GLN A 22 -0.14 4.22 10.96
CA GLN A 22 0.83 5.27 11.23
C GLN A 22 0.43 6.55 10.51
N LEU A 23 -0.02 6.42 9.28
CA LEU A 23 -0.43 7.58 8.48
C LEU A 23 -1.74 8.15 9.00
N ILE A 24 -2.74 7.29 9.20
CA ILE A 24 -4.06 7.72 9.65
C ILE A 24 -4.13 7.88 11.18
N GLN A 25 -3.70 6.86 11.91
CA GLN A 25 -3.77 6.90 13.38
C GLN A 25 -2.47 7.38 14.03
N ASN A 26 -1.40 7.49 13.25
CA ASN A 26 -0.12 7.93 13.80
C ASN A 26 0.37 6.97 14.87
N HIS A 27 0.01 5.70 14.72
CA HIS A 27 0.41 4.67 15.67
C HIS A 27 0.60 3.33 14.96
N PHE A 28 1.07 2.33 15.71
CA PHE A 28 1.30 1.00 15.15
C PHE A 28 0.04 0.14 15.26
N VAL A 29 -0.28 -0.57 14.18
CA VAL A 29 -1.45 -1.43 14.14
C VAL A 29 -1.34 -2.56 15.18
N ASP A 30 -2.14 -3.62 15.01
CA ASP A 30 -2.14 -4.77 15.92
C ASP A 30 -3.09 -4.54 17.09
N GLU A 31 -2.98 -3.37 17.72
CA GLU A 31 -3.83 -3.03 18.86
C GLU A 31 -5.19 -2.52 18.38
N TYR A 32 -5.26 -2.11 17.13
CA TYR A 32 -6.51 -1.60 16.55
C TYR A 32 -7.53 -2.71 16.36
N ASP A 33 -8.79 -2.33 16.18
CA ASP A 33 -9.86 -3.28 15.96
C ASP A 33 -10.25 -3.34 14.49
N PRO A 34 -9.89 -4.42 13.79
CA PRO A 34 -10.19 -4.58 12.36
C PRO A 34 -11.67 -4.86 12.10
N SER A 35 -12.09 -4.66 10.85
CA SER A 35 -13.48 -4.90 10.45
C SER A 35 -14.38 -3.73 10.85
N ILE A 36 -14.48 -3.48 12.14
CA ILE A 36 -15.31 -2.39 12.65
C ILE A 36 -14.93 -1.05 12.00
N GLU A 37 -13.67 -0.93 11.59
CA GLU A 37 -13.19 0.29 10.96
C GLU A 37 -13.50 0.30 9.46
N ASP A 38 -13.42 -0.86 8.83
CA ASP A 38 -13.68 -0.99 7.40
C ASP A 38 -12.62 -0.26 6.57
N SER A 39 -12.62 1.07 6.66
CA SER A 39 -11.66 1.88 5.92
C SER A 39 -11.16 3.04 6.76
N TYR A 40 -10.17 3.76 6.23
CA TYR A 40 -9.59 4.90 6.94
C TYR A 40 -9.84 6.20 6.18
N ARG A 41 -9.68 7.32 6.87
CA ARG A 41 -9.88 8.63 6.26
C ARG A 41 -8.79 9.61 6.70
N LYS A 42 -8.45 10.54 5.82
CA LYS A 42 -7.42 11.53 6.10
C LYS A 42 -7.46 12.67 5.09
N GLN A 43 -7.17 13.88 5.56
CA GLN A 43 -7.16 15.05 4.69
C GLN A 43 -5.79 15.69 4.68
N VAL A 44 -5.13 15.67 3.51
CA VAL A 44 -3.80 16.24 3.38
C VAL A 44 -3.61 16.93 2.03
N VAL A 45 -2.63 17.82 1.96
CA VAL A 45 -2.35 18.55 0.73
C VAL A 45 -1.14 17.94 0.02
N ILE A 46 -1.38 17.31 -1.12
CA ILE A 46 -0.32 16.68 -1.89
C ILE A 46 -0.20 17.32 -3.28
N ASP A 47 1.02 17.70 -3.63
CA ASP A 47 1.29 18.33 -4.93
C ASP A 47 0.72 19.75 -4.98
N GLY A 48 0.39 20.30 -3.81
CA GLY A 48 -0.14 21.65 -3.76
C GLY A 48 -1.67 21.68 -3.83
N GLU A 49 -2.28 20.51 -3.98
CA GLU A 49 -3.73 20.42 -4.07
C GLU A 49 -4.30 19.60 -2.91
N THR A 50 -5.18 20.20 -2.14
CA THR A 50 -5.79 19.53 -1.00
C THR A 50 -6.80 18.48 -1.46
N CYS A 51 -6.73 17.30 -0.84
CA CYS A 51 -7.63 16.21 -1.18
C CYS A 51 -7.85 15.29 0.01
N LEU A 52 -8.72 14.31 -0.15
CA LEU A 52 -9.02 13.34 0.90
C LEU A 52 -8.29 12.04 0.65
N LEU A 53 -7.38 11.69 1.56
CA LEU A 53 -6.61 10.46 1.44
C LEU A 53 -7.27 9.31 2.19
N ASP A 54 -8.26 8.69 1.57
CA ASP A 54 -8.97 7.58 2.18
C ASP A 54 -8.18 6.28 2.02
N ILE A 55 -7.53 5.85 3.10
CA ILE A 55 -6.73 4.63 3.06
C ILE A 55 -7.56 3.40 3.42
N LEU A 56 -7.54 2.41 2.55
CA LEU A 56 -8.29 1.18 2.76
C LEU A 56 -7.34 -0.02 2.85
N ASP A 57 -7.15 -0.52 4.06
CA ASP A 57 -6.27 -1.66 4.29
C ASP A 57 -6.98 -2.98 3.99
N THR A 58 -6.24 -3.92 3.42
CA THR A 58 -6.80 -5.23 3.08
C THR A 58 -6.13 -6.32 3.92
N ALA A 59 -6.61 -7.55 3.76
CA ALA A 59 -6.05 -8.68 4.50
C ALA A 59 -4.69 -9.07 3.96
N GLY A 60 -3.77 -9.38 4.86
CA GLY A 60 -2.43 -9.76 4.45
C GLY A 60 -2.33 -11.23 4.08
N GLN A 61 -2.54 -12.10 5.06
CA GLN A 61 -2.48 -13.54 4.83
C GLN A 61 -3.88 -14.15 4.82
N GLU A 62 -3.98 -15.42 5.20
CA GLU A 62 -5.27 -16.12 5.23
C GLU A 62 -5.69 -16.54 3.82
N GLU A 63 -6.92 -17.05 3.71
CA GLU A 63 -7.44 -17.49 2.42
C GLU A 63 -8.31 -16.43 1.79
N TYR A 64 -8.01 -15.16 2.08
CA TYR A 64 -8.78 -14.04 1.53
C TYR A 64 -8.66 -14.00 0.02
N SER A 65 -9.73 -13.58 -0.65
CA SER A 65 -9.75 -13.48 -2.11
C SER A 65 -11.08 -12.91 -2.59
N ALA A 66 -12.18 -13.38 -2.00
CA ALA A 66 -13.51 -12.93 -2.38
C ALA A 66 -13.69 -11.45 -2.07
N MET A 67 -13.36 -11.06 -0.84
CA MET A 67 -13.49 -9.66 -0.42
C MET A 67 -12.37 -8.81 -1.02
N ARG A 68 -11.20 -9.42 -1.23
CA ARG A 68 -10.06 -8.72 -1.80
C ARG A 68 -10.44 -7.93 -3.04
N ASP A 69 -11.21 -8.55 -3.93
CA ASP A 69 -11.63 -7.89 -5.16
C ASP A 69 -12.64 -6.78 -4.87
N GLN A 70 -13.44 -6.98 -3.83
CA GLN A 70 -14.45 -6.00 -3.45
C GLN A 70 -13.81 -4.65 -3.13
N TYR A 71 -12.58 -4.69 -2.63
CA TYR A 71 -11.85 -3.47 -2.29
C TYR A 71 -11.40 -2.74 -3.55
N MET A 72 -10.92 -3.50 -4.52
CA MET A 72 -10.44 -2.93 -5.77
C MET A 72 -11.58 -2.30 -6.58
N ARG A 73 -12.75 -2.91 -6.52
CA ARG A 73 -13.91 -2.40 -7.25
C ARG A 73 -14.29 -1.00 -6.78
N THR A 74 -13.92 -0.67 -5.55
CA THR A 74 -14.23 0.65 -4.99
C THR A 74 -12.98 1.50 -4.86
N GLY A 75 -11.84 0.85 -4.66
CA GLY A 75 -10.58 1.58 -4.53
C GLY A 75 -10.08 2.13 -5.85
N GLU A 76 -9.36 3.24 -5.77
CA GLU A 76 -8.81 3.87 -6.97
C GLU A 76 -7.35 3.46 -7.18
N GLY A 77 -6.47 3.92 -6.30
CA GLY A 77 -5.07 3.58 -6.42
C GLY A 77 -4.65 2.54 -5.39
N PHE A 78 -4.07 1.44 -5.86
CA PHE A 78 -3.63 0.37 -4.97
C PHE A 78 -2.15 0.47 -4.66
N LEU A 79 -1.83 0.54 -3.38
CA LEU A 79 -0.44 0.63 -2.93
C LEU A 79 0.10 -0.74 -2.58
N CYS A 80 1.23 -1.11 -3.19
CA CYS A 80 1.86 -2.41 -2.94
C CYS A 80 2.94 -2.28 -1.89
N VAL A 81 2.85 -3.10 -0.85
CA VAL A 81 3.82 -3.07 0.23
C VAL A 81 4.46 -4.44 0.44
N PHE A 82 5.79 -4.46 0.48
CA PHE A 82 6.53 -5.70 0.66
C PHE A 82 7.52 -5.56 1.81
N ALA A 83 7.87 -6.68 2.44
CA ALA A 83 8.80 -6.68 3.56
C ALA A 83 10.20 -7.12 3.10
N ILE A 84 11.21 -6.40 3.55
CA ILE A 84 12.59 -6.70 3.18
C ILE A 84 13.04 -8.03 3.80
N ASN A 85 12.54 -8.32 4.99
CA ASN A 85 12.89 -9.56 5.68
C ASN A 85 12.06 -10.73 5.19
N ASN A 86 10.91 -10.43 4.57
CA ASN A 86 10.02 -11.47 4.06
C ASN A 86 9.92 -11.39 2.53
N THR A 87 10.78 -12.15 1.85
CA THR A 87 10.78 -12.17 0.39
C THR A 87 9.43 -12.64 -0.14
N LYS A 88 8.70 -13.38 0.68
CA LYS A 88 7.38 -13.88 0.28
C LYS A 88 6.49 -12.75 -0.21
N SER A 89 6.69 -11.56 0.35
CA SER A 89 5.92 -10.39 -0.04
C SER A 89 6.32 -9.93 -1.44
N PHE A 90 7.59 -10.10 -1.78
CA PHE A 90 8.08 -9.70 -3.09
C PHE A 90 7.33 -10.45 -4.19
N GLU A 91 7.03 -11.71 -3.92
CA GLU A 91 6.30 -12.55 -4.88
C GLU A 91 4.85 -12.13 -4.96
N ASP A 92 4.34 -11.56 -3.87
CA ASP A 92 2.96 -11.11 -3.81
C ASP A 92 2.69 -9.93 -4.72
N ILE A 93 3.67 -9.04 -4.85
CA ILE A 93 3.53 -7.84 -5.68
C ILE A 93 3.15 -8.18 -7.12
N HIS A 94 3.79 -9.20 -7.70
CA HIS A 94 3.48 -9.57 -9.09
C HIS A 94 2.14 -10.28 -9.19
N GLN A 95 1.92 -11.27 -8.32
CA GLN A 95 0.67 -12.03 -8.33
C GLN A 95 -0.51 -11.14 -7.95
N TYR A 96 -0.27 -10.19 -7.05
CA TYR A 96 -1.34 -9.29 -6.60
C TYR A 96 -1.65 -8.26 -7.69
N ARG A 97 -0.61 -7.77 -8.35
CA ARG A 97 -0.77 -6.76 -9.40
C ARG A 97 -1.63 -7.27 -10.55
N GLU A 98 -1.40 -8.52 -10.96
CA GLU A 98 -2.15 -9.10 -12.06
C GLU A 98 -3.64 -9.13 -11.76
N GLN A 99 -3.98 -9.29 -10.49
CA GLN A 99 -5.38 -9.32 -10.06
C GLN A 99 -5.99 -7.93 -10.13
N ILE A 100 -5.14 -6.91 -9.97
CA ILE A 100 -5.60 -5.52 -10.02
C ILE A 100 -6.23 -5.18 -11.37
N LYS A 101 -5.50 -5.49 -12.44
CA LYS A 101 -5.97 -5.22 -13.79
C LYS A 101 -7.30 -5.94 -14.05
N ARG A 102 -7.47 -7.10 -13.44
CA ARG A 102 -8.68 -7.89 -13.61
C ARG A 102 -9.90 -7.17 -13.03
N VAL A 103 -9.78 -6.75 -11.77
CA VAL A 103 -10.87 -6.07 -11.09
C VAL A 103 -11.04 -4.64 -11.61
N LYS A 104 -9.94 -3.90 -11.67
CA LYS A 104 -9.98 -2.53 -12.14
C LYS A 104 -10.23 -2.46 -13.65
N ASP A 105 -9.98 -3.58 -14.33
CA ASP A 105 -10.18 -3.66 -15.78
C ASP A 105 -9.65 -2.42 -16.48
N SER A 106 -8.33 -2.22 -16.42
CA SER A 106 -7.70 -1.07 -17.04
C SER A 106 -6.38 -1.45 -17.71
N ASP A 107 -5.28 -1.29 -16.99
CA ASP A 107 -3.94 -1.60 -17.50
C ASP A 107 -2.90 -0.84 -16.69
N ASP A 108 -2.93 0.48 -16.81
CA ASP A 108 -2.01 1.34 -16.08
C ASP A 108 -2.80 2.17 -15.07
N VAL A 109 -2.89 1.68 -13.85
CA VAL A 109 -3.64 2.36 -12.80
C VAL A 109 -2.71 2.80 -11.66
N PRO A 110 -3.12 3.83 -10.90
CA PRO A 110 -2.33 4.35 -9.78
C PRO A 110 -1.84 3.25 -8.85
N MET A 111 -0.51 3.16 -8.70
CA MET A 111 0.10 2.16 -7.84
C MET A 111 1.47 2.62 -7.36
N VAL A 112 1.85 2.20 -6.16
CA VAL A 112 3.13 2.57 -5.58
C VAL A 112 3.68 1.46 -4.70
N LEU A 113 4.91 1.04 -4.98
CA LEU A 113 5.55 -0.03 -4.20
C LEU A 113 6.28 0.55 -3.00
N VAL A 114 6.04 -0.04 -1.83
CA VAL A 114 6.67 0.43 -0.60
C VAL A 114 7.34 -0.73 0.16
N GLY A 115 8.60 -0.53 0.52
CA GLY A 115 9.33 -1.56 1.25
C GLY A 115 9.20 -1.39 2.75
N ASN A 116 8.27 -2.12 3.35
CA ASN A 116 8.04 -2.05 4.78
C ASN A 116 9.15 -2.76 5.57
N LYS A 117 9.27 -2.42 6.84
CA LYS A 117 10.28 -3.03 7.70
C LYS A 117 11.67 -2.86 7.12
N CYS A 118 11.91 -1.72 6.48
CA CYS A 118 13.21 -1.44 5.88
C CYS A 118 14.12 -0.67 6.82
N ASP A 119 13.84 -0.75 8.12
CA ASP A 119 14.64 -0.06 9.12
C ASP A 119 15.49 -1.05 9.91
N LEU A 120 14.90 -2.19 10.24
CA LEU A 120 15.61 -3.22 10.99
C LEU A 120 16.89 -3.64 10.28
N ALA A 121 17.60 -4.61 10.85
CA ALA A 121 18.85 -5.10 10.27
C ALA A 121 18.71 -6.52 9.77
N ALA A 122 17.61 -6.78 9.05
CA ALA A 122 17.36 -8.11 8.51
C ALA A 122 16.63 -8.03 7.17
N ARG A 123 17.38 -7.68 6.13
CA ARG A 123 16.80 -7.55 4.79
C ARG A 123 17.26 -8.69 3.88
N THR A 124 16.30 -9.50 3.43
CA THR A 124 16.60 -10.62 2.55
C THR A 124 16.52 -10.19 1.09
N VAL A 125 15.62 -9.24 0.81
CA VAL A 125 15.45 -8.73 -0.54
C VAL A 125 16.00 -7.32 -0.65
N GLU A 126 17.18 -7.19 -1.27
CA GLU A 126 17.82 -5.89 -1.43
C GLU A 126 16.90 -4.91 -2.15
N SER A 127 17.03 -3.63 -1.82
CA SER A 127 16.20 -2.59 -2.43
C SER A 127 16.30 -2.64 -3.96
N ARG A 128 17.43 -3.15 -4.46
CA ARG A 128 17.65 -3.25 -5.89
C ARG A 128 16.59 -4.12 -6.54
N GLN A 129 16.19 -5.19 -5.84
CA GLN A 129 15.18 -6.10 -6.35
C GLN A 129 13.80 -5.45 -6.34
N ALA A 130 13.46 -4.81 -5.22
CA ALA A 130 12.17 -4.14 -5.09
C ALA A 130 12.06 -2.98 -6.08
N GLN A 131 13.13 -2.20 -6.18
CA GLN A 131 13.15 -1.06 -7.10
C GLN A 131 12.92 -1.52 -8.54
N ASP A 132 13.60 -2.60 -8.91
CA ASP A 132 13.48 -3.14 -10.26
C ASP A 132 12.07 -3.68 -10.49
N LEU A 133 11.42 -4.13 -9.42
CA LEU A 133 10.08 -4.67 -9.51
C LEU A 133 9.06 -3.58 -9.87
N ALA A 134 9.17 -2.43 -9.22
CA ALA A 134 8.27 -1.31 -9.47
C ALA A 134 8.42 -0.75 -10.88
N ARG A 135 9.67 -0.52 -11.29
CA ARG A 135 9.95 0.01 -12.62
C ARG A 135 9.40 -0.90 -13.71
N SER A 136 9.35 -2.19 -13.42
CA SER A 136 8.84 -3.17 -14.38
C SER A 136 7.35 -2.96 -14.63
N TYR A 137 6.70 -2.24 -13.72
CA TYR A 137 5.28 -1.97 -13.83
C TYR A 137 5.02 -0.51 -14.19
N GLY A 138 5.97 0.36 -13.83
CA GLY A 138 5.81 1.77 -14.13
C GLY A 138 5.27 2.56 -12.95
N ILE A 139 5.73 2.20 -11.75
CA ILE A 139 5.29 2.89 -10.54
C ILE A 139 6.47 3.24 -9.64
N PRO A 140 6.34 4.33 -8.86
CA PRO A 140 7.41 4.78 -7.96
C PRO A 140 7.62 3.84 -6.78
N TYR A 141 8.84 3.86 -6.23
CA TYR A 141 9.17 3.01 -5.09
C TYR A 141 9.66 3.85 -3.92
N ILE A 142 9.19 3.52 -2.72
CA ILE A 142 9.58 4.25 -1.51
C ILE A 142 9.77 3.32 -0.33
N GLU A 143 10.96 3.36 0.26
CA GLU A 143 11.26 2.52 1.42
C GLU A 143 10.69 3.14 2.70
N THR A 144 9.90 2.36 3.43
CA THR A 144 9.30 2.85 4.66
C THR A 144 9.31 1.77 5.75
N SER A 145 9.08 2.20 6.99
CA SER A 145 9.06 1.28 8.12
C SER A 145 7.92 1.62 9.07
N ALA A 146 6.94 0.72 9.15
CA ALA A 146 5.78 0.93 10.02
C ALA A 146 6.18 0.93 11.49
N LYS A 147 7.37 0.42 11.79
CA LYS A 147 7.85 0.37 13.18
C LYS A 147 8.61 1.64 13.54
N THR A 148 9.09 2.37 12.54
CA THR A 148 9.84 3.60 12.77
C THR A 148 9.09 4.82 12.26
N ARG A 149 8.02 4.60 11.50
CA ARG A 149 7.23 5.70 10.96
C ARG A 149 8.06 6.56 10.01
N GLN A 150 8.82 5.89 9.14
CA GLN A 150 9.67 6.59 8.18
C GLN A 150 9.17 6.39 6.76
N GLY A 151 8.98 7.49 6.04
CA GLY A 151 8.51 7.43 4.67
C GLY A 151 7.08 6.94 4.55
N VAL A 152 6.39 6.86 5.69
CA VAL A 152 5.00 6.41 5.69
C VAL A 152 4.12 7.30 4.82
N GLU A 153 4.14 8.60 5.11
CA GLU A 153 3.36 9.56 4.35
C GLU A 153 3.86 9.68 2.92
N ASP A 154 5.17 9.54 2.74
CA ASP A 154 5.78 9.63 1.42
C ASP A 154 5.19 8.59 0.47
N ALA A 155 5.12 7.35 0.95
CA ALA A 155 4.58 6.25 0.16
C ALA A 155 3.11 6.48 -0.18
N PHE A 156 2.31 6.81 0.82
CA PHE A 156 0.89 7.05 0.63
C PHE A 156 0.65 8.29 -0.22
N TYR A 157 1.33 9.39 0.13
CA TYR A 157 1.18 10.64 -0.60
C TYR A 157 1.49 10.44 -2.08
N THR A 158 2.44 9.56 -2.38
CA THR A 158 2.81 9.28 -3.77
C THR A 158 1.68 8.59 -4.51
N LEU A 159 0.96 7.72 -3.81
CA LEU A 159 -0.16 6.99 -4.40
C LEU A 159 -1.25 7.95 -4.89
N VAL A 160 -1.58 8.94 -4.07
CA VAL A 160 -2.61 9.92 -4.44
C VAL A 160 -2.27 10.63 -5.75
N ARG A 161 -1.00 10.99 -5.91
CA ARG A 161 -0.54 11.67 -7.11
C ARG A 161 -0.98 10.93 -8.37
N GLU A 162 -0.85 9.61 -8.36
CA GLU A 162 -1.23 8.79 -9.49
C GLU A 162 -2.75 8.79 -9.69
N ILE A 163 -3.49 8.73 -8.59
CA ILE A 163 -4.95 8.72 -8.65
C ILE A 163 -5.47 10.04 -9.20
N ARG A 164 -4.84 11.15 -8.82
CA ARG A 164 -5.24 12.46 -9.30
C ARG A 164 -5.22 12.53 -10.81
N GLN A 165 -4.32 11.76 -11.42
CA GLN A 165 -4.19 11.73 -12.87
C GLN A 165 -4.75 10.42 -13.44
N HIS A 166 -5.74 9.87 -12.76
CA HIS A 166 -6.36 8.62 -13.20
C HIS A 166 -7.70 8.89 -13.88
N MET A 1 -12.94 18.18 0.67
CA MET A 1 -11.98 18.06 -0.45
C MET A 1 -12.27 16.81 -1.28
N THR A 2 -11.39 16.53 -2.24
CA THR A 2 -11.55 15.36 -3.10
C THR A 2 -11.30 14.07 -2.32
N GLU A 3 -12.14 13.07 -2.57
CA GLU A 3 -12.01 11.79 -1.90
C GLU A 3 -11.22 10.80 -2.74
N TYR A 4 -10.31 10.07 -2.11
CA TYR A 4 -9.48 9.09 -2.80
C TYR A 4 -9.37 7.80 -2.01
N LYS A 5 -9.96 6.73 -2.53
CA LYS A 5 -9.93 5.44 -1.86
C LYS A 5 -8.71 4.63 -2.32
N LEU A 6 -7.69 4.57 -1.49
CA LEU A 6 -6.46 3.84 -1.80
C LEU A 6 -6.46 2.46 -1.14
N VAL A 7 -6.43 1.42 -1.98
CA VAL A 7 -6.43 0.05 -1.48
C VAL A 7 -4.99 -0.46 -1.34
N VAL A 8 -4.57 -0.68 -0.09
CA VAL A 8 -3.23 -1.16 0.19
C VAL A 8 -3.14 -2.68 0.04
N VAL A 9 -2.18 -3.13 -0.77
CA VAL A 9 -2.00 -4.56 -1.00
C VAL A 9 -0.64 -5.02 -0.49
N GLY A 10 -0.60 -6.24 0.06
CA GLY A 10 0.64 -6.78 0.58
C GLY A 10 0.51 -8.22 1.02
N ALA A 11 1.64 -8.89 1.21
CA ALA A 11 1.65 -10.28 1.64
C ALA A 11 1.67 -10.38 3.16
N GLY A 12 1.97 -11.58 3.67
CA GLY A 12 2.03 -11.79 5.09
C GLY A 12 3.36 -11.37 5.69
N GLY A 13 3.35 -11.04 6.97
CA GLY A 13 4.58 -10.63 7.63
C GLY A 13 5.16 -9.35 7.06
N VAL A 14 4.28 -8.46 6.61
CA VAL A 14 4.71 -7.19 6.02
C VAL A 14 4.20 -6.01 6.84
N GLY A 15 2.93 -6.07 7.22
CA GLY A 15 2.33 -5.00 8.00
C GLY A 15 1.72 -3.91 7.13
N LYS A 16 0.85 -4.31 6.20
CA LYS A 16 0.21 -3.35 5.31
C LYS A 16 -0.69 -2.41 6.11
N SER A 17 -1.39 -2.95 7.09
CA SER A 17 -2.28 -2.17 7.94
C SER A 17 -1.47 -1.25 8.84
N ALA A 18 -0.27 -1.70 9.22
CA ALA A 18 0.61 -0.92 10.09
C ALA A 18 0.87 0.47 9.51
N LEU A 19 1.28 0.50 8.24
CA LEU A 19 1.56 1.76 7.57
C LEU A 19 0.32 2.65 7.57
N THR A 20 -0.85 2.05 7.38
CA THR A 20 -2.11 2.78 7.37
C THR A 20 -2.31 3.54 8.68
N ILE A 21 -2.25 2.82 9.80
CA ILE A 21 -2.42 3.43 11.11
C ILE A 21 -1.41 4.54 11.32
N GLN A 22 -0.21 4.36 10.76
CA GLN A 22 0.86 5.34 10.90
C GLN A 22 0.48 6.65 10.21
N LEU A 23 0.00 6.55 8.98
CA LEU A 23 -0.39 7.72 8.21
C LEU A 23 -1.66 8.37 8.78
N ILE A 24 -2.60 7.53 9.20
CA ILE A 24 -3.86 8.03 9.73
C ILE A 24 -3.79 8.42 11.21
N GLN A 25 -3.25 7.55 12.06
CA GLN A 25 -3.17 7.83 13.49
C GLN A 25 -1.73 7.87 14.00
N ASN A 26 -0.76 7.99 13.10
CA ASN A 26 0.65 8.04 13.50
C ASN A 26 0.96 7.03 14.59
N HIS A 27 0.27 5.90 14.57
CA HIS A 27 0.46 4.86 15.56
C HIS A 27 0.66 3.50 14.88
N PHE A 28 1.31 2.59 15.59
CA PHE A 28 1.57 1.25 15.06
C PHE A 28 0.37 0.33 15.32
N VAL A 29 -0.10 -0.33 14.26
CA VAL A 29 -1.23 -1.24 14.37
C VAL A 29 -0.94 -2.37 15.36
N ASP A 30 -1.68 -3.47 15.26
CA ASP A 30 -1.50 -4.63 16.16
C ASP A 30 -2.25 -4.42 17.47
N GLU A 31 -2.91 -3.27 17.61
CA GLU A 31 -3.66 -2.96 18.82
C GLU A 31 -5.15 -2.84 18.52
N TYR A 32 -5.47 -2.38 17.31
CA TYR A 32 -6.85 -2.21 16.90
C TYR A 32 -7.44 -3.53 16.41
N ASP A 33 -8.77 -3.61 16.34
CA ASP A 33 -9.44 -4.81 15.89
C ASP A 33 -9.41 -4.90 14.36
N PRO A 34 -9.12 -6.09 13.81
CA PRO A 34 -9.06 -6.29 12.35
C PRO A 34 -10.45 -6.24 11.71
N SER A 35 -10.51 -5.67 10.51
CA SER A 35 -11.77 -5.54 9.78
C SER A 35 -12.79 -4.75 10.58
N ILE A 36 -12.30 -3.84 11.43
CA ILE A 36 -13.17 -3.02 12.26
C ILE A 36 -13.80 -1.89 11.44
N GLU A 37 -12.97 -1.19 10.68
CA GLU A 37 -13.45 -0.08 9.85
C GLU A 37 -13.41 -0.46 8.37
N ASP A 38 -12.30 -1.05 7.95
CA ASP A 38 -12.10 -1.46 6.55
C ASP A 38 -11.59 -0.30 5.70
N SER A 39 -11.85 0.94 6.14
CA SER A 39 -11.41 2.12 5.40
C SER A 39 -11.02 3.24 6.36
N TYR A 40 -9.91 3.90 6.06
CA TYR A 40 -9.43 4.99 6.90
C TYR A 40 -9.59 6.33 6.19
N ARG A 41 -9.52 7.41 6.96
CA ARG A 41 -9.65 8.75 6.40
C ARG A 41 -8.48 9.65 6.82
N LYS A 42 -8.08 10.54 5.93
CA LYS A 42 -6.98 11.45 6.20
C LYS A 42 -7.01 12.65 5.26
N GLN A 43 -6.60 13.81 5.77
CA GLN A 43 -6.58 15.04 4.99
C GLN A 43 -5.17 15.61 4.92
N VAL A 44 -4.63 15.70 3.70
CA VAL A 44 -3.28 16.22 3.51
C VAL A 44 -3.17 16.98 2.19
N VAL A 45 -2.07 17.73 2.04
CA VAL A 45 -1.83 18.50 0.83
C VAL A 45 -0.77 17.85 -0.04
N ILE A 46 -1.17 17.37 -1.21
CA ILE A 46 -0.24 16.72 -2.13
C ILE A 46 -0.26 17.40 -3.50
N ASP A 47 0.92 17.76 -3.98
CA ASP A 47 1.05 18.43 -5.28
C ASP A 47 0.50 19.85 -5.23
N GLY A 48 0.35 20.39 -4.02
CA GLY A 48 -0.17 21.73 -3.86
C GLY A 48 -1.68 21.80 -3.86
N GLU A 49 -2.32 20.65 -3.66
CA GLU A 49 -3.77 20.58 -3.63
C GLU A 49 -4.26 19.75 -2.44
N THR A 50 -5.10 20.35 -1.61
CA THR A 50 -5.63 19.67 -0.44
C THR A 50 -6.65 18.62 -0.85
N CYS A 51 -6.27 17.36 -0.75
CA CYS A 51 -7.16 16.25 -1.10
C CYS A 51 -7.35 15.32 0.09
N LEU A 52 -8.31 14.40 -0.05
CA LEU A 52 -8.59 13.44 1.02
C LEU A 52 -7.86 12.12 0.75
N LEU A 53 -6.99 11.73 1.67
CA LEU A 53 -6.23 10.49 1.54
C LEU A 53 -6.87 9.36 2.34
N ASP A 54 -7.90 8.74 1.77
CA ASP A 54 -8.58 7.64 2.44
C ASP A 54 -7.78 6.35 2.27
N ILE A 55 -7.16 5.89 3.35
CA ILE A 55 -6.35 4.67 3.29
C ILE A 55 -7.20 3.44 3.57
N LEU A 56 -7.17 2.51 2.64
CA LEU A 56 -7.93 1.27 2.76
C LEU A 56 -7.01 0.07 2.98
N ASP A 57 -7.15 -0.56 4.15
CA ASP A 57 -6.33 -1.72 4.48
C ASP A 57 -6.98 -3.01 3.98
N THR A 58 -6.17 -4.04 3.79
CA THR A 58 -6.66 -5.33 3.30
C THR A 58 -5.94 -6.49 3.97
N ALA A 59 -6.39 -7.70 3.67
CA ALA A 59 -5.79 -8.91 4.25
C ALA A 59 -4.48 -9.25 3.55
N GLY A 60 -3.58 -9.89 4.29
CA GLY A 60 -2.29 -10.27 3.73
C GLY A 60 -1.97 -11.75 3.94
N GLN A 61 -2.19 -12.22 5.16
CA GLN A 61 -1.92 -13.62 5.49
C GLN A 61 -3.19 -14.33 5.94
N GLU A 62 -4.31 -13.95 5.33
CA GLU A 62 -5.60 -14.56 5.67
C GLU A 62 -6.20 -15.30 4.48
N GLU A 63 -5.63 -15.10 3.30
CA GLU A 63 -6.12 -15.74 2.09
C GLU A 63 -7.56 -15.33 1.81
N TYR A 64 -7.74 -14.40 0.87
CA TYR A 64 -9.06 -13.91 0.51
C TYR A 64 -9.11 -13.51 -0.96
N SER A 65 -10.17 -13.91 -1.64
CA SER A 65 -10.34 -13.60 -3.05
C SER A 65 -11.68 -12.92 -3.31
N ALA A 66 -12.72 -13.40 -2.65
CA ALA A 66 -14.06 -12.84 -2.81
C ALA A 66 -14.09 -11.37 -2.39
N MET A 67 -13.64 -11.10 -1.17
CA MET A 67 -13.62 -9.73 -0.65
C MET A 67 -12.49 -8.91 -1.28
N ARG A 68 -11.41 -9.59 -1.64
CA ARG A 68 -10.26 -8.92 -2.24
C ARG A 68 -10.68 -8.08 -3.43
N ASP A 69 -11.45 -8.69 -4.34
CA ASP A 69 -11.92 -8.00 -5.54
C ASP A 69 -12.79 -6.81 -5.17
N GLN A 70 -13.54 -6.94 -4.07
CA GLN A 70 -14.42 -5.86 -3.61
C GLN A 70 -13.62 -4.61 -3.27
N TYR A 71 -12.53 -4.79 -2.53
CA TYR A 71 -11.68 -3.67 -2.14
C TYR A 71 -11.15 -2.94 -3.37
N MET A 72 -10.66 -3.71 -4.34
CA MET A 72 -10.11 -3.15 -5.56
C MET A 72 -11.18 -2.46 -6.40
N ARG A 73 -12.33 -3.10 -6.52
CA ARG A 73 -13.44 -2.57 -7.31
C ARG A 73 -13.86 -1.19 -6.79
N THR A 74 -13.96 -1.05 -5.48
CA THR A 74 -14.37 0.21 -4.87
C THR A 74 -13.18 1.16 -4.69
N GLY A 75 -11.98 0.61 -4.70
CA GLY A 75 -10.79 1.42 -4.53
C GLY A 75 -10.29 2.01 -5.83
N GLU A 76 -9.64 3.17 -5.75
CA GLU A 76 -9.12 3.84 -6.93
C GLU A 76 -7.70 3.38 -7.23
N GLY A 77 -6.77 3.75 -6.36
CA GLY A 77 -5.38 3.37 -6.55
C GLY A 77 -5.02 2.13 -5.76
N PHE A 78 -3.79 1.66 -5.90
CA PHE A 78 -3.34 0.47 -5.19
C PHE A 78 -1.88 0.60 -4.78
N LEU A 79 -1.64 0.55 -3.48
CA LEU A 79 -0.28 0.66 -2.94
C LEU A 79 0.32 -0.72 -2.72
N CYS A 80 1.50 -0.95 -3.28
CA CYS A 80 2.19 -2.23 -3.13
C CYS A 80 3.18 -2.18 -1.97
N VAL A 81 2.95 -3.01 -0.96
CA VAL A 81 3.82 -3.05 0.20
C VAL A 81 4.33 -4.47 0.46
N PHE A 82 5.64 -4.58 0.71
CA PHE A 82 6.25 -5.87 1.00
C PHE A 82 7.26 -5.77 2.13
N ALA A 83 7.76 -6.91 2.58
CA ALA A 83 8.73 -6.95 3.66
C ALA A 83 10.13 -7.27 3.14
N ILE A 84 11.13 -6.61 3.71
CA ILE A 84 12.51 -6.82 3.31
C ILE A 84 13.04 -8.15 3.83
N ASN A 85 12.55 -8.56 4.99
CA ASN A 85 12.98 -9.81 5.60
C ASN A 85 12.16 -10.99 5.07
N ASN A 86 10.96 -10.70 4.58
CA ASN A 86 10.08 -11.73 4.05
C ASN A 86 10.05 -11.68 2.52
N THR A 87 10.95 -12.42 1.89
CA THR A 87 11.02 -12.47 0.43
C THR A 87 9.70 -12.94 -0.16
N LYS A 88 8.98 -13.77 0.59
CA LYS A 88 7.69 -14.30 0.13
C LYS A 88 6.77 -13.16 -0.30
N SER A 89 6.94 -11.99 0.32
CA SER A 89 6.12 -10.84 -0.02
C SER A 89 6.48 -10.29 -1.40
N PHE A 90 7.74 -10.46 -1.79
CA PHE A 90 8.21 -9.98 -3.08
C PHE A 90 7.42 -10.64 -4.21
N GLU A 91 7.18 -11.94 -4.06
CA GLU A 91 6.44 -12.70 -5.06
C GLU A 91 4.96 -12.32 -5.05
N ASP A 92 4.49 -11.83 -3.90
CA ASP A 92 3.10 -11.43 -3.74
C ASP A 92 2.76 -10.18 -4.55
N ILE A 93 3.71 -9.25 -4.64
CA ILE A 93 3.47 -8.01 -5.37
C ILE A 93 3.05 -8.25 -6.82
N HIS A 94 3.62 -9.26 -7.47
CA HIS A 94 3.27 -9.54 -8.86
C HIS A 94 1.89 -10.18 -8.96
N GLN A 95 1.64 -11.20 -8.15
CA GLN A 95 0.35 -11.88 -8.16
C GLN A 95 -0.75 -10.96 -7.68
N TYR A 96 -0.44 -10.12 -6.72
CA TYR A 96 -1.41 -9.17 -6.17
C TYR A 96 -1.88 -8.21 -7.26
N ARG A 97 -0.93 -7.69 -8.02
CA ARG A 97 -1.24 -6.75 -9.11
C ARG A 97 -2.23 -7.36 -10.09
N GLU A 98 -2.08 -8.65 -10.35
CA GLU A 98 -2.95 -9.35 -11.30
C GLU A 98 -4.42 -9.23 -10.86
N GLN A 99 -4.65 -9.20 -9.55
CA GLN A 99 -5.99 -9.09 -9.02
C GLN A 99 -6.56 -7.70 -9.30
N ILE A 100 -5.70 -6.69 -9.23
CA ILE A 100 -6.10 -5.32 -9.48
C ILE A 100 -6.45 -5.09 -10.94
N LYS A 101 -5.62 -5.62 -11.84
CA LYS A 101 -5.84 -5.46 -13.27
C LYS A 101 -7.10 -6.20 -13.72
N ARG A 102 -7.40 -7.31 -13.05
CA ARG A 102 -8.57 -8.11 -13.37
C ARG A 102 -9.85 -7.37 -13.03
N VAL A 103 -9.92 -6.86 -11.81
CA VAL A 103 -11.11 -6.14 -11.34
C VAL A 103 -11.18 -4.74 -11.94
N LYS A 104 -10.03 -4.12 -12.15
CA LYS A 104 -9.98 -2.77 -12.71
C LYS A 104 -9.93 -2.81 -14.24
N ASP A 105 -9.54 -3.96 -14.81
CA ASP A 105 -9.45 -4.11 -16.26
C ASP A 105 -8.93 -2.84 -16.93
N SER A 106 -7.85 -2.28 -16.38
CA SER A 106 -7.28 -1.06 -16.93
C SER A 106 -5.86 -1.28 -17.44
N ASP A 107 -5.21 -2.34 -16.98
CA ASP A 107 -3.84 -2.65 -17.39
C ASP A 107 -2.84 -1.72 -16.71
N ASP A 108 -3.01 -0.41 -16.92
CA ASP A 108 -2.13 0.58 -16.33
C ASP A 108 -2.90 1.45 -15.34
N VAL A 109 -2.86 1.08 -14.06
CA VAL A 109 -3.55 1.83 -13.02
C VAL A 109 -2.57 2.43 -12.02
N PRO A 110 -2.99 3.51 -11.33
CA PRO A 110 -2.15 4.19 -10.34
C PRO A 110 -1.74 3.27 -9.18
N MET A 111 -0.43 3.16 -8.96
CA MET A 111 0.10 2.31 -7.89
C MET A 111 1.46 2.80 -7.42
N VAL A 112 1.84 2.39 -6.21
CA VAL A 112 3.14 2.77 -5.65
C VAL A 112 3.69 1.65 -4.77
N LEU A 113 4.96 1.34 -4.95
CA LEU A 113 5.62 0.29 -4.17
C LEU A 113 6.35 0.86 -2.97
N VAL A 114 6.11 0.26 -1.81
CA VAL A 114 6.75 0.70 -0.57
C VAL A 114 7.37 -0.48 0.17
N GLY A 115 8.61 -0.29 0.63
CA GLY A 115 9.30 -1.35 1.36
C GLY A 115 9.11 -1.25 2.85
N ASN A 116 8.15 -2.01 3.36
CA ASN A 116 7.86 -2.01 4.79
C ASN A 116 8.90 -2.81 5.58
N LYS A 117 9.01 -2.52 6.87
CA LYS A 117 9.96 -3.20 7.74
C LYS A 117 11.39 -3.03 7.24
N CYS A 118 11.64 -1.92 6.53
CA CYS A 118 12.97 -1.65 6.00
C CYS A 118 13.92 -1.21 7.11
N ASP A 119 13.37 -0.65 8.18
CA ASP A 119 14.17 -0.19 9.30
C ASP A 119 14.34 -1.28 10.36
N LEU A 120 13.96 -2.52 10.00
CA LEU A 120 14.07 -3.63 10.93
C LEU A 120 15.54 -3.98 11.19
N ALA A 121 16.14 -4.78 10.30
CA ALA A 121 17.53 -5.19 10.45
C ALA A 121 17.88 -6.30 9.47
N ALA A 122 16.95 -7.23 9.28
CA ALA A 122 17.16 -8.35 8.38
C ALA A 122 16.49 -8.10 7.03
N ARG A 123 17.25 -7.58 6.07
CA ARG A 123 16.73 -7.29 4.75
C ARG A 123 17.17 -8.35 3.74
N THR A 124 16.36 -9.38 3.58
CA THR A 124 16.66 -10.46 2.64
C THR A 124 16.62 -9.94 1.22
N VAL A 125 15.59 -9.16 0.90
CA VAL A 125 15.44 -8.60 -0.44
C VAL A 125 16.10 -7.23 -0.52
N GLU A 126 17.14 -7.14 -1.34
CA GLU A 126 17.87 -5.88 -1.51
C GLU A 126 17.04 -4.87 -2.28
N SER A 127 17.42 -3.60 -2.18
CA SER A 127 16.71 -2.53 -2.87
C SER A 127 16.65 -2.80 -4.37
N ARG A 128 17.68 -3.44 -4.89
CA ARG A 128 17.75 -3.76 -6.32
C ARG A 128 16.58 -4.65 -6.71
N GLN A 129 16.19 -5.55 -5.82
CA GLN A 129 15.08 -6.46 -6.08
C GLN A 129 13.75 -5.73 -6.04
N ALA A 130 13.55 -4.92 -5.01
CA ALA A 130 12.31 -4.16 -4.85
C ALA A 130 12.21 -3.04 -5.87
N GLN A 131 13.36 -2.49 -6.26
CA GLN A 131 13.38 -1.40 -7.23
C GLN A 131 12.91 -1.86 -8.60
N ASP A 132 13.53 -2.92 -9.11
CA ASP A 132 13.17 -3.47 -10.41
C ASP A 132 11.70 -3.88 -10.45
N LEU A 133 11.17 -4.29 -9.30
CA LEU A 133 9.78 -4.70 -9.20
C LEU A 133 8.85 -3.55 -9.54
N ALA A 134 9.14 -2.37 -9.00
CA ALA A 134 8.32 -1.20 -9.24
C ALA A 134 8.50 -0.70 -10.67
N ARG A 135 9.74 -0.72 -11.15
CA ARG A 135 10.04 -0.28 -12.50
C ARG A 135 9.32 -1.13 -13.53
N SER A 136 9.24 -2.43 -13.27
CA SER A 136 8.57 -3.36 -14.16
C SER A 136 7.12 -2.99 -14.36
N TYR A 137 6.55 -2.30 -13.37
CA TYR A 137 5.15 -1.87 -13.44
C TYR A 137 5.05 -0.40 -13.82
N GLY A 138 6.12 0.34 -13.59
CA GLY A 138 6.12 1.76 -13.92
C GLY A 138 5.59 2.61 -12.79
N ILE A 139 5.96 2.25 -11.56
CA ILE A 139 5.52 2.99 -10.38
C ILE A 139 6.70 3.36 -9.49
N PRO A 140 6.57 4.46 -8.72
CA PRO A 140 7.63 4.92 -7.83
C PRO A 140 7.85 3.98 -6.65
N TYR A 141 9.06 4.01 -6.09
CA TYR A 141 9.40 3.15 -4.96
C TYR A 141 9.88 4.00 -3.78
N ILE A 142 9.38 3.67 -2.58
CA ILE A 142 9.77 4.40 -1.38
C ILE A 142 9.91 3.47 -0.18
N GLU A 143 11.08 3.47 0.44
CA GLU A 143 11.34 2.63 1.60
C GLU A 143 10.73 3.24 2.86
N THR A 144 9.90 2.47 3.55
CA THR A 144 9.26 2.96 4.77
C THR A 144 9.25 1.89 5.86
N SER A 145 8.95 2.31 7.09
CA SER A 145 8.90 1.40 8.21
C SER A 145 7.65 1.64 9.06
N ALA A 146 6.81 0.61 9.16
CA ALA A 146 5.57 0.70 9.92
C ALA A 146 5.84 0.75 11.42
N LYS A 147 7.03 0.33 11.83
CA LYS A 147 7.39 0.33 13.25
C LYS A 147 8.05 1.65 13.65
N THR A 148 8.63 2.34 12.68
CA THR A 148 9.31 3.61 12.94
C THR A 148 8.53 4.79 12.33
N ARG A 149 7.55 4.48 11.48
CA ARG A 149 6.76 5.52 10.83
C ARG A 149 7.65 6.44 10.00
N GLN A 150 8.48 5.84 9.15
CA GLN A 150 9.39 6.61 8.31
C GLN A 150 9.00 6.48 6.83
N GLY A 151 8.79 7.63 6.18
CA GLY A 151 8.42 7.63 4.78
C GLY A 151 7.04 7.05 4.53
N VAL A 152 6.27 6.86 5.59
CA VAL A 152 4.92 6.32 5.47
C VAL A 152 4.01 7.29 4.72
N GLU A 153 4.13 8.57 5.07
CA GLU A 153 3.32 9.61 4.44
C GLU A 153 3.69 9.77 2.98
N ASP A 154 4.98 9.75 2.69
CA ASP A 154 5.47 9.88 1.32
C ASP A 154 4.92 8.77 0.44
N ALA A 155 5.03 7.53 0.91
CA ALA A 155 4.54 6.38 0.17
C ALA A 155 3.07 6.54 -0.21
N PHE A 156 2.25 6.90 0.77
CA PHE A 156 0.82 7.09 0.55
C PHE A 156 0.56 8.28 -0.36
N TYR A 157 1.25 9.38 -0.09
CA TYR A 157 1.09 10.60 -0.88
C TYR A 157 1.36 10.33 -2.36
N THR A 158 2.38 9.54 -2.65
CA THR A 158 2.74 9.21 -4.02
C THR A 158 1.59 8.51 -4.73
N LEU A 159 0.87 7.67 -3.99
CA LEU A 159 -0.25 6.94 -4.55
C LEU A 159 -1.35 7.88 -5.02
N VAL A 160 -1.67 8.87 -4.21
CA VAL A 160 -2.70 9.85 -4.55
C VAL A 160 -2.38 10.55 -5.87
N ARG A 161 -1.13 10.98 -6.02
CA ARG A 161 -0.70 11.67 -7.23
C ARG A 161 -1.08 10.87 -8.48
N GLU A 162 -0.94 9.55 -8.39
CA GLU A 162 -1.27 8.67 -9.51
C GLU A 162 -2.78 8.65 -9.75
N ILE A 163 -3.54 8.55 -8.67
CA ILE A 163 -4.99 8.51 -8.76
C ILE A 163 -5.54 9.82 -9.31
N ARG A 164 -4.96 10.93 -8.89
CA ARG A 164 -5.40 12.25 -9.34
C ARG A 164 -5.39 12.33 -10.87
N GLN A 165 -4.55 11.50 -11.49
CA GLN A 165 -4.45 11.48 -12.96
C GLN A 165 -5.54 10.60 -13.55
N HIS A 166 -5.97 9.59 -12.80
CA HIS A 166 -7.00 8.67 -13.25
C HIS A 166 -8.29 9.42 -13.57
N MET A 1 -12.83 18.94 -0.91
CA MET A 1 -11.82 17.89 -0.61
C MET A 1 -12.10 16.62 -1.40
N THR A 2 -11.26 16.35 -2.39
CA THR A 2 -11.41 15.16 -3.23
C THR A 2 -11.17 13.89 -2.40
N GLU A 3 -12.09 12.94 -2.50
CA GLU A 3 -11.97 11.69 -1.76
C GLU A 3 -11.31 10.62 -2.62
N TYR A 4 -10.15 10.14 -2.17
CA TYR A 4 -9.42 9.12 -2.90
C TYR A 4 -9.42 7.79 -2.13
N LYS A 5 -10.03 6.77 -2.72
CA LYS A 5 -10.09 5.46 -2.09
C LYS A 5 -8.86 4.64 -2.44
N LEU A 6 -7.99 4.45 -1.46
CA LEU A 6 -6.75 3.69 -1.66
C LEU A 6 -6.87 2.28 -1.09
N VAL A 7 -6.68 1.27 -1.93
CA VAL A 7 -6.75 -0.11 -1.50
C VAL A 7 -5.34 -0.69 -1.34
N VAL A 8 -4.95 -0.94 -0.10
CA VAL A 8 -3.62 -1.47 0.19
C VAL A 8 -3.59 -2.99 0.07
N VAL A 9 -2.46 -3.51 -0.39
CA VAL A 9 -2.28 -4.95 -0.55
C VAL A 9 -0.99 -5.41 0.13
N GLY A 10 -1.00 -6.65 0.61
CA GLY A 10 0.19 -7.18 1.28
C GLY A 10 0.05 -8.66 1.58
N ALA A 11 1.18 -9.32 1.78
CA ALA A 11 1.19 -10.76 2.07
C ALA A 11 0.71 -11.04 3.49
N GLY A 12 0.96 -10.11 4.40
CA GLY A 12 0.53 -10.26 5.78
C GLY A 12 1.56 -9.74 6.76
N GLY A 13 2.65 -10.49 6.95
CA GLY A 13 3.68 -10.07 7.87
C GLY A 13 4.33 -8.75 7.47
N VAL A 14 4.14 -8.37 6.21
CA VAL A 14 4.72 -7.13 5.69
C VAL A 14 4.41 -5.95 6.61
N GLY A 15 3.16 -5.85 7.03
CA GLY A 15 2.76 -4.76 7.91
C GLY A 15 1.93 -3.71 7.21
N LYS A 16 1.08 -4.15 6.27
CA LYS A 16 0.23 -3.24 5.53
C LYS A 16 -0.66 -2.44 6.46
N SER A 17 -1.09 -3.07 7.55
CA SER A 17 -1.95 -2.43 8.54
C SER A 17 -1.17 -1.40 9.36
N ALA A 18 0.03 -1.78 9.78
CA ALA A 18 0.87 -0.91 10.58
C ALA A 18 1.12 0.43 9.88
N LEU A 19 1.41 0.36 8.59
CA LEU A 19 1.67 1.56 7.81
C LEU A 19 0.43 2.46 7.79
N THR A 20 -0.74 1.86 7.68
CA THR A 20 -1.99 2.61 7.64
C THR A 20 -2.25 3.29 8.98
N ILE A 21 -2.20 2.53 10.06
CA ILE A 21 -2.44 3.07 11.39
C ILE A 21 -1.48 4.22 11.70
N GLN A 22 -0.26 4.13 11.17
CA GLN A 22 0.74 5.17 11.38
C GLN A 22 0.36 6.46 10.66
N LEU A 23 -0.02 6.35 9.40
CA LEU A 23 -0.41 7.52 8.63
C LEU A 23 -1.75 8.08 9.10
N ILE A 24 -2.71 7.18 9.33
CA ILE A 24 -4.05 7.58 9.75
C ILE A 24 -4.16 7.83 11.25
N GLN A 25 -3.69 6.88 12.06
CA GLN A 25 -3.77 7.01 13.51
C GLN A 25 -2.48 7.50 14.15
N ASN A 26 -1.40 7.55 13.38
CA ASN A 26 -0.11 8.01 13.91
C ASN A 26 0.36 7.09 15.03
N HIS A 27 0.05 5.80 14.89
CA HIS A 27 0.45 4.82 15.90
C HIS A 27 0.75 3.47 15.25
N PHE A 28 1.25 2.54 16.05
CA PHE A 28 1.59 1.22 15.56
C PHE A 28 0.44 0.24 15.79
N VAL A 29 0.15 -0.60 14.80
CA VAL A 29 -0.93 -1.57 14.89
C VAL A 29 -0.73 -2.48 16.10
N ASP A 30 -1.48 -3.59 16.15
CA ASP A 30 -1.41 -4.56 17.25
C ASP A 30 -2.35 -4.16 18.38
N GLU A 31 -2.40 -2.88 18.71
CA GLU A 31 -3.28 -2.39 19.76
C GLU A 31 -4.60 -1.87 19.19
N TYR A 32 -4.95 -2.35 17.99
CA TYR A 32 -6.19 -1.94 17.34
C TYR A 32 -7.12 -3.14 17.14
N ASP A 33 -8.39 -2.85 16.88
CA ASP A 33 -9.37 -3.90 16.66
C ASP A 33 -9.23 -4.46 15.26
N PRO A 34 -9.38 -5.79 15.09
CA PRO A 34 -9.25 -6.44 13.78
C PRO A 34 -10.51 -6.28 12.93
N SER A 35 -10.32 -5.86 11.69
CA SER A 35 -11.44 -5.67 10.76
C SER A 35 -12.56 -4.86 11.41
N ILE A 36 -12.25 -3.66 11.87
CA ILE A 36 -13.25 -2.80 12.51
C ILE A 36 -14.12 -2.14 11.45
N GLU A 37 -13.48 -1.41 10.54
CA GLU A 37 -14.20 -0.72 9.47
C GLU A 37 -13.71 -1.17 8.11
N ASP A 38 -12.45 -1.61 8.03
CA ASP A 38 -11.85 -2.08 6.79
C ASP A 38 -11.39 -0.90 5.92
N SER A 39 -11.63 0.32 6.39
CA SER A 39 -11.22 1.51 5.65
C SER A 39 -10.81 2.63 6.60
N TYR A 40 -9.79 3.40 6.21
CA TYR A 40 -9.30 4.50 7.03
C TYR A 40 -9.45 5.83 6.29
N ARG A 41 -9.36 6.92 7.04
CA ARG A 41 -9.49 8.26 6.45
C ARG A 41 -8.35 9.16 6.91
N LYS A 42 -8.02 10.14 6.07
CA LYS A 42 -6.94 11.08 6.37
C LYS A 42 -7.05 12.33 5.50
N GLN A 43 -6.70 13.47 6.08
CA GLN A 43 -6.75 14.74 5.35
C GLN A 43 -5.35 15.32 5.22
N VAL A 44 -4.85 15.37 3.99
CA VAL A 44 -3.51 15.90 3.73
C VAL A 44 -3.46 16.67 2.42
N VAL A 45 -2.48 17.56 2.31
CA VAL A 45 -2.31 18.37 1.11
C VAL A 45 -1.16 17.84 0.26
N ILE A 46 -1.48 17.34 -0.92
CA ILE A 46 -0.47 16.81 -1.82
C ILE A 46 -0.46 17.56 -3.15
N ASP A 47 0.72 18.01 -3.56
CA ASP A 47 0.87 18.75 -4.80
C ASP A 47 0.22 20.13 -4.72
N GLY A 48 0.08 20.63 -3.49
CA GLY A 48 -0.54 21.94 -3.29
C GLY A 48 -2.05 21.90 -3.40
N GLU A 49 -2.63 20.71 -3.27
CA GLU A 49 -4.08 20.55 -3.35
C GLU A 49 -4.59 19.68 -2.22
N THR A 50 -5.37 20.27 -1.32
CA THR A 50 -5.93 19.55 -0.20
C THR A 50 -6.85 18.43 -0.67
N CYS A 51 -6.44 17.19 -0.44
CA CYS A 51 -7.23 16.03 -0.85
C CYS A 51 -7.44 15.06 0.30
N LEU A 52 -8.50 14.28 0.23
CA LEU A 52 -8.83 13.31 1.28
C LEU A 52 -8.19 11.96 0.96
N LEU A 53 -7.27 11.54 1.82
CA LEU A 53 -6.58 10.26 1.64
C LEU A 53 -7.27 9.15 2.42
N ASP A 54 -7.97 8.28 1.70
CA ASP A 54 -8.67 7.17 2.33
C ASP A 54 -7.86 5.88 2.19
N ILE A 55 -7.23 5.46 3.29
CA ILE A 55 -6.41 4.25 3.27
C ILE A 55 -7.25 3.02 3.62
N LEU A 56 -7.40 2.14 2.63
CA LEU A 56 -8.18 0.91 2.82
C LEU A 56 -7.26 -0.26 3.12
N ASP A 57 -7.39 -0.83 4.32
CA ASP A 57 -6.56 -1.96 4.72
C ASP A 57 -7.26 -3.29 4.42
N THR A 58 -6.69 -4.05 3.50
CA THR A 58 -7.24 -5.35 3.11
C THR A 58 -6.56 -6.48 3.87
N ALA A 59 -7.05 -7.70 3.67
CA ALA A 59 -6.49 -8.86 4.33
C ALA A 59 -5.07 -9.13 3.88
N GLY A 60 -4.15 -9.26 4.83
CA GLY A 60 -2.77 -9.51 4.50
C GLY A 60 -2.49 -10.99 4.30
N GLN A 61 -2.57 -11.76 5.39
CA GLN A 61 -2.31 -13.19 5.34
C GLN A 61 -3.63 -13.98 5.33
N GLU A 62 -4.70 -13.35 5.81
CA GLU A 62 -6.01 -14.00 5.86
C GLU A 62 -6.40 -14.57 4.50
N GLU A 63 -5.83 -13.98 3.44
CA GLU A 63 -6.11 -14.43 2.08
C GLU A 63 -7.53 -14.08 1.66
N TYR A 64 -7.70 -12.94 1.00
CA TYR A 64 -9.01 -12.51 0.54
C TYR A 64 -9.12 -12.66 -0.97
N SER A 65 -10.32 -12.96 -1.44
CA SER A 65 -10.56 -13.14 -2.87
C SER A 65 -11.92 -12.58 -3.27
N ALA A 66 -12.97 -13.09 -2.63
CA ALA A 66 -14.33 -12.64 -2.93
C ALA A 66 -14.47 -11.14 -2.67
N MET A 67 -14.11 -10.71 -1.46
CA MET A 67 -14.20 -9.31 -1.09
C MET A 67 -13.10 -8.50 -1.75
N ARG A 68 -11.95 -9.14 -1.97
CA ARG A 68 -10.81 -8.48 -2.58
C ARG A 68 -11.18 -7.73 -3.85
N ASP A 69 -11.83 -8.42 -4.79
CA ASP A 69 -12.24 -7.82 -6.05
C ASP A 69 -13.16 -6.62 -5.81
N GLN A 70 -13.92 -6.66 -4.72
CA GLN A 70 -14.83 -5.57 -4.39
C GLN A 70 -14.07 -4.32 -3.96
N TYR A 71 -13.00 -4.53 -3.20
CA TYR A 71 -12.18 -3.42 -2.72
C TYR A 71 -11.55 -2.68 -3.88
N MET A 72 -10.96 -3.44 -4.79
CA MET A 72 -10.30 -2.88 -5.96
C MET A 72 -11.30 -2.22 -6.90
N ARG A 73 -12.43 -2.89 -7.13
CA ARG A 73 -13.46 -2.35 -8.01
C ARG A 73 -13.94 -0.98 -7.56
N THR A 74 -13.86 -0.72 -6.24
CA THR A 74 -14.30 0.55 -5.69
C THR A 74 -13.09 1.44 -5.34
N GLY A 75 -11.92 0.83 -5.26
CA GLY A 75 -10.72 1.58 -4.93
C GLY A 75 -10.11 2.27 -6.15
N GLU A 76 -9.50 3.43 -5.93
CA GLU A 76 -8.87 4.19 -7.01
C GLU A 76 -7.44 3.72 -7.23
N GLY A 77 -6.57 4.02 -6.27
CA GLY A 77 -5.18 3.62 -6.38
C GLY A 77 -4.79 2.60 -5.34
N PHE A 78 -4.12 1.53 -5.76
CA PHE A 78 -3.71 0.47 -4.85
C PHE A 78 -2.23 0.58 -4.50
N LEU A 79 -1.93 0.49 -3.20
CA LEU A 79 -0.56 0.57 -2.73
C LEU A 79 -0.04 -0.82 -2.36
N CYS A 80 1.07 -1.22 -2.97
CA CYS A 80 1.65 -2.53 -2.72
C CYS A 80 2.76 -2.43 -1.67
N VAL A 81 2.62 -3.20 -0.60
CA VAL A 81 3.61 -3.20 0.48
C VAL A 81 4.29 -4.55 0.59
N PHE A 82 5.62 -4.54 0.66
CA PHE A 82 6.40 -5.76 0.78
C PHE A 82 7.40 -5.66 1.93
N ALA A 83 7.80 -6.81 2.46
CA ALA A 83 8.76 -6.84 3.55
C ALA A 83 10.16 -7.12 3.04
N ILE A 84 11.14 -6.37 3.55
CA ILE A 84 12.53 -6.54 3.13
C ILE A 84 13.14 -7.79 3.76
N ASN A 85 12.68 -8.13 4.95
CA ASN A 85 13.18 -9.30 5.67
C ASN A 85 12.46 -10.57 5.22
N ASN A 86 11.27 -10.40 4.66
CA ASN A 86 10.48 -11.53 4.17
C ASN A 86 10.45 -11.56 2.64
N THR A 87 11.35 -12.33 2.05
CA THR A 87 11.42 -12.43 0.60
C THR A 87 10.11 -12.95 0.01
N LYS A 88 9.42 -13.79 0.79
CA LYS A 88 8.15 -14.35 0.35
C LYS A 88 7.19 -13.25 -0.08
N SER A 89 7.24 -12.13 0.62
CA SER A 89 6.36 -10.99 0.32
C SER A 89 6.60 -10.49 -1.11
N PHE A 90 7.82 -10.66 -1.60
CA PHE A 90 8.17 -10.22 -2.95
C PHE A 90 7.37 -10.97 -4.01
N GLU A 91 7.02 -12.22 -3.69
CA GLU A 91 6.26 -13.06 -4.61
C GLU A 91 4.81 -12.60 -4.74
N ASP A 92 4.19 -12.31 -3.61
CA ASP A 92 2.79 -11.87 -3.58
C ASP A 92 2.55 -10.63 -4.43
N ILE A 93 3.52 -9.72 -4.46
CA ILE A 93 3.39 -8.48 -5.21
C ILE A 93 3.02 -8.71 -6.68
N HIS A 94 3.63 -9.70 -7.33
CA HIS A 94 3.34 -9.98 -8.73
C HIS A 94 1.98 -10.65 -8.89
N GLN A 95 1.72 -11.69 -8.10
CA GLN A 95 0.45 -12.40 -8.18
C GLN A 95 -0.71 -11.49 -7.78
N TYR A 96 -0.47 -10.62 -6.81
CA TYR A 96 -1.49 -9.69 -6.36
C TYR A 96 -1.81 -8.66 -7.43
N ARG A 97 -0.78 -8.22 -8.15
CA ARG A 97 -0.95 -7.23 -9.21
C ARG A 97 -1.75 -7.77 -10.39
N GLU A 98 -1.56 -9.05 -10.71
CA GLU A 98 -2.27 -9.66 -11.83
C GLU A 98 -3.78 -9.61 -11.62
N GLN A 99 -4.21 -9.70 -10.37
CA GLN A 99 -5.63 -9.66 -10.05
C GLN A 99 -6.16 -8.23 -10.19
N ILE A 100 -5.30 -7.26 -9.94
CA ILE A 100 -5.68 -5.85 -10.03
C ILE A 100 -6.17 -5.51 -11.44
N LYS A 101 -5.38 -5.87 -12.45
CA LYS A 101 -5.74 -5.59 -13.84
C LYS A 101 -7.09 -6.21 -14.21
N ARG A 102 -7.39 -7.36 -13.59
CA ARG A 102 -8.65 -8.04 -13.86
C ARG A 102 -9.85 -7.22 -13.44
N VAL A 103 -9.82 -6.74 -12.19
CA VAL A 103 -10.91 -5.93 -11.66
C VAL A 103 -10.85 -4.50 -12.20
N LYS A 104 -9.66 -3.93 -12.22
CA LYS A 104 -9.48 -2.58 -12.72
C LYS A 104 -9.65 -2.52 -14.24
N ASP A 105 -9.54 -3.67 -14.89
CA ASP A 105 -9.69 -3.76 -16.34
C ASP A 105 -8.83 -2.71 -17.05
N SER A 106 -7.59 -2.58 -16.61
CA SER A 106 -6.67 -1.61 -17.21
C SER A 106 -5.25 -2.18 -17.27
N ASP A 107 -4.31 -1.33 -17.67
CA ASP A 107 -2.91 -1.73 -17.77
C ASP A 107 -2.04 -0.85 -16.88
N ASP A 108 -2.25 0.45 -16.98
CA ASP A 108 -1.50 1.41 -16.17
C ASP A 108 -2.43 2.14 -15.21
N VAL A 109 -2.53 1.62 -13.99
CA VAL A 109 -3.40 2.22 -12.98
C VAL A 109 -2.59 2.77 -11.81
N PRO A 110 -3.15 3.74 -11.07
CA PRO A 110 -2.49 4.36 -9.92
C PRO A 110 -2.04 3.34 -8.88
N MET A 111 -0.73 3.20 -8.71
CA MET A 111 -0.17 2.26 -7.75
C MET A 111 1.21 2.71 -7.30
N VAL A 112 1.65 2.23 -6.14
CA VAL A 112 2.95 2.59 -5.61
C VAL A 112 3.57 1.44 -4.80
N LEU A 113 4.81 1.11 -5.12
CA LEU A 113 5.52 0.04 -4.43
C LEU A 113 6.25 0.58 -3.21
N VAL A 114 6.07 -0.07 -2.07
CA VAL A 114 6.70 0.36 -0.84
C VAL A 114 7.26 -0.82 -0.03
N GLY A 115 8.48 -0.68 0.44
CA GLY A 115 9.10 -1.74 1.22
C GLY A 115 8.97 -1.51 2.71
N ASN A 116 7.93 -2.10 3.31
CA ASN A 116 7.69 -1.96 4.74
C ASN A 116 8.72 -2.71 5.55
N LYS A 117 8.91 -2.29 6.81
CA LYS A 117 9.87 -2.92 7.70
C LYS A 117 11.30 -2.79 7.16
N CYS A 118 11.63 -1.61 6.67
CA CYS A 118 12.95 -1.34 6.12
C CYS A 118 13.93 -0.89 7.21
N ASP A 119 13.39 -0.28 8.26
CA ASP A 119 14.20 0.19 9.37
C ASP A 119 14.90 -0.96 10.09
N LEU A 120 14.38 -2.16 9.91
CA LEU A 120 14.95 -3.35 10.56
C LEU A 120 16.43 -3.51 10.22
N ALA A 121 17.02 -4.63 10.61
CA ALA A 121 18.43 -4.90 10.35
C ALA A 121 18.61 -6.28 9.73
N ALA A 122 17.71 -6.65 8.82
CA ALA A 122 17.77 -7.95 8.16
C ALA A 122 17.00 -7.94 6.85
N ARG A 123 17.48 -7.14 5.91
CA ARG A 123 16.83 -7.02 4.60
C ARG A 123 17.29 -8.12 3.64
N THR A 124 16.46 -9.15 3.50
CA THR A 124 16.77 -10.26 2.61
C THR A 124 16.75 -9.80 1.16
N VAL A 125 15.63 -9.21 0.75
CA VAL A 125 15.48 -8.72 -0.61
C VAL A 125 16.04 -7.30 -0.74
N GLU A 126 17.21 -7.19 -1.37
CA GLU A 126 17.85 -5.89 -1.55
C GLU A 126 16.93 -4.91 -2.26
N SER A 127 17.11 -3.62 -1.96
CA SER A 127 16.31 -2.57 -2.56
C SER A 127 16.34 -2.65 -4.09
N ARG A 128 17.40 -3.25 -4.62
CA ARG A 128 17.55 -3.38 -6.07
C ARG A 128 16.38 -4.17 -6.65
N GLN A 129 16.02 -5.26 -5.98
CA GLN A 129 14.92 -6.11 -6.44
C GLN A 129 13.61 -5.31 -6.45
N ALA A 130 13.37 -4.58 -5.37
CA ALA A 130 12.16 -3.77 -5.24
C ALA A 130 12.15 -2.66 -6.29
N GLN A 131 13.33 -2.16 -6.60
CA GLN A 131 13.47 -1.08 -7.59
C GLN A 131 12.93 -1.54 -8.95
N ASP A 132 13.44 -2.68 -9.42
CA ASP A 132 13.01 -3.22 -10.71
C ASP A 132 11.56 -3.69 -10.65
N LEU A 133 11.13 -4.08 -9.45
CA LEU A 133 9.77 -4.55 -9.25
C LEU A 133 8.77 -3.42 -9.48
N ALA A 134 9.08 -2.24 -8.97
CA ALA A 134 8.21 -1.09 -9.12
C ALA A 134 8.20 -0.59 -10.57
N ARG A 135 9.38 -0.47 -11.17
CA ARG A 135 9.49 0.00 -12.54
C ARG A 135 8.81 -0.97 -13.52
N SER A 136 8.94 -2.26 -13.25
CA SER A 136 8.34 -3.28 -14.10
C SER A 136 6.84 -3.13 -14.13
N TYR A 137 6.27 -2.70 -13.00
CA TYR A 137 4.83 -2.52 -12.88
C TYR A 137 4.41 -1.16 -13.44
N GLY A 138 5.33 -0.19 -13.36
CA GLY A 138 5.04 1.14 -13.84
C GLY A 138 4.66 2.09 -12.72
N ILE A 139 5.35 1.96 -11.59
CA ILE A 139 5.07 2.80 -10.43
C ILE A 139 6.35 3.09 -9.65
N PRO A 140 6.39 4.21 -8.90
CA PRO A 140 7.56 4.59 -8.10
C PRO A 140 7.75 3.71 -6.87
N TYR A 141 8.98 3.61 -6.40
CA TYR A 141 9.29 2.80 -5.22
C TYR A 141 9.77 3.68 -4.07
N ILE A 142 9.14 3.54 -2.91
CA ILE A 142 9.50 4.32 -1.74
C ILE A 142 9.65 3.44 -0.50
N GLU A 143 10.83 3.46 0.10
CA GLU A 143 11.10 2.66 1.30
C GLU A 143 10.47 3.31 2.52
N THR A 144 9.83 2.49 3.35
CA THR A 144 9.18 2.99 4.56
C THR A 144 9.17 1.94 5.67
N SER A 145 8.89 2.38 6.88
CA SER A 145 8.84 1.49 8.04
C SER A 145 7.64 1.81 8.94
N ALA A 146 6.83 0.80 9.22
CA ALA A 146 5.65 0.99 10.06
C ALA A 146 6.02 1.07 11.54
N LYS A 147 7.30 0.89 11.85
CA LYS A 147 7.76 0.95 13.24
C LYS A 147 8.27 2.34 13.59
N THR A 148 9.21 2.84 12.80
CA THR A 148 9.79 4.17 13.03
C THR A 148 8.93 5.27 12.40
N ARG A 149 7.93 4.87 11.62
CA ARG A 149 7.06 5.84 10.97
C ARG A 149 7.84 6.69 9.97
N GLN A 150 8.67 6.05 9.17
CA GLN A 150 9.48 6.74 8.18
C GLN A 150 9.03 6.39 6.77
N GLY A 151 8.79 7.41 5.95
CA GLY A 151 8.36 7.20 4.58
C GLY A 151 6.90 6.82 4.47
N VAL A 152 6.20 6.77 5.60
CA VAL A 152 4.79 6.41 5.62
C VAL A 152 3.97 7.39 4.78
N GLU A 153 4.12 8.68 5.06
CA GLU A 153 3.40 9.71 4.33
C GLU A 153 3.87 9.79 2.88
N ASP A 154 5.16 9.59 2.66
CA ASP A 154 5.74 9.64 1.33
C ASP A 154 5.13 8.56 0.44
N ALA A 155 5.15 7.33 0.92
CA ALA A 155 4.60 6.20 0.17
C ALA A 155 3.11 6.42 -0.14
N PHE A 156 2.35 6.77 0.89
CA PHE A 156 0.92 7.00 0.73
C PHE A 156 0.65 8.23 -0.13
N TYR A 157 1.39 9.31 0.13
CA TYR A 157 1.23 10.54 -0.62
C TYR A 157 1.48 10.31 -2.11
N THR A 158 2.44 9.44 -2.41
CA THR A 158 2.78 9.12 -3.79
C THR A 158 1.61 8.45 -4.50
N LEU A 159 0.89 7.60 -3.77
CA LEU A 159 -0.25 6.88 -4.33
C LEU A 159 -1.30 7.86 -4.86
N VAL A 160 -1.60 8.89 -4.07
CA VAL A 160 -2.60 9.88 -4.47
C VAL A 160 -2.20 10.56 -5.77
N ARG A 161 -0.93 10.96 -5.86
CA ARG A 161 -0.42 11.62 -7.06
C ARG A 161 -0.75 10.82 -8.32
N GLU A 162 -0.64 9.50 -8.22
CA GLU A 162 -0.94 8.62 -9.35
C GLU A 162 -2.43 8.64 -9.68
N ILE A 163 -3.26 8.54 -8.64
CA ILE A 163 -4.71 8.54 -8.82
C ILE A 163 -5.17 9.84 -9.47
N ARG A 164 -4.63 10.96 -9.01
CA ARG A 164 -4.99 12.26 -9.56
C ARG A 164 -4.81 12.29 -11.07
N GLN A 165 -3.94 11.43 -11.59
CA GLN A 165 -3.68 11.37 -13.02
C GLN A 165 -3.90 9.95 -13.55
N HIS A 166 -4.84 9.24 -12.93
CA HIS A 166 -5.15 7.88 -13.34
C HIS A 166 -5.72 7.84 -14.76
N MET A 1 -13.66 17.99 0.50
CA MET A 1 -12.59 17.91 -0.53
C MET A 1 -12.71 16.63 -1.35
N THR A 2 -11.75 16.44 -2.26
CA THR A 2 -11.74 15.26 -3.12
C THR A 2 -11.53 13.99 -2.30
N GLU A 3 -12.28 12.95 -2.63
CA GLU A 3 -12.17 11.66 -1.93
C GLU A 3 -11.35 10.66 -2.74
N TYR A 4 -10.41 10.00 -2.06
CA TYR A 4 -9.56 9.02 -2.72
C TYR A 4 -9.49 7.73 -1.91
N LYS A 5 -9.96 6.64 -2.51
CA LYS A 5 -9.96 5.34 -1.85
C LYS A 5 -8.77 4.50 -2.32
N LEU A 6 -7.73 4.44 -1.48
CA LEU A 6 -6.53 3.68 -1.83
C LEU A 6 -6.55 2.30 -1.18
N VAL A 7 -6.42 1.26 -2.00
CA VAL A 7 -6.41 -0.11 -1.50
C VAL A 7 -4.97 -0.55 -1.22
N VAL A 8 -4.64 -0.73 0.06
CA VAL A 8 -3.30 -1.13 0.46
C VAL A 8 -3.09 -2.63 0.29
N VAL A 9 -2.11 -2.99 -0.54
CA VAL A 9 -1.79 -4.39 -0.78
C VAL A 9 -0.34 -4.68 -0.39
N GLY A 10 0.03 -5.96 -0.34
CA GLY A 10 1.39 -6.31 0.02
C GLY A 10 1.57 -7.80 0.24
N ALA A 11 1.16 -8.27 1.41
CA ALA A 11 1.28 -9.69 1.76
C ALA A 11 0.93 -9.91 3.23
N GLY A 12 1.18 -11.12 3.72
CA GLY A 12 0.88 -11.43 5.10
C GLY A 12 1.90 -10.85 6.07
N GLY A 13 3.13 -11.34 5.99
CA GLY A 13 4.18 -10.87 6.87
C GLY A 13 4.89 -9.64 6.32
N VAL A 14 4.22 -8.50 6.37
CA VAL A 14 4.79 -7.25 5.86
C VAL A 14 4.45 -6.09 6.79
N GLY A 15 3.17 -5.98 7.17
CA GLY A 15 2.75 -4.91 8.04
C GLY A 15 2.09 -3.78 7.28
N LYS A 16 1.36 -4.13 6.22
CA LYS A 16 0.68 -3.13 5.40
C LYS A 16 -0.20 -2.22 6.26
N SER A 17 -0.90 -2.83 7.20
CA SER A 17 -1.78 -2.08 8.10
C SER A 17 -0.96 -1.29 9.13
N ALA A 18 0.25 -1.77 9.41
CA ALA A 18 1.13 -1.12 10.36
C ALA A 18 1.37 0.34 9.98
N LEU A 19 1.84 0.56 8.75
CA LEU A 19 2.11 1.91 8.27
C LEU A 19 0.81 2.70 8.08
N THR A 20 -0.27 1.99 7.77
CA THR A 20 -1.56 2.62 7.56
C THR A 20 -1.99 3.42 8.80
N ILE A 21 -1.89 2.78 9.96
CA ILE A 21 -2.25 3.42 11.22
C ILE A 21 -1.29 4.57 11.53
N GLN A 22 -0.04 4.42 11.12
CA GLN A 22 0.97 5.44 11.34
C GLN A 22 0.58 6.73 10.62
N LEU A 23 0.14 6.59 9.38
CA LEU A 23 -0.25 7.75 8.59
C LEU A 23 -1.56 8.36 9.09
N ILE A 24 -2.52 7.50 9.42
CA ILE A 24 -3.83 7.97 9.88
C ILE A 24 -3.85 8.38 11.35
N GLN A 25 -3.33 7.52 12.24
CA GLN A 25 -3.34 7.83 13.67
C GLN A 25 -1.95 8.20 14.21
N ASN A 26 -0.96 8.31 13.33
CA ASN A 26 0.39 8.68 13.76
C ASN A 26 0.90 7.70 14.81
N HIS A 27 0.43 6.45 14.75
CA HIS A 27 0.86 5.43 15.70
C HIS A 27 1.13 4.11 14.99
N PHE A 28 1.64 3.13 15.73
CA PHE A 28 1.94 1.83 15.17
C PHE A 28 0.87 0.81 15.52
N VAL A 29 0.49 -0.01 14.54
CA VAL A 29 -0.52 -1.05 14.74
C VAL A 29 -0.22 -1.85 16.01
N ASP A 30 -1.27 -2.51 16.54
CA ASP A 30 -1.18 -3.33 17.75
C ASP A 30 -2.00 -2.70 18.87
N GLU A 31 -3.21 -2.27 18.52
CA GLU A 31 -4.10 -1.63 19.47
C GLU A 31 -5.49 -1.43 18.85
N TYR A 32 -5.50 -1.00 17.59
CA TYR A 32 -6.74 -0.77 16.87
C TYR A 32 -7.46 -2.08 16.58
N ASP A 33 -8.74 -1.99 16.25
CA ASP A 33 -9.54 -3.16 15.93
C ASP A 33 -9.53 -3.44 14.42
N PRO A 34 -8.81 -4.49 13.99
CA PRO A 34 -8.72 -4.85 12.57
C PRO A 34 -9.93 -5.65 12.09
N SER A 35 -10.27 -5.47 10.81
CA SER A 35 -11.39 -6.17 10.19
C SER A 35 -12.74 -5.55 10.56
N ILE A 36 -12.71 -4.53 11.42
CA ILE A 36 -13.93 -3.86 11.84
C ILE A 36 -14.44 -2.89 10.76
N GLU A 37 -13.53 -2.08 10.23
CA GLU A 37 -13.88 -1.12 9.19
C GLU A 37 -13.19 -1.45 7.88
N ASP A 38 -11.90 -1.77 7.96
CA ASP A 38 -11.11 -2.11 6.78
C ASP A 38 -10.92 -0.88 5.87
N SER A 39 -11.26 0.29 6.39
CA SER A 39 -11.12 1.53 5.62
C SER A 39 -10.73 2.69 6.54
N TYR A 40 -9.69 3.41 6.17
CA TYR A 40 -9.23 4.55 6.96
C TYR A 40 -9.44 5.86 6.21
N ARG A 41 -9.39 6.96 6.94
CA ARG A 41 -9.59 8.28 6.36
C ARG A 41 -8.51 9.25 6.84
N LYS A 42 -8.11 10.16 5.95
CA LYS A 42 -7.09 11.16 6.29
C LYS A 42 -7.21 12.38 5.38
N GLN A 43 -6.91 13.55 5.94
CA GLN A 43 -6.98 14.80 5.19
C GLN A 43 -5.60 15.45 5.14
N VAL A 44 -5.01 15.50 3.94
CA VAL A 44 -3.69 16.10 3.77
C VAL A 44 -3.59 16.88 2.46
N VAL A 45 -2.51 17.63 2.31
CA VAL A 45 -2.28 18.42 1.10
C VAL A 45 -1.11 17.86 0.31
N ILE A 46 -1.41 17.28 -0.85
CA ILE A 46 -0.38 16.71 -1.71
C ILE A 46 -0.35 17.42 -3.06
N ASP A 47 0.84 17.77 -3.51
CA ASP A 47 1.03 18.46 -4.78
C ASP A 47 0.63 19.94 -4.68
N GLY A 48 0.36 20.40 -3.45
CA GLY A 48 -0.02 21.78 -3.25
C GLY A 48 -1.52 21.97 -3.06
N GLU A 49 -2.29 20.93 -3.38
CA GLU A 49 -3.74 20.99 -3.25
C GLU A 49 -4.22 20.03 -2.16
N THR A 50 -5.23 20.46 -1.40
CA THR A 50 -5.77 19.64 -0.33
C THR A 50 -6.72 18.58 -0.87
N CYS A 51 -6.59 17.36 -0.36
CA CYS A 51 -7.44 16.25 -0.79
C CYS A 51 -7.67 15.29 0.37
N LEU A 52 -8.50 14.27 0.12
CA LEU A 52 -8.80 13.28 1.15
C LEU A 52 -8.04 11.98 0.87
N LEU A 53 -7.17 11.60 1.79
CA LEU A 53 -6.38 10.39 1.64
C LEU A 53 -7.00 9.23 2.41
N ASP A 54 -8.01 8.59 1.81
CA ASP A 54 -8.68 7.46 2.43
C ASP A 54 -7.88 6.18 2.21
N ILE A 55 -7.20 5.72 3.26
CA ILE A 55 -6.39 4.52 3.17
C ILE A 55 -7.21 3.27 3.49
N LEU A 56 -7.39 2.41 2.51
CA LEU A 56 -8.15 1.18 2.68
C LEU A 56 -7.21 -0.01 2.82
N ASP A 57 -7.14 -0.57 4.03
CA ASP A 57 -6.27 -1.71 4.30
C ASP A 57 -6.98 -3.02 3.95
N THR A 58 -6.21 -3.97 3.41
CA THR A 58 -6.76 -5.27 3.03
C THR A 58 -6.06 -6.39 3.79
N ALA A 59 -6.53 -7.62 3.61
CA ALA A 59 -5.94 -8.77 4.28
C ALA A 59 -4.75 -9.30 3.50
N GLY A 60 -3.74 -9.80 4.22
CA GLY A 60 -2.56 -10.33 3.58
C GLY A 60 -2.72 -11.80 3.20
N GLN A 61 -2.81 -12.65 4.21
CA GLN A 61 -2.97 -14.08 3.98
C GLN A 61 -4.28 -14.58 4.55
N GLU A 62 -5.28 -14.73 3.70
CA GLU A 62 -6.61 -15.19 4.11
C GLU A 62 -7.53 -15.33 2.91
N GLU A 63 -8.45 -16.28 3.00
CA GLU A 63 -9.41 -16.52 1.92
C GLU A 63 -10.34 -15.31 1.74
N TYR A 64 -9.83 -14.28 1.08
CA TYR A 64 -10.60 -13.07 0.85
C TYR A 64 -10.67 -12.75 -0.65
N SER A 65 -10.28 -13.71 -1.48
CA SER A 65 -10.30 -13.51 -2.93
C SER A 65 -11.65 -12.99 -3.41
N ALA A 66 -12.71 -13.33 -2.67
CA ALA A 66 -14.05 -12.88 -3.02
C ALA A 66 -14.23 -11.39 -2.78
N MET A 67 -13.93 -10.96 -1.57
CA MET A 67 -14.06 -9.54 -1.20
C MET A 67 -12.91 -8.72 -1.80
N ARG A 68 -11.76 -9.35 -1.95
CA ARG A 68 -10.59 -8.68 -2.50
C ARG A 68 -10.94 -7.93 -3.78
N ASP A 69 -11.72 -8.58 -4.64
CA ASP A 69 -12.13 -7.97 -5.91
C ASP A 69 -12.96 -6.72 -5.65
N GLN A 70 -13.86 -6.81 -4.67
CA GLN A 70 -14.72 -5.68 -4.32
C GLN A 70 -13.89 -4.48 -3.92
N TYR A 71 -12.82 -4.72 -3.16
CA TYR A 71 -11.95 -3.65 -2.70
C TYR A 71 -11.36 -2.92 -3.89
N MET A 72 -10.86 -3.69 -4.85
CA MET A 72 -10.25 -3.14 -6.05
C MET A 72 -11.29 -2.44 -6.93
N ARG A 73 -12.50 -2.98 -6.97
CA ARG A 73 -13.57 -2.39 -7.76
C ARG A 73 -13.92 -0.99 -7.26
N THR A 74 -13.93 -0.82 -5.95
CA THR A 74 -14.24 0.47 -5.35
C THR A 74 -12.99 1.26 -4.98
N GLY A 75 -11.81 0.69 -5.28
CA GLY A 75 -10.57 1.36 -4.96
C GLY A 75 -9.92 2.00 -6.18
N GLU A 76 -9.41 3.22 -6.00
CA GLU A 76 -8.77 3.94 -7.09
C GLU A 76 -7.28 3.64 -7.12
N GLY A 77 -6.58 4.00 -6.05
CA GLY A 77 -5.15 3.75 -5.98
C GLY A 77 -4.84 2.49 -5.20
N PHE A 78 -3.76 1.82 -5.58
CA PHE A 78 -3.36 0.59 -4.91
C PHE A 78 -1.89 0.64 -4.51
N LEU A 79 -1.64 0.66 -3.21
CA LEU A 79 -0.27 0.71 -2.70
C LEU A 79 0.24 -0.69 -2.39
N CYS A 80 1.32 -1.08 -3.06
CA CYS A 80 1.92 -2.39 -2.85
C CYS A 80 3.06 -2.30 -1.85
N VAL A 81 2.87 -2.94 -0.70
CA VAL A 81 3.88 -2.92 0.35
C VAL A 81 4.44 -4.31 0.63
N PHE A 82 5.76 -4.43 0.55
CA PHE A 82 6.43 -5.70 0.80
C PHE A 82 7.47 -5.56 1.90
N ALA A 83 7.85 -6.68 2.52
CA ALA A 83 8.84 -6.67 3.58
C ALA A 83 10.21 -7.06 3.06
N ILE A 84 11.23 -6.33 3.47
CA ILE A 84 12.59 -6.60 3.03
C ILE A 84 13.14 -7.88 3.65
N ASN A 85 12.69 -8.19 4.87
CA ASN A 85 13.14 -9.39 5.56
C ASN A 85 12.29 -10.60 5.17
N ASN A 86 11.09 -10.33 4.66
CA ASN A 86 10.18 -11.40 4.25
C ASN A 86 10.07 -11.48 2.73
N THR A 87 10.94 -12.28 2.13
CA THR A 87 10.95 -12.44 0.68
C THR A 87 9.60 -12.94 0.17
N LYS A 88 8.88 -13.67 1.03
CA LYS A 88 7.57 -14.20 0.67
C LYS A 88 6.64 -13.08 0.20
N SER A 89 6.90 -11.87 0.70
CA SER A 89 6.09 -10.72 0.33
C SER A 89 6.45 -10.23 -1.07
N PHE A 90 7.71 -10.43 -1.47
CA PHE A 90 8.16 -10.01 -2.78
C PHE A 90 7.36 -10.70 -3.88
N GLU A 91 7.12 -11.99 -3.71
CA GLU A 91 6.36 -12.76 -4.68
C GLU A 91 4.89 -12.38 -4.66
N ASP A 92 4.42 -11.92 -3.50
CA ASP A 92 3.03 -11.53 -3.34
C ASP A 92 2.70 -10.27 -4.14
N ILE A 93 3.66 -9.36 -4.22
CA ILE A 93 3.46 -8.10 -4.95
C ILE A 93 3.02 -8.32 -6.40
N HIS A 94 3.67 -9.26 -7.10
CA HIS A 94 3.32 -9.51 -8.50
C HIS A 94 1.99 -10.26 -8.62
N GLN A 95 1.82 -11.33 -7.86
CA GLN A 95 0.60 -12.12 -7.92
C GLN A 95 -0.61 -11.25 -7.56
N TYR A 96 -0.41 -10.33 -6.62
CA TYR A 96 -1.48 -9.44 -6.18
C TYR A 96 -1.87 -8.49 -7.32
N ARG A 97 -0.87 -7.82 -7.88
CA ARG A 97 -1.09 -6.87 -8.97
C ARG A 97 -1.81 -7.54 -10.14
N GLU A 98 -1.48 -8.80 -10.40
CA GLU A 98 -2.10 -9.54 -11.50
C GLU A 98 -3.61 -9.61 -11.31
N GLN A 99 -4.05 -9.67 -10.07
CA GLN A 99 -5.48 -9.74 -9.76
C GLN A 99 -6.11 -8.36 -9.87
N ILE A 100 -5.31 -7.32 -9.67
CA ILE A 100 -5.79 -5.94 -9.74
C ILE A 100 -6.24 -5.59 -11.16
N LYS A 101 -5.37 -5.84 -12.13
CA LYS A 101 -5.67 -5.54 -13.52
C LYS A 101 -6.98 -6.19 -13.96
N ARG A 102 -7.28 -7.35 -13.39
CA ARG A 102 -8.51 -8.06 -13.73
C ARG A 102 -9.76 -7.31 -13.27
N VAL A 103 -9.74 -6.85 -12.02
CA VAL A 103 -10.87 -6.11 -11.47
C VAL A 103 -10.92 -4.68 -11.99
N LYS A 104 -9.74 -4.05 -12.09
CA LYS A 104 -9.66 -2.68 -12.58
C LYS A 104 -9.95 -2.60 -14.07
N ASP A 105 -9.83 -3.74 -14.75
CA ASP A 105 -10.08 -3.81 -16.19
C ASP A 105 -9.21 -2.80 -16.93
N SER A 106 -8.02 -2.55 -16.40
CA SER A 106 -7.09 -1.60 -17.01
C SER A 106 -5.68 -2.17 -17.03
N ASP A 107 -4.71 -1.31 -17.38
CA ASP A 107 -3.32 -1.73 -17.44
C ASP A 107 -2.45 -0.85 -16.55
N ASP A 108 -2.41 0.44 -16.86
CA ASP A 108 -1.64 1.39 -16.08
C ASP A 108 -2.54 2.19 -15.15
N VAL A 109 -2.66 1.74 -13.91
CA VAL A 109 -3.50 2.41 -12.92
C VAL A 109 -2.67 2.87 -11.73
N PRO A 110 -3.17 3.88 -10.99
CA PRO A 110 -2.46 4.44 -9.82
C PRO A 110 -1.98 3.36 -8.86
N MET A 111 -0.67 3.28 -8.69
CA MET A 111 -0.06 2.30 -7.79
C MET A 111 1.29 2.78 -7.28
N VAL A 112 1.68 2.31 -6.10
CA VAL A 112 2.95 2.70 -5.51
C VAL A 112 3.53 1.56 -4.68
N LEU A 113 4.81 1.26 -4.90
CA LEU A 113 5.48 0.19 -4.16
C LEU A 113 6.25 0.77 -2.98
N VAL A 114 6.04 0.19 -1.79
CA VAL A 114 6.70 0.65 -0.58
C VAL A 114 7.29 -0.52 0.20
N GLY A 115 8.62 -0.53 0.33
CA GLY A 115 9.28 -1.58 1.07
C GLY A 115 9.22 -1.38 2.57
N ASN A 116 8.23 -1.99 3.21
CA ASN A 116 8.05 -1.86 4.64
C ASN A 116 9.10 -2.68 5.39
N LYS A 117 9.30 -2.35 6.67
CA LYS A 117 10.27 -3.04 7.50
C LYS A 117 11.68 -2.84 6.96
N CYS A 118 11.92 -1.70 6.32
CA CYS A 118 13.23 -1.39 5.76
C CYS A 118 14.07 -0.56 6.73
N ASP A 119 13.64 -0.50 7.99
CA ASP A 119 14.35 0.28 9.00
C ASP A 119 15.12 -0.65 9.94
N LEU A 120 14.55 -1.82 10.21
CA LEU A 120 15.18 -2.80 11.08
C LEU A 120 16.55 -3.20 10.55
N ALA A 121 17.25 -4.06 11.30
CA ALA A 121 18.58 -4.52 10.90
C ALA A 121 18.52 -5.98 10.45
N ALA A 122 17.71 -6.24 9.43
CA ALA A 122 17.56 -7.60 8.90
C ALA A 122 16.80 -7.58 7.57
N ARG A 123 17.53 -7.50 6.48
CA ARG A 123 16.92 -7.46 5.15
C ARG A 123 17.31 -8.70 4.34
N THR A 124 16.32 -9.29 3.67
CA THR A 124 16.56 -10.48 2.86
C THR A 124 16.54 -10.10 1.37
N VAL A 125 15.55 -9.30 0.98
CA VAL A 125 15.43 -8.84 -0.40
C VAL A 125 15.99 -7.43 -0.55
N GLU A 126 17.17 -7.33 -1.14
CA GLU A 126 17.82 -6.04 -1.35
C GLU A 126 16.92 -5.09 -2.13
N SER A 127 17.07 -3.79 -1.87
CA SER A 127 16.27 -2.77 -2.53
C SER A 127 16.35 -2.92 -4.06
N ARG A 128 17.46 -3.47 -4.54
CA ARG A 128 17.66 -3.68 -5.97
C ARG A 128 16.53 -4.49 -6.57
N GLN A 129 16.08 -5.50 -5.83
CA GLN A 129 14.98 -6.35 -6.29
C GLN A 129 13.66 -5.60 -6.27
N ALA A 130 13.50 -4.74 -5.28
CA ALA A 130 12.28 -3.95 -5.14
C ALA A 130 12.11 -2.97 -6.30
N GLN A 131 13.20 -2.27 -6.61
CA GLN A 131 13.18 -1.29 -7.70
C GLN A 131 12.81 -1.96 -9.02
N ASP A 132 13.41 -3.11 -9.27
CA ASP A 132 13.15 -3.87 -10.50
C ASP A 132 11.70 -4.33 -10.55
N LEU A 133 11.12 -4.55 -9.37
CA LEU A 133 9.74 -5.01 -9.28
C LEU A 133 8.76 -3.90 -9.66
N ALA A 134 9.00 -2.70 -9.14
CA ALA A 134 8.14 -1.55 -9.41
C ALA A 134 8.20 -1.15 -10.88
N ARG A 135 9.39 -1.20 -11.48
CA ARG A 135 9.57 -0.82 -12.88
C ARG A 135 8.69 -1.68 -13.79
N SER A 136 8.52 -2.94 -13.42
CA SER A 136 7.70 -3.87 -14.20
C SER A 136 6.27 -3.37 -14.28
N TYR A 137 5.85 -2.59 -13.28
CA TYR A 137 4.51 -2.04 -13.24
C TYR A 137 4.49 -0.59 -13.70
N GLY A 138 5.62 0.10 -13.55
CA GLY A 138 5.70 1.49 -13.96
C GLY A 138 5.24 2.43 -12.87
N ILE A 139 5.55 2.10 -11.62
CA ILE A 139 5.16 2.93 -10.49
C ILE A 139 6.36 3.31 -9.64
N PRO A 140 6.27 4.43 -8.91
CA PRO A 140 7.36 4.91 -8.05
C PRO A 140 7.61 3.98 -6.86
N TYR A 141 8.85 3.98 -6.37
CA TYR A 141 9.22 3.14 -5.24
C TYR A 141 9.73 4.00 -4.08
N ILE A 142 9.28 3.68 -2.87
CA ILE A 142 9.68 4.42 -1.68
C ILE A 142 9.92 3.50 -0.49
N GLU A 143 11.11 3.57 0.08
CA GLU A 143 11.44 2.74 1.24
C GLU A 143 10.91 3.37 2.51
N THR A 144 10.07 2.63 3.23
CA THR A 144 9.48 3.13 4.47
C THR A 144 9.38 2.03 5.51
N SER A 145 9.14 2.41 6.77
CA SER A 145 9.01 1.46 7.86
C SER A 145 7.85 1.84 8.78
N ALA A 146 6.92 0.92 8.96
CA ALA A 146 5.75 1.16 9.81
C ALA A 146 6.15 1.39 11.26
N LYS A 147 7.21 0.71 11.70
CA LYS A 147 7.68 0.83 13.07
C LYS A 147 8.41 2.15 13.31
N THR A 148 8.85 2.80 12.24
CA THR A 148 9.57 4.07 12.36
C THR A 148 8.75 5.24 11.81
N ARG A 149 7.84 4.93 10.88
CA ARG A 149 6.99 5.95 10.25
C ARG A 149 7.70 6.61 9.07
N GLN A 150 9.02 6.47 9.01
CA GLN A 150 9.81 7.06 7.93
C GLN A 150 9.33 6.58 6.57
N GLY A 151 8.88 7.52 5.74
CA GLY A 151 8.42 7.17 4.41
C GLY A 151 6.93 6.87 4.35
N VAL A 152 6.35 6.46 5.47
CA VAL A 152 4.93 6.15 5.53
C VAL A 152 4.08 7.27 4.90
N GLU A 153 4.37 8.51 5.28
CA GLU A 153 3.64 9.66 4.76
C GLU A 153 3.93 9.86 3.27
N ASP A 154 5.15 9.53 2.86
CA ASP A 154 5.55 9.69 1.47
C ASP A 154 4.95 8.58 0.59
N ALA A 155 5.00 7.35 1.08
CA ALA A 155 4.48 6.20 0.35
C ALA A 155 3.01 6.39 0.00
N PHE A 156 2.20 6.74 1.00
CA PHE A 156 0.77 6.93 0.79
C PHE A 156 0.48 8.13 -0.10
N TYR A 157 1.09 9.26 0.21
CA TYR A 157 0.88 10.49 -0.56
C TYR A 157 1.26 10.31 -2.03
N THR A 158 2.27 9.47 -2.28
CA THR A 158 2.73 9.23 -3.65
C THR A 158 1.63 8.60 -4.50
N LEU A 159 0.85 7.72 -3.90
CA LEU A 159 -0.23 7.04 -4.61
C LEU A 159 -1.33 8.02 -5.02
N VAL A 160 -1.61 8.99 -4.17
CA VAL A 160 -2.66 9.97 -4.45
C VAL A 160 -2.38 10.71 -5.77
N ARG A 161 -1.12 11.05 -5.99
CA ARG A 161 -0.71 11.75 -7.20
C ARG A 161 -1.15 10.99 -8.45
N GLU A 162 -1.01 9.67 -8.41
CA GLU A 162 -1.39 8.83 -9.54
C GLU A 162 -2.90 8.82 -9.71
N ILE A 163 -3.62 8.72 -8.60
CA ILE A 163 -5.09 8.71 -8.64
C ILE A 163 -5.64 10.01 -9.19
N ARG A 164 -5.00 11.12 -8.82
CA ARG A 164 -5.43 12.44 -9.29
C ARG A 164 -5.51 12.49 -10.81
N GLN A 165 -4.68 11.68 -11.47
CA GLN A 165 -4.66 11.62 -12.92
C GLN A 165 -5.79 10.76 -13.47
N HIS A 166 -6.47 10.01 -12.59
CA HIS A 166 -7.57 9.16 -13.01
C HIS A 166 -8.64 9.95 -13.75
N MET A 1 -12.82 18.33 0.47
CA MET A 1 -11.83 18.11 -0.62
C MET A 1 -12.12 16.83 -1.39
N THR A 2 -11.25 16.50 -2.34
CA THR A 2 -11.42 15.31 -3.16
C THR A 2 -11.15 14.05 -2.33
N GLU A 3 -11.99 13.03 -2.53
CA GLU A 3 -11.84 11.77 -1.80
C GLU A 3 -11.10 10.75 -2.65
N TYR A 4 -10.17 10.04 -2.04
CA TYR A 4 -9.38 9.02 -2.75
C TYR A 4 -9.31 7.74 -1.94
N LYS A 5 -9.86 6.66 -2.49
CA LYS A 5 -9.85 5.36 -1.83
C LYS A 5 -8.68 4.52 -2.31
N LEU A 6 -7.64 4.45 -1.48
CA LEU A 6 -6.44 3.68 -1.81
C LEU A 6 -6.49 2.30 -1.16
N VAL A 7 -6.43 1.26 -1.98
CA VAL A 7 -6.46 -0.11 -1.49
C VAL A 7 -5.05 -0.64 -1.25
N VAL A 8 -4.71 -0.83 0.02
CA VAL A 8 -3.38 -1.32 0.40
C VAL A 8 -3.31 -2.84 0.25
N VAL A 9 -2.34 -3.31 -0.52
CA VAL A 9 -2.16 -4.74 -0.74
C VAL A 9 -0.79 -5.20 -0.25
N GLY A 10 -0.75 -6.41 0.32
CA GLY A 10 0.50 -6.95 0.81
C GLY A 10 0.36 -8.36 1.36
N ALA A 11 1.48 -9.02 1.60
CA ALA A 11 1.47 -10.37 2.13
C ALA A 11 1.23 -10.37 3.63
N GLY A 12 1.63 -11.44 4.31
CA GLY A 12 1.45 -11.53 5.74
C GLY A 12 2.58 -10.89 6.53
N GLY A 13 3.80 -11.02 6.01
CA GLY A 13 4.96 -10.45 6.68
C GLY A 13 5.35 -9.10 6.11
N VAL A 14 4.38 -8.20 6.00
CA VAL A 14 4.62 -6.87 5.47
C VAL A 14 4.13 -5.80 6.44
N GLY A 15 2.94 -6.00 6.99
CA GLY A 15 2.38 -5.04 7.92
C GLY A 15 1.69 -3.89 7.23
N LYS A 16 0.84 -4.21 6.25
CA LYS A 16 0.10 -3.19 5.50
C LYS A 16 -0.71 -2.32 6.45
N SER A 17 -1.36 -2.95 7.42
CA SER A 17 -2.17 -2.24 8.40
C SER A 17 -1.34 -1.22 9.16
N ALA A 18 -0.15 -1.62 9.58
CA ALA A 18 0.74 -0.74 10.34
C ALA A 18 1.02 0.55 9.58
N LEU A 19 1.27 0.43 8.28
CA LEU A 19 1.55 1.60 7.45
C LEU A 19 0.35 2.54 7.40
N THR A 20 -0.85 1.95 7.42
CA THR A 20 -2.08 2.75 7.36
C THR A 20 -2.29 3.52 8.66
N ILE A 21 -2.29 2.81 9.78
CA ILE A 21 -2.49 3.44 11.09
C ILE A 21 -1.44 4.51 11.34
N GLN A 22 -0.23 4.28 10.83
CA GLN A 22 0.86 5.23 11.01
C GLN A 22 0.57 6.53 10.28
N LEU A 23 0.10 6.41 9.04
CA LEU A 23 -0.21 7.58 8.23
C LEU A 23 -1.45 8.31 8.76
N ILE A 24 -2.47 7.54 9.15
CA ILE A 24 -3.71 8.09 9.65
C ILE A 24 -3.66 8.47 11.12
N GLN A 25 -3.21 7.55 11.97
CA GLN A 25 -3.16 7.80 13.42
C GLN A 25 -1.73 7.93 13.95
N ASN A 26 -0.73 7.75 13.08
CA ASN A 26 0.66 7.86 13.53
C ASN A 26 0.97 6.83 14.60
N HIS A 27 0.38 5.64 14.46
CA HIS A 27 0.60 4.57 15.42
C HIS A 27 0.92 3.26 14.71
N PHE A 28 1.21 2.22 15.48
CA PHE A 28 1.53 0.91 14.93
C PHE A 28 0.42 -0.08 15.19
N VAL A 29 0.09 -0.88 14.18
CA VAL A 29 -0.95 -1.89 14.29
C VAL A 29 -0.69 -2.83 15.47
N ASP A 30 -1.39 -3.97 15.50
CA ASP A 30 -1.23 -4.95 16.57
C ASP A 30 -1.90 -4.47 17.86
N GLU A 31 -2.64 -3.37 17.76
CA GLU A 31 -3.33 -2.82 18.91
C GLU A 31 -4.72 -2.31 18.53
N TYR A 32 -5.17 -2.61 17.32
CA TYR A 32 -6.48 -2.18 16.85
C TYR A 32 -7.24 -3.34 16.22
N ASP A 33 -8.55 -3.40 16.48
CA ASP A 33 -9.38 -4.46 15.93
C ASP A 33 -9.66 -4.23 14.44
N PRO A 34 -9.38 -5.23 13.59
CA PRO A 34 -9.60 -5.12 12.16
C PRO A 34 -11.06 -5.31 11.77
N SER A 35 -11.41 -4.89 10.56
CA SER A 35 -12.78 -5.01 10.06
C SER A 35 -13.66 -3.87 10.58
N ILE A 36 -13.66 -3.68 11.90
CA ILE A 36 -14.46 -2.63 12.53
C ILE A 36 -14.24 -1.28 11.85
N GLU A 37 -13.03 -1.07 11.34
CA GLU A 37 -12.70 0.19 10.67
C GLU A 37 -12.75 0.02 9.16
N ASP A 38 -12.15 -1.07 8.67
CA ASP A 38 -12.13 -1.36 7.24
C ASP A 38 -11.25 -0.35 6.49
N SER A 39 -11.69 0.91 6.48
CA SER A 39 -10.94 1.96 5.80
C SER A 39 -10.63 3.12 6.75
N TYR A 40 -9.69 3.96 6.36
CA TYR A 40 -9.30 5.11 7.17
C TYR A 40 -9.32 6.38 6.33
N ARG A 41 -9.63 7.51 6.96
CA ARG A 41 -9.68 8.78 6.27
C ARG A 41 -8.69 9.78 6.87
N LYS A 42 -7.91 10.43 6.01
CA LYS A 42 -6.92 11.39 6.44
C LYS A 42 -6.78 12.52 5.43
N GLN A 43 -6.66 13.75 5.92
CA GLN A 43 -6.52 14.91 5.05
C GLN A 43 -5.07 15.34 4.94
N VAL A 44 -4.59 15.48 3.70
CA VAL A 44 -3.21 15.89 3.45
C VAL A 44 -3.07 16.57 2.10
N VAL A 45 -2.23 17.59 2.03
CA VAL A 45 -2.00 18.33 0.79
C VAL A 45 -0.91 17.68 -0.04
N ILE A 46 -1.30 17.09 -1.17
CA ILE A 46 -0.35 16.44 -2.06
C ILE A 46 -0.32 17.11 -3.42
N ASP A 47 0.87 17.41 -3.90
CA ASP A 47 1.04 18.07 -5.20
C ASP A 47 0.55 19.51 -5.15
N GLY A 48 0.38 20.05 -3.94
CA GLY A 48 -0.08 21.42 -3.80
C GLY A 48 -1.59 21.53 -3.76
N GLU A 49 -2.29 20.40 -3.87
CA GLU A 49 -3.74 20.39 -3.85
C GLU A 49 -4.26 19.51 -2.70
N THR A 50 -5.03 20.12 -1.81
CA THR A 50 -5.58 19.40 -0.66
C THR A 50 -6.45 18.24 -1.13
N CYS A 51 -6.23 17.06 -0.56
CA CYS A 51 -7.00 15.88 -0.93
C CYS A 51 -7.22 14.98 0.27
N LEU A 52 -8.30 14.19 0.22
CA LEU A 52 -8.62 13.27 1.29
C LEU A 52 -8.02 11.91 1.00
N LEU A 53 -7.04 11.52 1.81
CA LEU A 53 -6.37 10.24 1.63
C LEU A 53 -7.10 9.13 2.35
N ASP A 54 -8.05 8.51 1.67
CA ASP A 54 -8.82 7.40 2.25
C ASP A 54 -8.05 6.10 2.08
N ILE A 55 -7.44 5.63 3.16
CA ILE A 55 -6.66 4.39 3.11
C ILE A 55 -7.53 3.18 3.41
N LEU A 56 -7.51 2.23 2.48
CA LEU A 56 -8.29 1.00 2.62
C LEU A 56 -7.38 -0.20 2.86
N ASP A 57 -7.35 -0.67 4.11
CA ASP A 57 -6.52 -1.83 4.47
C ASP A 57 -7.17 -3.12 3.98
N THR A 58 -6.34 -4.06 3.56
CA THR A 58 -6.82 -5.36 3.07
C THR A 58 -6.17 -6.50 3.83
N ALA A 59 -6.62 -7.72 3.54
CA ALA A 59 -6.08 -8.91 4.20
C ALA A 59 -4.68 -9.23 3.68
N GLY A 60 -3.87 -9.84 4.54
CA GLY A 60 -2.51 -10.19 4.17
C GLY A 60 -2.29 -11.69 4.14
N GLN A 61 -2.58 -12.32 3.01
CA GLN A 61 -2.40 -13.76 2.87
C GLN A 61 -3.25 -14.52 3.88
N GLU A 62 -4.44 -14.94 3.45
CA GLU A 62 -5.35 -15.69 4.32
C GLU A 62 -6.60 -16.12 3.56
N GLU A 63 -6.42 -16.49 2.30
CA GLU A 63 -7.53 -16.92 1.46
C GLU A 63 -8.64 -15.87 1.44
N TYR A 64 -8.27 -14.62 1.22
CA TYR A 64 -9.22 -13.52 1.18
C TYR A 64 -9.26 -12.90 -0.21
N SER A 65 -9.86 -13.61 -1.15
CA SER A 65 -9.97 -13.13 -2.53
C SER A 65 -11.32 -12.49 -2.78
N ALA A 66 -12.34 -12.98 -2.08
CA ALA A 66 -13.70 -12.45 -2.23
C ALA A 66 -13.75 -10.96 -1.94
N MET A 67 -13.25 -10.57 -0.78
CA MET A 67 -13.24 -9.16 -0.38
C MET A 67 -12.14 -8.39 -1.11
N ARG A 68 -11.05 -9.09 -1.45
CA ARG A 68 -9.94 -8.47 -2.16
C ARG A 68 -10.43 -7.73 -3.40
N ASP A 69 -11.25 -8.39 -4.19
CA ASP A 69 -11.80 -7.81 -5.40
C ASP A 69 -12.69 -6.61 -5.06
N GLN A 70 -13.47 -6.74 -3.99
CA GLN A 70 -14.35 -5.66 -3.56
C GLN A 70 -13.57 -4.39 -3.26
N TYR A 71 -12.45 -4.53 -2.57
CA TYR A 71 -11.61 -3.39 -2.22
C TYR A 71 -11.15 -2.68 -3.48
N MET A 72 -10.68 -3.46 -4.45
CA MET A 72 -10.19 -2.92 -5.71
C MET A 72 -11.32 -2.28 -6.52
N ARG A 73 -12.46 -2.95 -6.58
CA ARG A 73 -13.61 -2.46 -7.33
C ARG A 73 -14.05 -1.08 -6.84
N THR A 74 -13.81 -0.79 -5.56
CA THR A 74 -14.19 0.50 -5.00
C THR A 74 -12.98 1.39 -4.74
N GLY A 75 -11.78 0.85 -4.96
CA GLY A 75 -10.58 1.63 -4.75
C GLY A 75 -10.04 2.24 -6.03
N GLU A 76 -9.38 3.39 -5.91
CA GLU A 76 -8.82 4.08 -7.06
C GLU A 76 -7.39 3.63 -7.32
N GLY A 77 -6.49 3.96 -6.40
CA GLY A 77 -5.09 3.58 -6.54
C GLY A 77 -4.67 2.61 -5.45
N PHE A 78 -4.08 1.49 -5.86
CA PHE A 78 -3.64 0.47 -4.91
C PHE A 78 -2.16 0.60 -4.59
N LEU A 79 -1.85 0.73 -3.30
CA LEU A 79 -0.47 0.84 -2.85
C LEU A 79 0.12 -0.55 -2.63
N CYS A 80 1.27 -0.80 -3.23
CA CYS A 80 1.93 -2.10 -3.10
C CYS A 80 2.99 -2.07 -2.00
N VAL A 81 2.72 -2.79 -0.92
CA VAL A 81 3.65 -2.85 0.20
C VAL A 81 4.38 -4.19 0.26
N PHE A 82 5.70 -4.13 0.18
CA PHE A 82 6.52 -5.34 0.22
C PHE A 82 7.47 -5.29 1.41
N ALA A 83 7.82 -6.45 1.93
CA ALA A 83 8.73 -6.54 3.07
C ALA A 83 10.12 -6.98 2.64
N ILE A 84 11.15 -6.31 3.17
CA ILE A 84 12.53 -6.64 2.84
C ILE A 84 13.01 -7.84 3.63
N ASN A 85 12.51 -7.97 4.87
CA ASN A 85 12.88 -9.09 5.73
C ASN A 85 12.06 -10.33 5.40
N ASN A 86 10.90 -10.11 4.79
CA ASN A 86 10.01 -11.20 4.41
C ASN A 86 9.93 -11.35 2.90
N THR A 87 10.83 -12.16 2.34
CA THR A 87 10.85 -12.37 0.90
C THR A 87 9.50 -12.86 0.38
N LYS A 88 8.74 -13.52 1.26
CA LYS A 88 7.43 -14.03 0.90
C LYS A 88 6.54 -12.90 0.36
N SER A 89 6.81 -11.68 0.81
CA SER A 89 6.04 -10.52 0.37
C SER A 89 6.48 -10.07 -1.01
N PHE A 90 7.75 -10.28 -1.33
CA PHE A 90 8.29 -9.90 -2.63
C PHE A 90 7.53 -10.60 -3.75
N GLU A 91 7.17 -11.86 -3.52
CA GLU A 91 6.45 -12.65 -4.52
C GLU A 91 5.01 -12.17 -4.64
N ASP A 92 4.39 -11.82 -3.51
CA ASP A 92 3.01 -11.36 -3.47
C ASP A 92 2.79 -10.15 -4.38
N ILE A 93 3.79 -9.26 -4.44
CA ILE A 93 3.68 -8.05 -5.24
C ILE A 93 3.32 -8.33 -6.70
N HIS A 94 3.98 -9.31 -7.31
CA HIS A 94 3.70 -9.64 -8.71
C HIS A 94 2.37 -10.35 -8.88
N GLN A 95 2.13 -11.38 -8.06
CA GLN A 95 0.88 -12.13 -8.15
C GLN A 95 -0.31 -11.24 -7.82
N TYR A 96 -0.13 -10.32 -6.89
CA TYR A 96 -1.18 -9.41 -6.48
C TYR A 96 -1.57 -8.47 -7.63
N ARG A 97 -0.55 -7.89 -8.26
CA ARG A 97 -0.77 -6.96 -9.37
C ARG A 97 -1.58 -7.62 -10.49
N GLU A 98 -1.33 -8.90 -10.73
CA GLU A 98 -2.03 -9.64 -11.77
C GLU A 98 -3.54 -9.64 -11.52
N GLN A 99 -3.93 -9.68 -10.26
CA GLN A 99 -5.34 -9.68 -9.89
C GLN A 99 -5.94 -8.28 -10.00
N ILE A 100 -5.11 -7.27 -9.80
CA ILE A 100 -5.56 -5.88 -9.87
C ILE A 100 -6.10 -5.54 -11.26
N LYS A 101 -5.36 -5.90 -12.29
CA LYS A 101 -5.75 -5.62 -13.67
C LYS A 101 -7.14 -6.17 -13.97
N ARG A 102 -7.49 -7.30 -13.36
CA ARG A 102 -8.79 -7.92 -13.59
C ARG A 102 -9.93 -7.11 -12.99
N VAL A 103 -9.80 -6.76 -11.72
CA VAL A 103 -10.85 -5.99 -11.03
C VAL A 103 -10.86 -4.53 -11.46
N LYS A 104 -9.68 -3.95 -11.64
CA LYS A 104 -9.57 -2.55 -12.04
C LYS A 104 -10.01 -2.36 -13.49
N ASP A 105 -10.03 -3.45 -14.26
CA ASP A 105 -10.42 -3.39 -15.66
C ASP A 105 -9.57 -2.38 -16.42
N SER A 106 -8.35 -2.17 -15.95
CA SER A 106 -7.43 -1.23 -16.58
C SER A 106 -6.00 -1.75 -16.53
N ASP A 107 -5.10 -1.09 -17.26
CA ASP A 107 -3.70 -1.50 -17.30
C ASP A 107 -2.85 -0.53 -16.46
N ASP A 108 -2.70 0.69 -16.96
CA ASP A 108 -1.93 1.70 -16.26
C ASP A 108 -2.79 2.39 -15.20
N VAL A 109 -2.71 1.88 -13.97
CA VAL A 109 -3.49 2.43 -12.87
C VAL A 109 -2.59 2.89 -11.73
N PRO A 110 -3.06 3.87 -10.93
CA PRO A 110 -2.30 4.40 -9.79
C PRO A 110 -1.76 3.30 -8.89
N MET A 111 -0.44 3.19 -8.82
CA MET A 111 0.21 2.18 -7.99
C MET A 111 1.57 2.67 -7.50
N VAL A 112 1.98 2.18 -6.33
CA VAL A 112 3.26 2.56 -5.74
C VAL A 112 3.87 1.41 -4.95
N LEU A 113 5.17 1.22 -5.11
CA LEU A 113 5.89 0.15 -4.41
C LEU A 113 6.59 0.71 -3.18
N VAL A 114 6.08 0.36 -2.00
CA VAL A 114 6.66 0.83 -0.75
C VAL A 114 7.18 -0.33 0.09
N GLY A 115 8.49 -0.35 0.32
CA GLY A 115 9.08 -1.40 1.12
C GLY A 115 8.80 -1.20 2.60
N ASN A 116 7.73 -1.82 3.08
CA ASN A 116 7.34 -1.69 4.48
C ASN A 116 8.34 -2.42 5.38
N LYS A 117 8.87 -1.69 6.36
CA LYS A 117 9.85 -2.24 7.30
C LYS A 117 11.27 -2.14 6.73
N CYS A 118 11.93 -1.03 7.02
CA CYS A 118 13.28 -0.79 6.53
C CYS A 118 14.24 -0.52 7.68
N ASP A 119 13.77 0.21 8.68
CA ASP A 119 14.59 0.55 9.85
C ASP A 119 15.21 -0.71 10.45
N LEU A 120 14.40 -1.74 10.62
CA LEU A 120 14.87 -3.01 11.19
C LEU A 120 16.13 -3.50 10.48
N ALA A 121 16.98 -4.23 11.20
CA ALA A 121 18.22 -4.76 10.64
C ALA A 121 18.07 -6.24 10.31
N ALA A 122 17.36 -6.54 9.23
CA ALA A 122 17.15 -7.91 8.81
C ALA A 122 16.65 -7.96 7.37
N ARG A 123 17.12 -7.03 6.54
CA ARG A 123 16.71 -6.96 5.14
C ARG A 123 17.22 -8.18 4.37
N THR A 124 16.29 -9.04 3.98
CA THR A 124 16.64 -10.24 3.23
C THR A 124 16.66 -9.93 1.73
N VAL A 125 15.65 -9.22 1.27
CA VAL A 125 15.55 -8.85 -0.14
C VAL A 125 16.21 -7.49 -0.38
N GLU A 126 17.32 -7.49 -1.12
CA GLU A 126 18.05 -6.27 -1.43
C GLU A 126 17.14 -5.24 -2.09
N SER A 127 17.43 -3.96 -1.85
CA SER A 127 16.64 -2.88 -2.42
C SER A 127 16.53 -3.01 -3.93
N ARG A 128 17.56 -3.59 -4.55
CA ARG A 128 17.56 -3.78 -5.99
C ARG A 128 16.36 -4.61 -6.44
N GLN A 129 16.08 -5.68 -5.72
CA GLN A 129 14.95 -6.55 -6.03
C GLN A 129 13.63 -5.80 -5.94
N ALA A 130 13.47 -5.02 -4.87
CA ALA A 130 12.25 -4.24 -4.67
C ALA A 130 12.17 -3.07 -5.64
N GLN A 131 13.32 -2.44 -5.89
CA GLN A 131 13.38 -1.30 -6.80
C GLN A 131 12.99 -1.70 -8.21
N ASP A 132 13.59 -2.78 -8.70
CA ASP A 132 13.30 -3.27 -10.05
C ASP A 132 11.87 -3.77 -10.15
N LEU A 133 11.31 -4.22 -9.03
CA LEU A 133 9.94 -4.73 -9.01
C LEU A 133 8.96 -3.62 -9.42
N ALA A 134 9.15 -2.43 -8.88
CA ALA A 134 8.30 -1.29 -9.20
C ALA A 134 8.45 -0.90 -10.66
N ARG A 135 9.68 -0.96 -11.15
CA ARG A 135 9.96 -0.61 -12.53
C ARG A 135 9.16 -1.48 -13.49
N SER A 136 8.92 -2.73 -13.08
CA SER A 136 8.16 -3.67 -13.91
C SER A 136 6.70 -3.24 -14.01
N TYR A 137 6.27 -2.37 -13.09
CA TYR A 137 4.89 -1.90 -13.08
C TYR A 137 4.81 -0.40 -13.38
N GLY A 138 5.95 0.19 -13.75
CA GLY A 138 5.98 1.61 -14.06
C GLY A 138 5.46 2.46 -12.93
N ILE A 139 5.93 2.19 -11.72
CA ILE A 139 5.51 2.93 -10.53
C ILE A 139 6.70 3.29 -9.65
N PRO A 140 6.62 4.42 -8.93
CA PRO A 140 7.70 4.87 -8.04
C PRO A 140 7.89 3.94 -6.85
N TYR A 141 9.10 3.92 -6.30
CA TYR A 141 9.42 3.08 -5.16
C TYR A 141 9.94 3.90 -3.99
N ILE A 142 9.42 3.62 -2.79
CA ILE A 142 9.85 4.34 -1.60
C ILE A 142 9.93 3.42 -0.39
N GLU A 143 11.11 3.33 0.21
CA GLU A 143 11.32 2.48 1.38
C GLU A 143 10.79 3.17 2.63
N THR A 144 9.92 2.49 3.37
CA THR A 144 9.33 3.06 4.58
C THR A 144 9.25 2.03 5.70
N SER A 145 9.23 2.50 6.94
CA SER A 145 9.14 1.63 8.10
C SER A 145 7.95 2.02 8.98
N ALA A 146 6.95 1.15 9.01
CA ALA A 146 5.74 1.40 9.79
C ALA A 146 6.03 1.50 11.28
N LYS A 147 7.20 1.01 11.70
CA LYS A 147 7.58 1.05 13.11
C LYS A 147 8.18 2.39 13.48
N THR A 148 8.80 3.06 12.51
CA THR A 148 9.42 4.36 12.75
C THR A 148 8.65 5.49 12.06
N ARG A 149 7.61 5.13 11.31
CA ARG A 149 6.81 6.12 10.60
C ARG A 149 7.69 6.94 9.64
N GLN A 150 8.68 6.28 9.07
CA GLN A 150 9.60 6.93 8.14
C GLN A 150 9.26 6.55 6.69
N GLY A 151 8.91 7.55 5.89
CA GLY A 151 8.58 7.31 4.50
C GLY A 151 7.13 6.87 4.30
N VAL A 152 6.42 6.61 5.39
CA VAL A 152 5.03 6.18 5.30
C VAL A 152 4.19 7.18 4.51
N GLU A 153 4.37 8.47 4.82
CA GLU A 153 3.63 9.52 4.12
C GLU A 153 4.07 9.61 2.66
N ASP A 154 5.36 9.47 2.42
CA ASP A 154 5.91 9.54 1.08
C ASP A 154 5.27 8.48 0.18
N ALA A 155 5.23 7.24 0.67
CA ALA A 155 4.66 6.14 -0.07
C ALA A 155 3.17 6.36 -0.32
N PHE A 156 2.45 6.73 0.73
CA PHE A 156 1.01 6.97 0.63
C PHE A 156 0.71 8.19 -0.24
N TYR A 157 1.40 9.29 0.03
CA TYR A 157 1.21 10.52 -0.73
C TYR A 157 1.43 10.29 -2.22
N THR A 158 2.47 9.53 -2.54
CA THR A 158 2.81 9.24 -3.94
C THR A 158 1.64 8.57 -4.66
N LEU A 159 0.93 7.70 -3.95
CA LEU A 159 -0.20 6.98 -4.55
C LEU A 159 -1.30 7.94 -5.00
N VAL A 160 -1.64 8.91 -4.16
CA VAL A 160 -2.68 9.87 -4.48
C VAL A 160 -2.35 10.63 -5.77
N ARG A 161 -1.07 10.97 -5.94
CA ARG A 161 -0.63 11.70 -7.13
C ARG A 161 -1.11 11.02 -8.40
N GLU A 162 -0.98 9.70 -8.45
CA GLU A 162 -1.40 8.94 -9.62
C GLU A 162 -2.92 8.92 -9.73
N ILE A 163 -3.61 8.82 -8.60
CA ILE A 163 -5.07 8.80 -8.60
C ILE A 163 -5.64 10.16 -9.01
N ARG A 164 -4.97 11.22 -8.59
CA ARG A 164 -5.42 12.57 -8.91
C ARG A 164 -5.59 12.75 -10.42
N GLN A 165 -4.81 12.00 -11.19
CA GLN A 165 -4.89 12.07 -12.65
C GLN A 165 -6.13 11.36 -13.15
N HIS A 166 -6.56 10.34 -12.42
CA HIS A 166 -7.74 9.57 -12.79
C HIS A 166 -9.01 10.39 -12.59
N MET A 1 -13.39 17.89 0.76
CA MET A 1 -12.39 17.85 -0.34
C MET A 1 -12.53 16.56 -1.15
N THR A 2 -11.63 16.37 -2.11
CA THR A 2 -11.66 15.19 -2.96
C THR A 2 -11.35 13.93 -2.14
N GLU A 3 -12.09 12.87 -2.42
CA GLU A 3 -11.91 11.60 -1.72
C GLU A 3 -11.15 10.60 -2.58
N TYR A 4 -10.17 9.93 -1.98
CA TYR A 4 -9.37 8.94 -2.69
C TYR A 4 -9.25 7.65 -1.88
N LYS A 5 -9.75 6.55 -2.45
CA LYS A 5 -9.69 5.26 -1.78
C LYS A 5 -8.44 4.49 -2.21
N LEU A 6 -7.43 4.48 -1.36
CA LEU A 6 -6.18 3.78 -1.66
C LEU A 6 -6.19 2.36 -1.12
N VAL A 7 -6.02 1.38 -2.01
CA VAL A 7 -6.01 -0.02 -1.62
C VAL A 7 -4.58 -0.51 -1.41
N VAL A 8 -4.23 -0.79 -0.16
CA VAL A 8 -2.89 -1.27 0.18
C VAL A 8 -2.85 -2.79 0.17
N VAL A 9 -1.97 -3.35 -0.65
CA VAL A 9 -1.82 -4.80 -0.75
C VAL A 9 -0.51 -5.27 -0.14
N GLY A 10 -0.54 -6.46 0.45
CA GLY A 10 0.65 -7.02 1.06
C GLY A 10 0.45 -8.46 1.51
N ALA A 11 1.48 -9.27 1.42
CA ALA A 11 1.40 -10.67 1.82
C ALA A 11 2.28 -10.97 3.03
N GLY A 12 1.71 -11.67 4.01
CA GLY A 12 2.45 -12.02 5.20
C GLY A 12 2.82 -10.83 6.05
N GLY A 13 3.89 -10.97 6.83
CA GLY A 13 4.34 -9.90 7.70
C GLY A 13 4.89 -8.71 6.93
N VAL A 14 4.00 -7.99 6.24
CA VAL A 14 4.41 -6.83 5.46
C VAL A 14 4.19 -5.55 6.25
N GLY A 15 3.18 -5.56 7.11
CA GLY A 15 2.88 -4.40 7.93
C GLY A 15 2.11 -3.33 7.18
N LYS A 16 1.40 -3.74 6.13
CA LYS A 16 0.61 -2.81 5.33
C LYS A 16 -0.25 -1.92 6.23
N SER A 17 -0.98 -2.56 7.15
CA SER A 17 -1.84 -1.83 8.08
C SER A 17 -1.00 -1.12 9.14
N ALA A 18 0.17 -1.67 9.44
CA ALA A 18 1.06 -1.09 10.44
C ALA A 18 1.40 0.36 10.13
N LEU A 19 1.91 0.60 8.92
CA LEU A 19 2.27 1.96 8.52
C LEU A 19 1.03 2.81 8.27
N THR A 20 -0.05 2.15 7.86
CA THR A 20 -1.31 2.84 7.59
C THR A 20 -1.80 3.60 8.83
N ILE A 21 -1.76 2.94 9.98
CA ILE A 21 -2.19 3.56 11.23
C ILE A 21 -1.35 4.81 11.53
N GLN A 22 -0.08 4.77 11.13
CA GLN A 22 0.81 5.90 11.35
C GLN A 22 0.40 7.08 10.48
N LEU A 23 0.06 6.80 9.24
CA LEU A 23 -0.35 7.85 8.31
C LEU A 23 -1.73 8.40 8.68
N ILE A 24 -2.67 7.50 8.91
CA ILE A 24 -4.04 7.90 9.25
C ILE A 24 -4.23 8.22 10.73
N GLN A 25 -3.77 7.32 11.61
CA GLN A 25 -3.93 7.51 13.05
C GLN A 25 -2.69 8.14 13.70
N ASN A 26 -1.65 8.38 12.91
CA ASN A 26 -0.42 8.95 13.45
C ASN A 26 0.18 8.08 14.53
N HIS A 27 -0.09 6.78 14.47
CA HIS A 27 0.43 5.84 15.46
C HIS A 27 0.62 4.46 14.85
N PHE A 28 1.29 3.59 15.59
CA PHE A 28 1.56 2.23 15.13
C PHE A 28 0.39 1.30 15.45
N VAL A 29 0.04 0.45 14.49
CA VAL A 29 -1.06 -0.49 14.66
C VAL A 29 -0.82 -1.40 15.87
N ASP A 30 -1.50 -2.55 15.91
CA ASP A 30 -1.36 -3.48 17.03
C ASP A 30 -2.16 -3.02 18.23
N GLU A 31 -3.14 -2.15 17.98
CA GLU A 31 -4.00 -1.63 19.04
C GLU A 31 -5.36 -1.20 18.47
N TYR A 32 -5.76 -1.86 17.39
CA TYR A 32 -7.03 -1.55 16.74
C TYR A 32 -7.84 -2.83 16.51
N ASP A 33 -9.14 -2.66 16.26
CA ASP A 33 -10.02 -3.79 16.03
C ASP A 33 -10.30 -3.98 14.54
N PRO A 34 -9.82 -5.08 13.93
CA PRO A 34 -10.03 -5.36 12.51
C PRO A 34 -11.44 -5.82 12.20
N SER A 35 -11.89 -5.57 10.97
CA SER A 35 -13.23 -5.96 10.52
C SER A 35 -14.29 -4.97 10.99
N ILE A 36 -13.90 -4.02 11.84
CA ILE A 36 -14.84 -3.02 12.36
C ILE A 36 -15.10 -1.95 11.31
N GLU A 37 -14.03 -1.38 10.76
CA GLU A 37 -14.15 -0.34 9.75
C GLU A 37 -13.68 -0.85 8.40
N ASP A 38 -12.46 -1.37 8.36
CA ASP A 38 -11.87 -1.91 7.12
C ASP A 38 -11.38 -0.78 6.21
N SER A 39 -11.59 0.47 6.62
CA SER A 39 -11.17 1.61 5.82
C SER A 39 -10.73 2.76 6.72
N TYR A 40 -9.62 3.40 6.36
CA TYR A 40 -9.09 4.51 7.15
C TYR A 40 -9.32 5.83 6.41
N ARG A 41 -9.29 6.94 7.16
CA ARG A 41 -9.50 8.26 6.57
C ARG A 41 -8.48 9.27 7.11
N LYS A 42 -8.05 10.18 6.25
CA LYS A 42 -7.09 11.21 6.61
C LYS A 42 -7.06 12.32 5.57
N GLN A 43 -6.85 13.55 6.03
CA GLN A 43 -6.82 14.70 5.14
C GLN A 43 -5.41 15.28 5.04
N VAL A 44 -4.91 15.44 3.81
CA VAL A 44 -3.59 15.98 3.58
C VAL A 44 -3.54 16.73 2.26
N VAL A 45 -2.54 17.60 2.11
CA VAL A 45 -2.37 18.38 0.89
C VAL A 45 -1.19 17.86 0.07
N ILE A 46 -1.50 17.30 -1.11
CA ILE A 46 -0.48 16.77 -1.98
C ILE A 46 -0.46 17.52 -3.32
N ASP A 47 0.74 17.89 -3.75
CA ASP A 47 0.90 18.62 -5.02
C ASP A 47 0.34 20.04 -4.90
N GLY A 48 0.08 20.48 -3.67
CA GLY A 48 -0.45 21.82 -3.45
C GLY A 48 -1.97 21.84 -3.46
N GLU A 49 -2.59 20.68 -3.27
CA GLU A 49 -4.03 20.57 -3.26
C GLU A 49 -4.50 19.73 -2.07
N THR A 50 -5.34 20.32 -1.23
CA THR A 50 -5.86 19.62 -0.06
C THR A 50 -6.83 18.53 -0.48
N CYS A 51 -6.39 17.28 -0.37
CA CYS A 51 -7.22 16.14 -0.75
C CYS A 51 -7.44 15.20 0.43
N LEU A 52 -8.29 14.20 0.24
CA LEU A 52 -8.58 13.23 1.28
C LEU A 52 -7.88 11.89 0.99
N LEU A 53 -7.01 11.47 1.89
CA LEU A 53 -6.27 10.23 1.73
C LEU A 53 -6.94 9.08 2.46
N ASP A 54 -7.94 8.47 1.82
CA ASP A 54 -8.66 7.35 2.41
C ASP A 54 -7.89 6.06 2.17
N ILE A 55 -7.21 5.57 3.21
CA ILE A 55 -6.43 4.34 3.10
C ILE A 55 -7.27 3.12 3.42
N LEU A 56 -7.34 2.20 2.47
CA LEU A 56 -8.12 0.97 2.64
C LEU A 56 -7.21 -0.22 2.91
N ASP A 57 -7.15 -0.65 4.17
CA ASP A 57 -6.31 -1.77 4.57
C ASP A 57 -6.99 -3.10 4.26
N THR A 58 -6.19 -4.12 3.98
CA THR A 58 -6.72 -5.44 3.68
C THR A 58 -6.04 -6.51 4.54
N ALA A 59 -6.51 -7.74 4.42
CA ALA A 59 -5.95 -8.86 5.19
C ALA A 59 -4.57 -9.25 4.67
N GLY A 60 -3.73 -9.77 5.57
CA GLY A 60 -2.40 -10.18 5.17
C GLY A 60 -1.97 -11.48 5.80
N GLN A 61 -2.68 -12.56 5.47
CA GLN A 61 -2.38 -13.88 6.00
C GLN A 61 -2.95 -14.98 5.12
N GLU A 62 -4.25 -15.24 5.27
CA GLU A 62 -4.93 -16.27 4.48
C GLU A 62 -5.36 -15.72 3.13
N GLU A 63 -6.10 -16.54 2.38
CA GLU A 63 -6.58 -16.13 1.06
C GLU A 63 -7.82 -15.25 1.19
N TYR A 64 -7.64 -13.96 0.94
CA TYR A 64 -8.75 -13.01 1.02
C TYR A 64 -9.19 -12.57 -0.37
N SER A 65 -9.02 -13.46 -1.34
CA SER A 65 -9.40 -13.18 -2.72
C SER A 65 -10.82 -12.65 -2.82
N ALA A 66 -11.71 -13.21 -1.99
CA ALA A 66 -13.11 -12.80 -2.00
C ALA A 66 -13.24 -11.30 -1.72
N MET A 67 -12.67 -10.86 -0.62
CA MET A 67 -12.72 -9.45 -0.25
C MET A 67 -11.76 -8.63 -1.09
N ARG A 68 -10.66 -9.25 -1.51
CA ARG A 68 -9.66 -8.57 -2.33
C ARG A 68 -10.30 -7.89 -3.53
N ASP A 69 -11.06 -8.67 -4.31
CA ASP A 69 -11.74 -8.14 -5.49
C ASP A 69 -12.63 -6.97 -5.13
N GLN A 70 -13.15 -6.99 -3.91
CA GLN A 70 -14.02 -5.91 -3.43
C GLN A 70 -13.22 -4.62 -3.24
N TYR A 71 -12.08 -4.72 -2.56
CA TYR A 71 -11.24 -3.56 -2.32
C TYR A 71 -10.81 -2.92 -3.63
N MET A 72 -10.43 -3.76 -4.59
CA MET A 72 -9.97 -3.28 -5.90
C MET A 72 -11.08 -2.61 -6.68
N ARG A 73 -12.22 -3.30 -6.81
CA ARG A 73 -13.35 -2.77 -7.56
C ARG A 73 -13.86 -1.43 -7.01
N THR A 74 -13.55 -1.15 -5.76
CA THR A 74 -13.99 0.10 -5.13
C THR A 74 -12.82 1.06 -4.92
N GLY A 75 -11.61 0.52 -4.90
CA GLY A 75 -10.44 1.35 -4.68
C GLY A 75 -9.88 1.94 -5.97
N GLU A 76 -9.31 3.14 -5.88
CA GLU A 76 -8.75 3.81 -7.04
C GLU A 76 -7.28 3.40 -7.23
N GLY A 77 -6.43 3.85 -6.31
CA GLY A 77 -5.02 3.52 -6.39
C GLY A 77 -4.68 2.30 -5.55
N PHE A 78 -3.63 1.58 -5.95
CA PHE A 78 -3.23 0.39 -5.21
C PHE A 78 -1.79 0.50 -4.72
N LEU A 79 -1.62 0.56 -3.41
CA LEU A 79 -0.30 0.66 -2.80
C LEU A 79 0.24 -0.73 -2.47
N CYS A 80 1.32 -1.11 -3.14
CA CYS A 80 1.92 -2.41 -2.92
C CYS A 80 3.07 -2.33 -1.92
N VAL A 81 2.88 -2.95 -0.76
CA VAL A 81 3.89 -2.94 0.28
C VAL A 81 4.53 -4.32 0.42
N PHE A 82 5.87 -4.36 0.40
CA PHE A 82 6.59 -5.62 0.54
C PHE A 82 7.50 -5.60 1.77
N ALA A 83 7.73 -6.76 2.34
CA ALA A 83 8.58 -6.88 3.52
C ALA A 83 9.99 -7.31 3.14
N ILE A 84 10.99 -6.67 3.72
CA ILE A 84 12.38 -6.98 3.43
C ILE A 84 12.78 -8.33 4.04
N ASN A 85 12.22 -8.65 5.19
CA ASN A 85 12.52 -9.91 5.86
C ASN A 85 11.62 -11.04 5.35
N ASN A 86 10.49 -10.67 4.77
CA ASN A 86 9.55 -11.65 4.24
C ASN A 86 9.56 -11.65 2.71
N THR A 87 10.34 -12.55 2.13
CA THR A 87 10.43 -12.65 0.68
C THR A 87 9.08 -12.98 0.05
N LYS A 88 8.23 -13.65 0.82
CA LYS A 88 6.91 -14.03 0.34
C LYS A 88 6.17 -12.82 -0.21
N SER A 89 6.27 -11.70 0.50
CA SER A 89 5.61 -10.46 0.10
C SER A 89 6.11 -10.00 -1.27
N PHE A 90 7.38 -10.28 -1.56
CA PHE A 90 7.96 -9.89 -2.84
C PHE A 90 7.19 -10.52 -4.00
N GLU A 91 6.80 -11.77 -3.82
CA GLU A 91 6.05 -12.49 -4.84
C GLU A 91 4.62 -11.96 -4.96
N ASP A 92 4.03 -11.62 -3.82
CA ASP A 92 2.66 -11.12 -3.80
C ASP A 92 2.49 -9.89 -4.68
N ILE A 93 3.52 -9.04 -4.73
CA ILE A 93 3.46 -7.81 -5.51
C ILE A 93 3.10 -8.06 -6.98
N HIS A 94 3.73 -9.05 -7.60
CA HIS A 94 3.45 -9.35 -9.00
C HIS A 94 2.09 -10.02 -9.19
N GLN A 95 1.82 -11.05 -8.39
CA GLN A 95 0.55 -11.77 -8.48
C GLN A 95 -0.61 -10.87 -8.11
N TYR A 96 -0.40 -9.98 -7.14
CA TYR A 96 -1.44 -9.05 -6.71
C TYR A 96 -1.76 -8.05 -7.81
N ARG A 97 -0.73 -7.41 -8.35
CA ARG A 97 -0.89 -6.43 -9.41
C ARG A 97 -1.69 -7.01 -10.59
N GLU A 98 -1.41 -8.27 -10.90
CA GLU A 98 -2.09 -8.95 -12.00
C GLU A 98 -3.60 -9.01 -11.75
N GLN A 99 -3.97 -9.14 -10.47
CA GLN A 99 -5.37 -9.23 -10.08
C GLN A 99 -6.04 -7.85 -10.15
N ILE A 100 -5.27 -6.80 -9.85
CA ILE A 100 -5.79 -5.44 -9.88
C ILE A 100 -6.26 -5.08 -11.29
N LYS A 101 -5.49 -5.49 -12.30
CA LYS A 101 -5.82 -5.20 -13.68
C LYS A 101 -7.06 -5.98 -14.12
N ARG A 102 -7.25 -7.16 -13.56
CA ARG A 102 -8.39 -8.00 -13.90
C ARG A 102 -9.70 -7.34 -13.47
N VAL A 103 -9.77 -6.92 -12.21
CA VAL A 103 -10.98 -6.28 -11.69
C VAL A 103 -11.10 -4.84 -12.19
N LYS A 104 -9.96 -4.15 -12.25
CA LYS A 104 -9.95 -2.77 -12.71
C LYS A 104 -10.16 -2.68 -14.22
N ASP A 105 -9.93 -3.79 -14.91
CA ASP A 105 -10.09 -3.84 -16.36
C ASP A 105 -9.32 -2.71 -17.03
N SER A 106 -8.19 -2.32 -16.45
CA SER A 106 -7.37 -1.26 -16.99
C SER A 106 -5.95 -1.75 -17.29
N ASP A 107 -5.09 -0.84 -17.71
CA ASP A 107 -3.71 -1.17 -18.03
C ASP A 107 -2.76 -0.42 -17.09
N ASP A 108 -2.84 0.90 -17.10
CA ASP A 108 -2.00 1.73 -16.25
C ASP A 108 -2.83 2.46 -15.20
N VAL A 109 -2.94 1.87 -14.02
CA VAL A 109 -3.72 2.47 -12.94
C VAL A 109 -2.81 2.90 -11.79
N PRO A 110 -3.27 3.87 -10.97
CA PRO A 110 -2.50 4.39 -9.84
C PRO A 110 -1.96 3.28 -8.94
N MET A 111 -0.64 3.23 -8.81
CA MET A 111 0.02 2.23 -7.97
C MET A 111 1.37 2.73 -7.47
N VAL A 112 1.74 2.28 -6.28
CA VAL A 112 3.01 2.68 -5.68
C VAL A 112 3.58 1.56 -4.81
N LEU A 113 4.85 1.24 -5.03
CA LEU A 113 5.51 0.17 -4.26
C LEU A 113 6.29 0.76 -3.09
N VAL A 114 6.08 0.19 -1.90
CA VAL A 114 6.76 0.67 -0.71
C VAL A 114 7.29 -0.50 0.13
N GLY A 115 8.61 -0.52 0.31
CA GLY A 115 9.22 -1.59 1.10
C GLY A 115 9.06 -1.35 2.58
N ASN A 116 8.01 -1.93 3.16
CA ASN A 116 7.73 -1.79 4.58
C ASN A 116 8.64 -2.71 5.41
N LYS A 117 8.78 -2.38 6.69
CA LYS A 117 9.60 -3.17 7.59
C LYS A 117 11.07 -3.15 7.15
N CYS A 118 11.45 -2.09 6.43
CA CYS A 118 12.82 -1.95 5.95
C CYS A 118 13.78 -1.61 7.09
N ASP A 119 13.24 -1.02 8.16
CA ASP A 119 14.06 -0.63 9.30
C ASP A 119 14.06 -1.71 10.38
N LEU A 120 13.71 -2.94 10.00
CA LEU A 120 13.68 -4.04 10.94
C LEU A 120 15.09 -4.45 11.34
N ALA A 121 15.78 -5.19 10.46
CA ALA A 121 17.14 -5.65 10.72
C ALA A 121 17.54 -6.75 9.75
N ALA A 122 16.59 -7.63 9.43
CA ALA A 122 16.85 -8.73 8.52
C ALA A 122 16.17 -8.51 7.17
N ARG A 123 16.90 -7.91 6.24
CA ARG A 123 16.36 -7.64 4.91
C ARG A 123 16.82 -8.71 3.92
N THR A 124 16.00 -9.73 3.75
CA THR A 124 16.32 -10.82 2.83
C THR A 124 16.32 -10.33 1.39
N VAL A 125 15.24 -9.65 1.00
CA VAL A 125 15.13 -9.11 -0.35
C VAL A 125 15.73 -7.71 -0.43
N GLU A 126 16.92 -7.63 -1.01
CA GLU A 126 17.63 -6.36 -1.15
C GLU A 126 16.76 -5.35 -1.90
N SER A 127 16.93 -4.07 -1.57
CA SER A 127 16.17 -3.01 -2.21
C SER A 127 16.28 -3.10 -3.74
N ARG A 128 17.38 -3.69 -4.21
CA ARG A 128 17.60 -3.83 -5.65
C ARG A 128 16.44 -4.56 -6.32
N GLN A 129 16.02 -5.68 -5.73
CA GLN A 129 14.93 -6.47 -6.26
C GLN A 129 13.61 -5.68 -6.26
N ALA A 130 13.33 -5.02 -5.15
CA ALA A 130 12.12 -4.23 -5.00
C ALA A 130 12.05 -3.13 -6.06
N GLN A 131 13.17 -2.45 -6.29
CA GLN A 131 13.22 -1.38 -7.28
C GLN A 131 12.82 -1.88 -8.66
N ASP A 132 13.50 -2.92 -9.13
CA ASP A 132 13.21 -3.50 -10.44
C ASP A 132 11.78 -4.01 -10.51
N LEU A 133 11.24 -4.42 -9.37
CA LEU A 133 9.88 -4.94 -9.31
C LEU A 133 8.86 -3.86 -9.65
N ALA A 134 9.04 -2.68 -9.08
CA ALA A 134 8.14 -1.56 -9.32
C ALA A 134 8.30 -1.02 -10.74
N ARG A 135 9.54 -0.93 -11.19
CA ARG A 135 9.85 -0.42 -12.53
C ARG A 135 9.15 -1.26 -13.60
N SER A 136 9.08 -2.57 -13.37
CA SER A 136 8.45 -3.48 -14.32
C SER A 136 6.98 -3.10 -14.52
N TYR A 137 6.42 -2.37 -13.57
CA TYR A 137 5.03 -1.96 -13.65
C TYR A 137 4.91 -0.49 -14.06
N GLY A 138 5.95 0.28 -13.77
CA GLY A 138 5.94 1.69 -14.13
C GLY A 138 5.39 2.56 -13.01
N ILE A 139 5.73 2.22 -11.77
CA ILE A 139 5.25 2.96 -10.61
C ILE A 139 6.42 3.36 -9.71
N PRO A 140 6.26 4.45 -8.93
CA PRO A 140 7.30 4.93 -8.02
C PRO A 140 7.61 3.93 -6.92
N TYR A 141 8.83 4.01 -6.39
CA TYR A 141 9.26 3.11 -5.33
C TYR A 141 9.82 3.91 -4.15
N ILE A 142 9.16 3.78 -3.00
CA ILE A 142 9.59 4.49 -1.80
C ILE A 142 9.67 3.55 -0.59
N GLU A 143 10.85 3.44 0.00
CA GLU A 143 11.05 2.59 1.16
C GLU A 143 10.58 3.28 2.43
N THR A 144 9.86 2.54 3.27
CA THR A 144 9.35 3.10 4.52
C THR A 144 9.29 2.03 5.61
N SER A 145 9.15 2.49 6.85
CA SER A 145 9.07 1.58 8.00
C SER A 145 8.01 2.05 8.98
N ALA A 146 6.94 1.27 9.11
CA ALA A 146 5.84 1.61 10.01
C ALA A 146 6.31 1.80 11.45
N LYS A 147 7.16 0.89 11.91
CA LYS A 147 7.67 0.94 13.27
C LYS A 147 8.46 2.22 13.55
N THR A 148 9.13 2.75 12.53
CA THR A 148 9.93 3.96 12.69
C THR A 148 9.21 5.18 12.14
N ARG A 149 8.14 4.97 11.37
CA ARG A 149 7.39 6.07 10.78
C ARG A 149 8.27 6.88 9.84
N GLN A 150 9.04 6.18 9.02
CA GLN A 150 9.94 6.82 8.07
C GLN A 150 9.47 6.60 6.63
N GLY A 151 9.18 7.69 5.92
CA GLY A 151 8.73 7.59 4.55
C GLY A 151 7.27 7.14 4.43
N VAL A 152 6.61 6.95 5.56
CA VAL A 152 5.21 6.53 5.56
C VAL A 152 4.36 7.42 4.67
N GLU A 153 4.42 8.73 4.93
CA GLU A 153 3.65 9.70 4.14
C GLU A 153 4.16 9.76 2.72
N ASP A 154 5.47 9.59 2.54
CA ASP A 154 6.08 9.64 1.21
C ASP A 154 5.46 8.60 0.29
N ALA A 155 5.33 7.37 0.79
CA ALA A 155 4.76 6.29 0.00
C ALA A 155 3.26 6.46 -0.19
N PHE A 156 2.57 6.84 0.88
CA PHE A 156 1.14 7.04 0.84
C PHE A 156 0.76 8.23 -0.05
N TYR A 157 1.42 9.35 0.17
CA TYR A 157 1.15 10.57 -0.60
C TYR A 157 1.36 10.33 -2.09
N THR A 158 2.41 9.60 -2.44
CA THR A 158 2.72 9.31 -3.84
C THR A 158 1.56 8.60 -4.53
N LEU A 159 0.89 7.72 -3.79
CA LEU A 159 -0.23 6.96 -4.33
C LEU A 159 -1.34 7.88 -4.82
N VAL A 160 -1.68 8.89 -4.00
CA VAL A 160 -2.73 9.83 -4.34
C VAL A 160 -2.43 10.56 -5.65
N ARG A 161 -1.16 10.92 -5.83
CA ARG A 161 -0.74 11.64 -7.04
C ARG A 161 -1.20 10.91 -8.29
N GLU A 162 -1.06 9.59 -8.28
CA GLU A 162 -1.47 8.76 -9.42
C GLU A 162 -2.98 8.75 -9.57
N ILE A 163 -3.69 8.61 -8.44
CA ILE A 163 -5.15 8.59 -8.46
C ILE A 163 -5.72 9.90 -8.97
N ARG A 164 -5.08 11.01 -8.61
CA ARG A 164 -5.53 12.33 -9.03
C ARG A 164 -5.68 12.41 -10.54
N GLN A 165 -4.96 11.54 -11.26
CA GLN A 165 -5.00 11.52 -12.72
C GLN A 165 -6.37 11.04 -13.20
N HIS A 166 -6.99 10.16 -12.41
CA HIS A 166 -8.30 9.62 -12.76
C HIS A 166 -9.41 10.42 -12.09
N MET A 1 -13.43 17.93 -0.05
CA MET A 1 -12.28 17.77 -0.98
C MET A 1 -12.42 16.51 -1.82
N THR A 2 -11.45 16.28 -2.70
CA THR A 2 -11.46 15.10 -3.55
C THR A 2 -11.30 13.82 -2.74
N GLU A 3 -12.07 12.80 -3.08
CA GLU A 3 -12.01 11.53 -2.38
C GLU A 3 -11.15 10.52 -3.14
N TYR A 4 -10.08 10.07 -2.50
CA TYR A 4 -9.18 9.10 -3.11
C TYR A 4 -9.13 7.81 -2.31
N LYS A 5 -9.68 6.73 -2.89
CA LYS A 5 -9.70 5.44 -2.23
C LYS A 5 -8.42 4.66 -2.53
N LEU A 6 -7.50 4.64 -1.58
CA LEU A 6 -6.23 3.93 -1.75
C LEU A 6 -6.27 2.56 -1.08
N VAL A 7 -6.30 1.51 -1.88
CA VAL A 7 -6.34 0.15 -1.36
C VAL A 7 -4.92 -0.41 -1.21
N VAL A 8 -4.49 -0.60 0.05
CA VAL A 8 -3.16 -1.13 0.32
C VAL A 8 -3.13 -2.65 0.13
N VAL A 9 -1.98 -3.16 -0.32
CA VAL A 9 -1.82 -4.58 -0.55
C VAL A 9 -0.45 -5.06 -0.09
N GLY A 10 -0.40 -6.27 0.46
CA GLY A 10 0.86 -6.82 0.93
C GLY A 10 0.73 -8.26 1.38
N ALA A 11 1.81 -8.83 1.87
CA ALA A 11 1.81 -10.22 2.34
C ALA A 11 1.76 -10.28 3.87
N GLY A 12 2.12 -11.44 4.42
CA GLY A 12 2.10 -11.61 5.85
C GLY A 12 3.42 -11.22 6.50
N GLY A 13 3.34 -10.54 7.65
CA GLY A 13 4.54 -10.12 8.34
C GLY A 13 4.98 -8.72 7.95
N VAL A 14 4.61 -8.30 6.75
CA VAL A 14 4.97 -6.97 6.27
C VAL A 14 4.29 -5.88 7.10
N GLY A 15 3.00 -6.08 7.37
CA GLY A 15 2.26 -5.12 8.16
C GLY A 15 1.75 -3.95 7.34
N LYS A 16 0.93 -4.25 6.32
CA LYS A 16 0.37 -3.20 5.46
C LYS A 16 -0.48 -2.24 6.28
N SER A 17 -1.33 -2.81 7.13
CA SER A 17 -2.21 -2.00 7.97
C SER A 17 -1.45 -1.32 9.10
N ALA A 18 -0.33 -1.92 9.51
CA ALA A 18 0.49 -1.37 10.58
C ALA A 18 0.91 0.06 10.26
N LEU A 19 1.49 0.26 9.08
CA LEU A 19 1.92 1.58 8.66
C LEU A 19 0.72 2.46 8.35
N THR A 20 -0.38 1.84 7.93
CA THR A 20 -1.59 2.56 7.61
C THR A 20 -2.08 3.37 8.80
N ILE A 21 -2.26 2.69 9.93
CA ILE A 21 -2.72 3.35 11.16
C ILE A 21 -1.77 4.48 11.54
N GLN A 22 -0.49 4.31 11.24
CA GLN A 22 0.51 5.31 11.55
C GLN A 22 0.21 6.61 10.80
N LEU A 23 -0.14 6.48 9.53
CA LEU A 23 -0.45 7.62 8.70
C LEU A 23 -1.79 8.27 9.11
N ILE A 24 -2.79 7.42 9.35
CA ILE A 24 -4.12 7.89 9.72
C ILE A 24 -4.24 8.20 11.21
N GLN A 25 -3.83 7.27 12.06
CA GLN A 25 -3.96 7.45 13.51
C GLN A 25 -2.64 7.81 14.18
N ASN A 26 -1.53 7.61 13.49
CA ASN A 26 -0.21 7.92 14.05
C ASN A 26 0.15 6.96 15.18
N HIS A 27 -0.19 5.69 15.00
CA HIS A 27 0.11 4.67 16.00
C HIS A 27 0.36 3.32 15.35
N PHE A 28 1.07 2.44 16.06
CA PHE A 28 1.38 1.12 15.54
C PHE A 28 0.22 0.15 15.77
N VAL A 29 -0.32 -0.37 14.66
CA VAL A 29 -1.44 -1.29 14.73
C VAL A 29 -1.07 -2.59 15.45
N ASP A 30 -1.95 -3.58 15.39
CA ASP A 30 -1.73 -4.89 16.03
C ASP A 30 -2.38 -4.95 17.41
N GLU A 31 -2.64 -3.77 17.99
CA GLU A 31 -3.26 -3.70 19.31
C GLU A 31 -4.69 -3.16 19.22
N TYR A 32 -5.01 -2.49 18.11
CA TYR A 32 -6.33 -1.93 17.90
C TYR A 32 -7.13 -2.75 16.89
N ASP A 33 -8.44 -2.56 16.87
CA ASP A 33 -9.31 -3.28 15.93
C ASP A 33 -9.07 -2.78 14.51
N PRO A 34 -8.51 -3.63 13.63
CA PRO A 34 -8.24 -3.27 12.24
C PRO A 34 -9.48 -3.35 11.36
N SER A 35 -9.57 -2.43 10.40
CA SER A 35 -10.69 -2.40 9.47
C SER A 35 -12.03 -2.29 10.23
N ILE A 36 -12.16 -1.25 11.04
CA ILE A 36 -13.37 -1.03 11.81
C ILE A 36 -14.51 -0.57 10.90
N GLU A 37 -14.21 0.39 10.04
CA GLU A 37 -15.21 0.91 9.12
C GLU A 37 -14.93 0.43 7.69
N ASP A 38 -14.07 -0.57 7.56
CA ASP A 38 -13.72 -1.14 6.25
C ASP A 38 -12.59 -0.33 5.60
N SER A 39 -12.72 0.99 5.62
CA SER A 39 -11.72 1.86 5.02
C SER A 39 -11.34 2.99 5.98
N TYR A 40 -10.14 3.53 5.80
CA TYR A 40 -9.65 4.62 6.64
C TYR A 40 -9.83 5.96 5.93
N ARG A 41 -9.76 7.05 6.69
CA ARG A 41 -9.91 8.38 6.11
C ARG A 41 -8.81 9.31 6.62
N LYS A 42 -8.41 10.26 5.76
CA LYS A 42 -7.37 11.21 6.12
C LYS A 42 -7.43 12.44 5.23
N GLN A 43 -7.12 13.59 5.80
CA GLN A 43 -7.13 14.85 5.05
C GLN A 43 -5.75 15.49 5.03
N VAL A 44 -5.13 15.52 3.85
CA VAL A 44 -3.80 16.11 3.69
C VAL A 44 -3.70 16.91 2.41
N VAL A 45 -2.70 17.78 2.32
CA VAL A 45 -2.49 18.59 1.13
C VAL A 45 -1.36 18.06 0.28
N ILE A 46 -1.71 17.53 -0.90
CA ILE A 46 -0.72 16.97 -1.81
C ILE A 46 -0.81 17.64 -3.18
N ASP A 47 0.34 18.03 -3.72
CA ASP A 47 0.40 18.68 -5.02
C ASP A 47 -0.06 20.14 -4.94
N GLY A 48 -0.05 20.69 -3.72
CA GLY A 48 -0.46 22.07 -3.53
C GLY A 48 -1.96 22.22 -3.35
N GLU A 49 -2.70 21.11 -3.41
CA GLU A 49 -4.14 21.15 -3.25
C GLU A 49 -4.60 20.15 -2.20
N THR A 50 -5.61 20.54 -1.42
CA THR A 50 -6.16 19.68 -0.38
C THR A 50 -6.91 18.50 -0.99
N CYS A 51 -6.59 17.29 -0.53
CA CYS A 51 -7.24 16.08 -1.04
C CYS A 51 -7.50 15.09 0.08
N LEU A 52 -8.43 14.17 -0.15
CA LEU A 52 -8.78 13.16 0.85
C LEU A 52 -7.98 11.88 0.60
N LEU A 53 -7.31 11.40 1.65
CA LEU A 53 -6.51 10.18 1.55
C LEU A 53 -7.17 9.03 2.30
N ASP A 54 -8.01 8.28 1.61
CA ASP A 54 -8.69 7.14 2.20
C ASP A 54 -7.86 5.88 2.05
N ILE A 55 -7.23 5.44 3.13
CA ILE A 55 -6.39 4.24 3.10
C ILE A 55 -7.20 2.99 3.42
N LEU A 56 -7.12 2.00 2.54
CA LEU A 56 -7.83 0.74 2.72
C LEU A 56 -6.88 -0.35 3.18
N ASP A 57 -7.20 -0.96 4.33
CA ASP A 57 -6.37 -2.03 4.88
C ASP A 57 -6.99 -3.39 4.63
N THR A 58 -6.38 -4.15 3.72
CA THR A 58 -6.87 -5.48 3.38
C THR A 58 -6.01 -6.57 4.03
N ALA A 59 -6.42 -7.82 3.87
CA ALA A 59 -5.69 -8.94 4.44
C ALA A 59 -4.31 -9.08 3.80
N GLY A 60 -3.35 -9.59 4.58
CA GLY A 60 -2.00 -9.76 4.07
C GLY A 60 -1.61 -11.21 3.90
N GLN A 61 -1.85 -12.02 4.94
CA GLN A 61 -1.51 -13.43 4.90
C GLN A 61 -2.72 -14.27 4.49
N GLU A 62 -3.84 -14.05 5.18
CA GLU A 62 -5.07 -14.79 4.89
C GLU A 62 -5.44 -14.69 3.41
N GLU A 63 -5.52 -15.84 2.75
CA GLU A 63 -5.86 -15.88 1.33
C GLU A 63 -7.28 -15.38 1.09
N TYR A 64 -7.39 -14.12 0.69
CA TYR A 64 -8.70 -13.51 0.43
C TYR A 64 -8.96 -13.47 -1.08
N SER A 65 -10.24 -13.37 -1.45
CA SER A 65 -10.62 -13.31 -2.86
C SER A 65 -11.89 -12.50 -3.05
N ALA A 66 -12.95 -12.88 -2.33
CA ALA A 66 -14.22 -12.19 -2.44
C ALA A 66 -14.08 -10.72 -2.07
N MET A 67 -13.56 -10.46 -0.88
CA MET A 67 -13.38 -9.10 -0.40
C MET A 67 -12.18 -8.44 -1.08
N ARG A 68 -11.13 -9.22 -1.31
CA ARG A 68 -9.92 -8.71 -1.95
C ARG A 68 -10.26 -7.99 -3.26
N ASP A 69 -11.04 -8.66 -4.10
CA ASP A 69 -11.44 -8.09 -5.39
C ASP A 69 -12.39 -6.91 -5.19
N GLN A 70 -13.17 -6.95 -4.11
CA GLN A 70 -14.12 -5.90 -3.81
C GLN A 70 -13.40 -4.57 -3.59
N TYR A 71 -12.32 -4.60 -2.82
CA TYR A 71 -11.54 -3.41 -2.53
C TYR A 71 -11.02 -2.77 -3.82
N MET A 72 -10.56 -3.61 -4.73
CA MET A 72 -10.01 -3.13 -6.01
C MET A 72 -11.09 -2.50 -6.88
N ARG A 73 -12.20 -3.22 -7.08
CA ARG A 73 -13.28 -2.73 -7.92
C ARG A 73 -13.87 -1.42 -7.39
N THR A 74 -13.64 -1.13 -6.11
CA THR A 74 -14.16 0.09 -5.51
C THR A 74 -13.04 1.10 -5.23
N GLY A 75 -11.81 0.60 -5.13
CA GLY A 75 -10.67 1.47 -4.87
C GLY A 75 -10.08 2.07 -6.12
N GLU A 76 -9.39 3.21 -5.97
CA GLU A 76 -8.77 3.88 -7.10
C GLU A 76 -7.34 3.38 -7.31
N GLY A 77 -6.44 3.74 -6.41
CA GLY A 77 -5.06 3.31 -6.51
C GLY A 77 -4.76 2.14 -5.60
N PHE A 78 -3.57 1.55 -5.75
CA PHE A 78 -3.19 0.41 -4.93
C PHE A 78 -1.76 0.53 -4.44
N LEU A 79 -1.59 0.55 -3.12
CA LEU A 79 -0.26 0.65 -2.52
C LEU A 79 0.30 -0.74 -2.25
N CYS A 80 1.41 -1.07 -2.89
CA CYS A 80 2.04 -2.38 -2.71
C CYS A 80 3.14 -2.31 -1.66
N VAL A 81 2.99 -3.13 -0.62
CA VAL A 81 3.97 -3.16 0.45
C VAL A 81 4.51 -4.57 0.69
N PHE A 82 5.83 -4.69 0.80
CA PHE A 82 6.47 -5.97 1.05
C PHE A 82 7.52 -5.85 2.14
N ALA A 83 8.12 -6.98 2.52
CA ALA A 83 9.13 -6.98 3.57
C ALA A 83 10.50 -7.32 2.99
N ILE A 84 11.51 -6.56 3.42
CA ILE A 84 12.88 -6.78 2.96
C ILE A 84 13.42 -8.10 3.48
N ASN A 85 13.00 -8.48 4.69
CA ASN A 85 13.44 -9.73 5.30
C ASN A 85 12.51 -10.89 4.93
N ASN A 86 11.36 -10.56 4.35
CA ASN A 86 10.39 -11.58 3.95
C ASN A 86 10.24 -11.61 2.43
N THR A 87 10.99 -12.50 1.79
CA THR A 87 10.94 -12.63 0.34
C THR A 87 9.57 -13.09 -0.13
N LYS A 88 8.87 -13.81 0.74
CA LYS A 88 7.53 -14.32 0.42
C LYS A 88 6.61 -13.18 -0.01
N SER A 89 6.86 -11.99 0.51
CA SER A 89 6.06 -10.81 0.18
C SER A 89 6.43 -10.25 -1.18
N PHE A 90 7.69 -10.44 -1.57
CA PHE A 90 8.17 -9.95 -2.85
C PHE A 90 7.38 -10.56 -4.01
N GLU A 91 7.16 -11.87 -3.93
CA GLU A 91 6.40 -12.57 -4.97
C GLU A 91 4.92 -12.22 -4.91
N ASP A 92 4.47 -11.80 -3.72
CA ASP A 92 3.07 -11.44 -3.52
C ASP A 92 2.69 -10.17 -4.27
N ILE A 93 3.62 -9.22 -4.34
CA ILE A 93 3.35 -7.94 -5.02
C ILE A 93 2.89 -8.12 -6.46
N HIS A 94 3.47 -9.09 -7.17
CA HIS A 94 3.11 -9.31 -8.58
C HIS A 94 1.74 -9.98 -8.71
N GLN A 95 1.51 -11.05 -7.94
CA GLN A 95 0.24 -11.76 -8.01
C GLN A 95 -0.93 -10.83 -7.65
N TYR A 96 -0.69 -9.93 -6.72
CA TYR A 96 -1.74 -8.98 -6.30
C TYR A 96 -2.09 -8.04 -7.45
N ARG A 97 -1.08 -7.45 -8.06
CA ARG A 97 -1.27 -6.52 -9.16
C ARG A 97 -2.04 -7.18 -10.31
N GLU A 98 -1.74 -8.46 -10.54
CA GLU A 98 -2.40 -9.21 -11.61
C GLU A 98 -3.90 -9.30 -11.39
N GLN A 99 -4.32 -9.35 -10.12
CA GLN A 99 -5.74 -9.43 -9.78
C GLN A 99 -6.43 -8.09 -9.95
N ILE A 100 -5.70 -7.01 -9.69
CA ILE A 100 -6.26 -5.66 -9.82
C ILE A 100 -6.59 -5.34 -11.27
N LYS A 101 -5.73 -5.76 -12.19
CA LYS A 101 -5.93 -5.51 -13.61
C LYS A 101 -7.18 -6.21 -14.12
N ARG A 102 -7.43 -7.41 -13.61
CA ARG A 102 -8.59 -8.20 -14.04
C ARG A 102 -9.91 -7.52 -13.64
N VAL A 103 -10.03 -7.17 -12.37
CA VAL A 103 -11.24 -6.52 -11.87
C VAL A 103 -11.36 -5.09 -12.38
N LYS A 104 -10.29 -4.33 -12.25
CA LYS A 104 -10.29 -2.93 -12.69
C LYS A 104 -10.26 -2.83 -14.22
N ASP A 105 -9.84 -3.92 -14.87
CA ASP A 105 -9.75 -3.96 -16.34
C ASP A 105 -9.17 -2.66 -16.89
N SER A 106 -8.24 -2.08 -16.15
CA SER A 106 -7.60 -0.83 -16.56
C SER A 106 -6.15 -1.04 -17.01
N ASP A 107 -5.60 -2.20 -16.67
CA ASP A 107 -4.23 -2.53 -17.05
C ASP A 107 -3.24 -1.67 -16.26
N ASP A 108 -3.23 -0.37 -16.53
CA ASP A 108 -2.33 0.55 -15.84
C ASP A 108 -3.11 1.46 -14.90
N VAL A 109 -3.16 1.09 -13.63
CA VAL A 109 -3.88 1.88 -12.63
C VAL A 109 -2.91 2.42 -11.57
N PRO A 110 -3.29 3.52 -10.90
CA PRO A 110 -2.47 4.14 -9.86
C PRO A 110 -1.97 3.12 -8.84
N MET A 111 -0.65 3.04 -8.69
CA MET A 111 -0.04 2.12 -7.74
C MET A 111 1.34 2.61 -7.31
N VAL A 112 1.75 2.17 -6.12
CA VAL A 112 3.05 2.56 -5.58
C VAL A 112 3.64 1.43 -4.74
N LEU A 113 4.93 1.20 -4.90
CA LEU A 113 5.62 0.15 -4.16
C LEU A 113 6.40 0.73 -2.98
N VAL A 114 6.22 0.14 -1.81
CA VAL A 114 6.90 0.59 -0.61
C VAL A 114 7.49 -0.58 0.16
N GLY A 115 8.74 -0.42 0.61
CA GLY A 115 9.39 -1.48 1.34
C GLY A 115 9.17 -1.37 2.84
N ASN A 116 8.15 -2.08 3.33
CA ASN A 116 7.82 -2.06 4.74
C ASN A 116 8.72 -3.03 5.50
N LYS A 117 9.09 -2.66 6.72
CA LYS A 117 9.96 -3.48 7.58
C LYS A 117 11.43 -3.20 7.30
N CYS A 118 11.73 -1.99 6.83
CA CYS A 118 13.11 -1.61 6.54
C CYS A 118 13.86 -1.27 7.82
N ASP A 119 13.12 -1.04 8.90
CA ASP A 119 13.71 -0.71 10.19
C ASP A 119 14.72 -1.77 10.63
N LEU A 120 14.41 -3.03 10.31
CA LEU A 120 15.28 -4.14 10.67
C LEU A 120 16.62 -4.05 9.93
N ALA A 121 17.41 -5.11 10.03
CA ALA A 121 18.71 -5.16 9.38
C ALA A 121 18.94 -6.50 8.70
N ALA A 122 17.85 -7.19 8.36
CA ALA A 122 17.92 -8.49 7.70
C ALA A 122 17.21 -8.46 6.35
N ARG A 123 17.61 -7.50 5.51
CA ARG A 123 17.00 -7.36 4.19
C ARG A 123 17.50 -8.45 3.24
N THR A 124 16.67 -9.47 3.03
CA THR A 124 17.02 -10.57 2.14
C THR A 124 17.11 -10.08 0.69
N VAL A 125 16.03 -9.46 0.22
CA VAL A 125 15.99 -8.93 -1.13
C VAL A 125 16.55 -7.51 -1.18
N GLU A 126 17.70 -7.36 -1.85
CA GLU A 126 18.34 -6.06 -1.97
C GLU A 126 17.39 -5.02 -2.56
N SER A 127 17.69 -3.75 -2.33
CA SER A 127 16.87 -2.65 -2.85
C SER A 127 16.66 -2.80 -4.36
N ARG A 128 17.65 -3.37 -5.04
CA ARG A 128 17.57 -3.57 -6.48
C ARG A 128 16.36 -4.43 -6.84
N GLN A 129 16.15 -5.49 -6.07
CA GLN A 129 15.04 -6.40 -6.30
C GLN A 129 13.71 -5.68 -6.12
N ALA A 130 13.61 -4.88 -5.06
CA ALA A 130 12.40 -4.13 -4.78
C ALA A 130 12.16 -3.04 -5.83
N GLN A 131 13.22 -2.30 -6.16
CA GLN A 131 13.14 -1.24 -7.15
C GLN A 131 12.78 -1.81 -8.52
N ASP A 132 13.44 -2.90 -8.88
CA ASP A 132 13.20 -3.54 -10.17
C ASP A 132 11.75 -4.01 -10.28
N LEU A 133 11.19 -4.39 -9.14
CA LEU A 133 9.80 -4.86 -9.10
C LEU A 133 8.85 -3.75 -9.54
N ALA A 134 9.07 -2.55 -9.01
CA ALA A 134 8.23 -1.41 -9.35
C ALA A 134 8.43 -0.98 -10.79
N ARG A 135 9.69 -1.03 -11.24
CA ARG A 135 10.02 -0.65 -12.61
C ARG A 135 9.26 -1.50 -13.61
N SER A 136 9.08 -2.77 -13.28
CA SER A 136 8.36 -3.69 -14.15
C SER A 136 6.93 -3.22 -14.38
N TYR A 137 6.39 -2.47 -13.42
CA TYR A 137 5.03 -1.95 -13.52
C TYR A 137 5.05 -0.50 -14.00
N GLY A 138 6.03 0.26 -13.53
CA GLY A 138 6.13 1.66 -13.93
C GLY A 138 5.63 2.60 -12.85
N ILE A 139 5.75 2.17 -11.60
CA ILE A 139 5.30 2.99 -10.47
C ILE A 139 6.48 3.37 -9.57
N PRO A 140 6.35 4.49 -8.83
CA PRO A 140 7.40 4.96 -7.93
C PRO A 140 7.64 4.02 -6.75
N TYR A 141 8.85 4.06 -6.20
CA TYR A 141 9.21 3.21 -5.07
C TYR A 141 9.70 4.05 -3.90
N ILE A 142 9.19 3.75 -2.71
CA ILE A 142 9.57 4.47 -1.51
C ILE A 142 9.67 3.54 -0.30
N GLU A 143 10.85 3.48 0.30
CA GLU A 143 11.06 2.62 1.47
C GLU A 143 10.46 3.24 2.72
N THR A 144 9.85 2.42 3.56
CA THR A 144 9.23 2.90 4.79
C THR A 144 9.22 1.82 5.86
N SER A 145 9.03 2.22 7.11
CA SER A 145 9.00 1.27 8.22
C SER A 145 7.88 1.61 9.20
N ALA A 146 6.83 0.78 9.19
CA ALA A 146 5.69 0.99 10.08
C ALA A 146 6.12 1.03 11.55
N LYS A 147 7.30 0.48 11.84
CA LYS A 147 7.82 0.45 13.20
C LYS A 147 8.41 1.81 13.61
N THR A 148 9.19 2.40 12.73
CA THR A 148 9.82 3.69 13.00
C THR A 148 8.98 4.85 12.47
N ARG A 149 7.89 4.54 11.77
CA ARG A 149 7.02 5.57 11.21
C ARG A 149 7.80 6.43 10.22
N GLN A 150 8.80 5.82 9.57
CA GLN A 150 9.62 6.52 8.60
C GLN A 150 9.18 6.19 7.16
N GLY A 151 8.87 7.24 6.40
CA GLY A 151 8.45 7.04 5.02
C GLY A 151 6.99 6.65 4.88
N VAL A 152 6.31 6.43 6.01
CA VAL A 152 4.92 6.05 5.99
C VAL A 152 4.07 7.03 5.17
N GLU A 153 4.19 8.31 5.51
CA GLU A 153 3.45 9.36 4.82
C GLU A 153 3.93 9.52 3.38
N ASP A 154 5.23 9.30 3.17
CA ASP A 154 5.82 9.43 1.84
C ASP A 154 5.22 8.43 0.86
N ALA A 155 5.12 7.18 1.30
CA ALA A 155 4.58 6.11 0.45
C ALA A 155 3.11 6.34 0.14
N PHE A 156 2.32 6.63 1.17
CA PHE A 156 0.89 6.86 0.99
C PHE A 156 0.62 8.08 0.11
N TYR A 157 1.29 9.19 0.41
CA TYR A 157 1.11 10.42 -0.35
C TYR A 157 1.45 10.20 -1.83
N THR A 158 2.39 9.29 -2.09
CA THR A 158 2.79 9.00 -3.46
C THR A 158 1.67 8.35 -4.26
N LEU A 159 0.90 7.49 -3.58
CA LEU A 159 -0.21 6.79 -4.22
C LEU A 159 -1.25 7.77 -4.77
N VAL A 160 -1.56 8.81 -3.99
CA VAL A 160 -2.54 9.81 -4.39
C VAL A 160 -2.15 10.46 -5.72
N ARG A 161 -0.87 10.74 -5.90
CA ARG A 161 -0.38 11.38 -7.12
C ARG A 161 -0.86 10.64 -8.37
N GLU A 162 -0.79 9.32 -8.33
CA GLU A 162 -1.22 8.51 -9.47
C GLU A 162 -2.74 8.56 -9.64
N ILE A 163 -3.46 8.48 -8.53
CA ILE A 163 -4.92 8.52 -8.56
C ILE A 163 -5.43 9.81 -9.16
N ARG A 164 -4.79 10.93 -8.82
CA ARG A 164 -5.21 12.23 -9.33
C ARG A 164 -5.25 12.21 -10.86
N GLN A 165 -4.35 11.45 -11.47
CA GLN A 165 -4.30 11.35 -12.92
C GLN A 165 -5.55 10.66 -13.47
N HIS A 166 -6.13 9.78 -12.66
CA HIS A 166 -7.33 9.06 -13.07
C HIS A 166 -8.54 9.99 -13.15
N MET A 1 -13.71 17.96 1.30
CA MET A 1 -12.48 17.67 0.52
C MET A 1 -12.65 16.44 -0.37
N THR A 2 -11.88 16.37 -1.44
CA THR A 2 -11.94 15.24 -2.36
C THR A 2 -11.46 13.97 -1.67
N GLU A 3 -12.26 12.91 -1.78
CA GLU A 3 -11.93 11.64 -1.17
C GLU A 3 -11.20 10.73 -2.14
N TYR A 4 -10.14 10.08 -1.67
CA TYR A 4 -9.35 9.17 -2.49
C TYR A 4 -9.22 7.81 -1.82
N LYS A 5 -9.87 6.80 -2.40
CA LYS A 5 -9.81 5.46 -1.85
C LYS A 5 -8.58 4.71 -2.33
N LEU A 6 -7.62 4.52 -1.43
CA LEU A 6 -6.39 3.83 -1.77
C LEU A 6 -6.37 2.43 -1.15
N VAL A 7 -6.35 1.41 -2.01
CA VAL A 7 -6.32 0.03 -1.54
C VAL A 7 -4.88 -0.46 -1.42
N VAL A 8 -4.44 -0.67 -0.18
CA VAL A 8 -3.08 -1.12 0.08
C VAL A 8 -2.98 -2.64 0.00
N VAL A 9 -1.98 -3.11 -0.74
CA VAL A 9 -1.75 -4.54 -0.91
C VAL A 9 -0.28 -4.89 -0.70
N GLY A 10 0.00 -6.17 -0.49
CA GLY A 10 1.36 -6.61 -0.28
C GLY A 10 1.47 -8.10 0.00
N ALA A 11 1.27 -8.47 1.26
CA ALA A 11 1.35 -9.88 1.66
C ALA A 11 1.04 -10.03 3.14
N GLY A 12 1.39 -11.18 3.71
CA GLY A 12 1.14 -11.42 5.12
C GLY A 12 2.09 -10.67 6.02
N GLY A 13 3.38 -10.95 5.88
CA GLY A 13 4.38 -10.28 6.70
C GLY A 13 4.98 -9.07 6.01
N VAL A 14 4.27 -7.94 6.08
CA VAL A 14 4.74 -6.71 5.46
C VAL A 14 4.48 -5.50 6.35
N GLY A 15 3.30 -5.44 6.94
CA GLY A 15 2.96 -4.34 7.82
C GLY A 15 2.03 -3.34 7.16
N LYS A 16 1.27 -3.80 6.17
CA LYS A 16 0.32 -2.95 5.45
C LYS A 16 -0.66 -2.30 6.42
N SER A 17 -1.09 -3.07 7.41
CA SER A 17 -2.04 -2.57 8.41
C SER A 17 -1.35 -1.61 9.36
N ALA A 18 -0.06 -1.83 9.59
CA ALA A 18 0.72 -0.97 10.47
C ALA A 18 0.91 0.42 9.88
N LEU A 19 1.36 0.46 8.63
CA LEU A 19 1.59 1.73 7.95
C LEU A 19 0.31 2.55 7.89
N THR A 20 -0.82 1.87 7.77
CA THR A 20 -2.12 2.54 7.72
C THR A 20 -2.39 3.29 9.02
N ILE A 21 -2.32 2.56 10.13
CA ILE A 21 -2.55 3.15 11.44
C ILE A 21 -1.52 4.25 11.72
N GLN A 22 -0.31 4.07 11.21
CA GLN A 22 0.75 5.05 11.40
C GLN A 22 0.41 6.35 10.67
N LEU A 23 -0.08 6.23 9.45
CA LEU A 23 -0.44 7.39 8.65
C LEU A 23 -1.69 8.08 9.20
N ILE A 24 -2.76 7.30 9.38
CA ILE A 24 -4.03 7.85 9.87
C ILE A 24 -4.07 8.00 11.39
N GLN A 25 -3.73 6.94 12.10
CA GLN A 25 -3.77 6.96 13.57
C GLN A 25 -2.45 7.40 14.20
N ASN A 26 -1.41 7.57 13.37
CA ASN A 26 -0.12 7.99 13.88
C ASN A 26 0.41 6.99 14.92
N HIS A 27 0.01 5.74 14.79
CA HIS A 27 0.44 4.69 15.71
C HIS A 27 0.71 3.39 14.96
N PHE A 28 1.16 2.38 15.70
CA PHE A 28 1.46 1.07 15.12
C PHE A 28 0.37 0.07 15.46
N VAL A 29 -0.02 -0.74 14.48
CA VAL A 29 -1.05 -1.75 14.67
C VAL A 29 -0.68 -2.70 15.81
N ASP A 30 -1.31 -3.87 15.86
CA ASP A 30 -1.05 -4.86 16.89
C ASP A 30 -1.75 -4.49 18.20
N GLU A 31 -2.54 -3.40 18.16
CA GLU A 31 -3.27 -2.95 19.34
C GLU A 31 -4.65 -2.43 18.98
N TYR A 32 -5.09 -2.68 17.74
CA TYR A 32 -6.40 -2.24 17.29
C TYR A 32 -7.16 -3.38 16.61
N ASP A 33 -8.47 -3.42 16.83
CA ASP A 33 -9.31 -4.46 16.24
C ASP A 33 -9.35 -4.34 14.72
N PRO A 34 -8.86 -5.35 14.00
CA PRO A 34 -8.85 -5.33 12.53
C PRO A 34 -10.20 -5.71 11.93
N SER A 35 -10.50 -5.13 10.77
CA SER A 35 -11.76 -5.38 10.06
C SER A 35 -12.91 -4.56 10.61
N ILE A 36 -12.71 -3.91 11.76
CA ILE A 36 -13.76 -3.10 12.37
C ILE A 36 -13.86 -1.74 11.67
N GLU A 37 -12.72 -1.21 11.23
CA GLU A 37 -12.69 0.07 10.55
C GLU A 37 -12.88 -0.08 9.05
N ASP A 38 -12.22 -1.10 8.48
CA ASP A 38 -12.30 -1.36 7.04
C ASP A 38 -11.47 -0.35 6.26
N SER A 39 -11.80 0.93 6.42
CA SER A 39 -11.09 2.00 5.73
C SER A 39 -10.75 3.14 6.69
N TYR A 40 -9.91 4.05 6.23
CA TYR A 40 -9.50 5.19 7.05
C TYR A 40 -9.53 6.48 6.22
N ARG A 41 -9.52 7.62 6.92
CA ARG A 41 -9.55 8.91 6.25
C ARG A 41 -8.48 9.85 6.81
N LYS A 42 -7.86 10.63 5.92
CA LYS A 42 -6.81 11.57 6.32
C LYS A 42 -6.78 12.76 5.36
N GLN A 43 -6.60 13.95 5.93
CA GLN A 43 -6.55 15.17 5.13
C GLN A 43 -5.11 15.65 4.97
N VAL A 44 -4.60 15.59 3.74
CA VAL A 44 -3.24 16.01 3.45
C VAL A 44 -3.14 16.66 2.08
N VAL A 45 -1.97 17.24 1.79
CA VAL A 45 -1.75 17.90 0.51
C VAL A 45 -0.63 17.21 -0.27
N ILE A 46 -1.00 16.61 -1.41
CA ILE A 46 -0.05 15.92 -2.25
C ILE A 46 -0.02 16.52 -3.65
N ASP A 47 1.19 16.76 -4.16
CA ASP A 47 1.36 17.34 -5.49
C ASP A 47 0.86 18.78 -5.52
N GLY A 48 0.66 19.37 -4.35
CA GLY A 48 0.19 20.75 -4.28
C GLY A 48 -1.32 20.85 -4.26
N GLU A 49 -2.00 19.75 -3.96
CA GLU A 49 -3.45 19.73 -3.91
C GLU A 49 -3.95 19.04 -2.64
N THR A 50 -4.87 19.69 -1.95
CA THR A 50 -5.43 19.13 -0.73
C THR A 50 -6.48 18.06 -1.04
N CYS A 51 -6.22 16.84 -0.59
CA CYS A 51 -7.13 15.73 -0.83
C CYS A 51 -7.20 14.80 0.38
N LEU A 52 -8.25 13.99 0.45
CA LEU A 52 -8.43 13.06 1.54
C LEU A 52 -7.82 11.71 1.20
N LEU A 53 -6.74 11.35 1.90
CA LEU A 53 -6.05 10.09 1.67
C LEU A 53 -6.75 8.96 2.42
N ASP A 54 -7.68 8.29 1.75
CA ASP A 54 -8.41 7.19 2.36
C ASP A 54 -7.66 5.87 2.17
N ILE A 55 -7.10 5.36 3.26
CA ILE A 55 -6.35 4.10 3.20
C ILE A 55 -7.28 2.91 3.46
N LEU A 56 -7.35 2.02 2.47
CA LEU A 56 -8.20 0.84 2.58
C LEU A 56 -7.39 -0.37 3.04
N ASP A 57 -7.67 -0.83 4.26
CA ASP A 57 -6.96 -1.97 4.83
C ASP A 57 -7.54 -3.28 4.30
N THR A 58 -6.74 -4.00 3.51
CA THR A 58 -7.17 -5.28 2.95
C THR A 58 -6.59 -6.45 3.74
N ALA A 59 -6.99 -7.66 3.37
CA ALA A 59 -6.51 -8.87 4.06
C ALA A 59 -5.10 -9.22 3.60
N GLY A 60 -4.33 -9.84 4.49
CA GLY A 60 -2.98 -10.22 4.17
C GLY A 60 -2.81 -11.73 4.01
N GLN A 61 -3.71 -12.49 4.63
CA GLN A 61 -3.65 -13.95 4.54
C GLN A 61 -5.04 -14.56 4.56
N GLU A 62 -5.91 -14.03 5.43
CA GLU A 62 -7.28 -14.52 5.55
C GLU A 62 -7.99 -14.47 4.21
N GLU A 63 -9.31 -14.69 4.23
CA GLU A 63 -10.11 -14.66 3.02
C GLU A 63 -9.90 -13.35 2.26
N TYR A 64 -8.98 -13.38 1.31
CA TYR A 64 -8.67 -12.19 0.52
C TYR A 64 -9.37 -12.21 -0.83
N SER A 65 -8.99 -13.17 -1.68
CA SER A 65 -9.56 -13.31 -3.01
C SER A 65 -11.05 -12.95 -3.07
N ALA A 66 -11.79 -13.31 -2.02
CA ALA A 66 -13.22 -13.01 -1.98
C ALA A 66 -13.50 -11.52 -1.79
N MET A 67 -12.93 -10.94 -0.75
CA MET A 67 -13.12 -9.53 -0.46
C MET A 67 -12.28 -8.65 -1.41
N ARG A 68 -11.15 -9.20 -1.84
CA ARG A 68 -10.25 -8.48 -2.73
C ARG A 68 -11.00 -7.87 -3.90
N ASP A 69 -11.75 -8.69 -4.62
CA ASP A 69 -12.53 -8.22 -5.76
C ASP A 69 -13.35 -6.98 -5.39
N GLN A 70 -13.86 -6.99 -4.16
CA GLN A 70 -14.66 -5.87 -3.66
C GLN A 70 -13.76 -4.67 -3.34
N TYR A 71 -12.61 -4.96 -2.74
CA TYR A 71 -11.65 -3.92 -2.37
C TYR A 71 -11.14 -3.17 -3.60
N MET A 72 -10.67 -3.94 -4.58
CA MET A 72 -10.13 -3.37 -5.81
C MET A 72 -11.22 -2.67 -6.63
N ARG A 73 -12.40 -3.26 -6.66
CA ARG A 73 -13.51 -2.70 -7.43
C ARG A 73 -13.96 -1.35 -6.87
N THR A 74 -13.78 -1.16 -5.57
CA THR A 74 -14.19 0.09 -4.94
C THR A 74 -12.98 1.00 -4.65
N GLY A 75 -11.78 0.50 -4.93
CA GLY A 75 -10.58 1.30 -4.69
C GLY A 75 -10.06 1.96 -5.96
N GLU A 76 -9.57 3.18 -5.81
CA GLU A 76 -9.02 3.93 -6.94
C GLU A 76 -7.58 3.53 -7.22
N GLY A 77 -6.68 3.91 -6.32
CA GLY A 77 -5.28 3.57 -6.48
C GLY A 77 -4.87 2.43 -5.57
N PHE A 78 -3.92 1.61 -6.02
CA PHE A 78 -3.46 0.49 -5.23
C PHE A 78 -2.01 0.66 -4.80
N LEU A 79 -1.79 0.68 -3.49
CA LEU A 79 -0.44 0.83 -2.93
C LEU A 79 0.16 -0.54 -2.65
N CYS A 80 1.31 -0.82 -3.27
CA CYS A 80 1.99 -2.09 -3.08
C CYS A 80 3.06 -1.99 -2.01
N VAL A 81 2.93 -2.80 -0.97
CA VAL A 81 3.89 -2.81 0.13
C VAL A 81 4.52 -4.18 0.30
N PHE A 82 5.84 -4.25 0.21
CA PHE A 82 6.56 -5.51 0.35
C PHE A 82 7.50 -5.46 1.55
N ALA A 83 7.80 -6.62 2.12
CA ALA A 83 8.68 -6.71 3.27
C ALA A 83 10.09 -7.11 2.83
N ILE A 84 11.10 -6.43 3.38
CA ILE A 84 12.48 -6.71 3.04
C ILE A 84 12.97 -7.97 3.73
N ASN A 85 12.50 -8.22 4.94
CA ASN A 85 12.91 -9.40 5.70
C ASN A 85 12.06 -10.61 5.33
N ASN A 86 10.92 -10.37 4.68
CA ASN A 86 10.02 -11.44 4.28
C ASN A 86 9.98 -11.57 2.76
N THR A 87 10.92 -12.32 2.20
CA THR A 87 10.99 -12.51 0.75
C THR A 87 9.66 -13.03 0.21
N LYS A 88 8.91 -13.75 1.05
CA LYS A 88 7.63 -14.31 0.65
C LYS A 88 6.68 -13.19 0.18
N SER A 89 6.90 -11.99 0.69
CA SER A 89 6.07 -10.84 0.34
C SER A 89 6.45 -10.30 -1.04
N PHE A 90 7.70 -10.48 -1.42
CA PHE A 90 8.19 -10.00 -2.71
C PHE A 90 7.42 -10.64 -3.86
N GLU A 91 7.20 -11.94 -3.77
CA GLU A 91 6.46 -12.67 -4.79
C GLU A 91 5.01 -12.22 -4.84
N ASP A 92 4.45 -11.94 -3.68
CA ASP A 92 3.06 -11.49 -3.56
C ASP A 92 2.81 -10.20 -4.34
N ILE A 93 3.79 -9.31 -4.35
CA ILE A 93 3.66 -8.02 -5.03
C ILE A 93 3.26 -8.17 -6.50
N HIS A 94 3.88 -9.11 -7.22
CA HIS A 94 3.56 -9.30 -8.63
C HIS A 94 2.20 -9.96 -8.82
N GLN A 95 1.96 -11.04 -8.08
CA GLN A 95 0.69 -11.75 -8.19
C GLN A 95 -0.46 -10.87 -7.71
N TYR A 96 -0.20 -10.05 -6.69
CA TYR A 96 -1.21 -9.16 -6.15
C TYR A 96 -1.60 -8.08 -7.17
N ARG A 97 -0.60 -7.39 -7.69
CA ARG A 97 -0.82 -6.32 -8.67
C ARG A 97 -1.57 -6.83 -9.89
N GLU A 98 -1.21 -8.03 -10.35
CA GLU A 98 -1.85 -8.61 -11.53
C GLU A 98 -3.35 -8.78 -11.31
N GLN A 99 -3.71 -9.23 -10.11
CA GLN A 99 -5.12 -9.43 -9.78
C GLN A 99 -5.87 -8.10 -9.86
N ILE A 100 -5.17 -7.02 -9.56
CA ILE A 100 -5.76 -5.68 -9.61
C ILE A 100 -6.22 -5.33 -11.02
N LYS A 101 -5.47 -5.80 -12.02
CA LYS A 101 -5.80 -5.53 -13.40
C LYS A 101 -7.09 -6.24 -13.80
N ARG A 102 -7.33 -7.39 -13.19
CA ARG A 102 -8.52 -8.18 -13.49
C ARG A 102 -9.78 -7.45 -13.03
N VAL A 103 -9.77 -6.96 -11.79
CA VAL A 103 -10.92 -6.23 -11.25
C VAL A 103 -11.02 -4.83 -11.82
N LYS A 104 -9.88 -4.15 -11.92
CA LYS A 104 -9.85 -2.79 -12.45
C LYS A 104 -9.93 -2.79 -13.97
N ASP A 105 -9.64 -3.95 -14.59
CA ASP A 105 -9.68 -4.10 -16.04
C ASP A 105 -9.06 -2.90 -16.75
N SER A 106 -7.91 -2.45 -16.25
CA SER A 106 -7.22 -1.31 -16.85
C SER A 106 -5.78 -1.66 -17.21
N ASP A 107 -5.13 -2.45 -16.36
CA ASP A 107 -3.73 -2.84 -16.57
C ASP A 107 -2.79 -1.74 -16.11
N ASP A 108 -3.09 -0.50 -16.49
CA ASP A 108 -2.29 0.64 -16.10
C ASP A 108 -3.09 1.57 -15.20
N VAL A 109 -2.93 1.39 -13.89
CA VAL A 109 -3.66 2.19 -12.91
C VAL A 109 -2.72 2.73 -11.83
N PRO A 110 -3.10 3.84 -11.18
CA PRO A 110 -2.29 4.45 -10.12
C PRO A 110 -1.81 3.44 -9.08
N MET A 111 -0.50 3.29 -8.98
CA MET A 111 0.08 2.34 -8.03
C MET A 111 1.45 2.82 -7.56
N VAL A 112 1.85 2.37 -6.37
CA VAL A 112 3.13 2.74 -5.81
C VAL A 112 3.72 1.62 -4.96
N LEU A 113 5.02 1.38 -5.09
CA LEU A 113 5.68 0.33 -4.33
C LEU A 113 6.40 0.91 -3.13
N VAL A 114 6.20 0.31 -1.96
CA VAL A 114 6.83 0.78 -0.73
C VAL A 114 7.38 -0.39 0.08
N GLY A 115 8.69 -0.36 0.32
CA GLY A 115 9.31 -1.42 1.10
C GLY A 115 9.08 -1.25 2.59
N ASN A 116 8.07 -1.93 3.11
CA ASN A 116 7.74 -1.84 4.53
C ASN A 116 8.81 -2.52 5.38
N LYS A 117 8.83 -2.22 6.67
CA LYS A 117 9.80 -2.81 7.59
C LYS A 117 11.21 -2.78 7.01
N CYS A 118 11.55 -1.68 6.35
CA CYS A 118 12.87 -1.53 5.75
C CYS A 118 13.75 -0.61 6.58
N ASP A 119 13.49 -0.57 7.88
CA ASP A 119 14.27 0.27 8.79
C ASP A 119 15.05 -0.59 9.78
N LEU A 120 14.44 -1.70 10.20
CA LEU A 120 15.08 -2.61 11.15
C LEU A 120 16.42 -3.11 10.61
N ALA A 121 17.07 -3.96 11.38
CA ALA A 121 18.36 -4.52 10.99
C ALA A 121 18.21 -5.96 10.50
N ALA A 122 17.14 -6.22 9.75
CA ALA A 122 16.89 -7.55 9.22
C ALA A 122 16.26 -7.48 7.84
N ARG A 123 17.09 -7.58 6.80
CA ARG A 123 16.59 -7.52 5.43
C ARG A 123 17.11 -8.71 4.61
N THR A 124 16.25 -9.26 3.76
CA THR A 124 16.62 -10.38 2.92
C THR A 124 16.63 -9.98 1.45
N VAL A 125 15.58 -9.29 1.02
CA VAL A 125 15.46 -8.84 -0.36
C VAL A 125 16.19 -7.51 -0.56
N GLU A 126 17.28 -7.56 -1.29
CA GLU A 126 18.07 -6.36 -1.57
C GLU A 126 17.23 -5.29 -2.26
N SER A 127 17.55 -4.02 -1.99
CA SER A 127 16.82 -2.91 -2.59
C SER A 127 16.76 -3.05 -4.11
N ARG A 128 17.74 -3.73 -4.69
CA ARG A 128 17.79 -3.94 -6.13
C ARG A 128 16.50 -4.58 -6.63
N GLN A 129 16.01 -5.56 -5.89
CA GLN A 129 14.78 -6.26 -6.27
C GLN A 129 13.57 -5.34 -6.15
N ALA A 130 13.49 -4.64 -5.02
CA ALA A 130 12.38 -3.72 -4.78
C ALA A 130 12.30 -2.64 -5.85
N GLN A 131 13.44 -2.05 -6.18
CA GLN A 131 13.50 -1.02 -7.20
C GLN A 131 13.08 -1.56 -8.56
N ASP A 132 13.66 -2.70 -8.94
CA ASP A 132 13.35 -3.34 -10.21
C ASP A 132 11.90 -3.81 -10.25
N LEU A 133 11.35 -4.11 -9.07
CA LEU A 133 9.98 -4.57 -8.96
C LEU A 133 9.01 -3.47 -9.37
N ALA A 134 9.25 -2.26 -8.88
CA ALA A 134 8.40 -1.12 -9.17
C ALA A 134 8.55 -0.67 -10.63
N ARG A 135 9.80 -0.58 -11.09
CA ARG A 135 10.06 -0.15 -12.47
C ARG A 135 9.38 -1.09 -13.47
N SER A 136 9.24 -2.36 -13.09
CA SER A 136 8.62 -3.34 -13.96
C SER A 136 7.14 -3.00 -14.18
N TYR A 137 6.56 -2.27 -13.23
CA TYR A 137 5.16 -1.87 -13.32
C TYR A 137 5.04 -0.43 -13.81
N GLY A 138 6.08 0.36 -13.58
CA GLY A 138 6.07 1.75 -14.01
C GLY A 138 5.55 2.68 -12.92
N ILE A 139 5.87 2.34 -11.68
CA ILE A 139 5.43 3.14 -10.54
C ILE A 139 6.62 3.51 -9.64
N PRO A 140 6.50 4.64 -8.91
CA PRO A 140 7.57 5.09 -8.01
C PRO A 140 7.78 4.16 -6.82
N TYR A 141 8.99 4.18 -6.27
CA TYR A 141 9.33 3.33 -5.14
C TYR A 141 9.82 4.18 -3.97
N ILE A 142 9.34 3.87 -2.77
CA ILE A 142 9.73 4.60 -1.57
C ILE A 142 9.86 3.67 -0.36
N GLU A 143 11.03 3.67 0.25
CA GLU A 143 11.29 2.83 1.42
C GLU A 143 10.64 3.43 2.67
N THR A 144 9.91 2.60 3.41
CA THR A 144 9.24 3.07 4.62
C THR A 144 9.12 1.95 5.65
N SER A 145 8.94 2.34 6.91
CA SER A 145 8.81 1.37 8.00
C SER A 145 7.71 1.80 8.96
N ALA A 146 6.71 0.94 9.12
CA ALA A 146 5.59 1.23 10.01
C ALA A 146 6.01 1.28 11.47
N LYS A 147 7.02 0.49 11.81
CA LYS A 147 7.52 0.43 13.18
C LYS A 147 8.33 1.67 13.53
N THR A 148 8.81 2.39 12.52
CA THR A 148 9.61 3.60 12.75
C THR A 148 8.88 4.85 12.27
N ARG A 149 7.82 4.67 11.48
CA ARG A 149 7.06 5.80 10.96
C ARG A 149 7.92 6.66 10.04
N GLN A 150 8.69 6.00 9.17
CA GLN A 150 9.56 6.70 8.24
C GLN A 150 9.08 6.52 6.80
N GLY A 151 8.86 7.65 6.12
CA GLY A 151 8.40 7.60 4.74
C GLY A 151 6.98 7.10 4.61
N VAL A 152 6.27 6.99 5.74
CA VAL A 152 4.89 6.53 5.73
C VAL A 152 4.01 7.41 4.85
N GLU A 153 4.05 8.71 5.12
CA GLU A 153 3.25 9.67 4.35
C GLU A 153 3.75 9.77 2.91
N ASP A 154 5.07 9.65 2.74
CA ASP A 154 5.68 9.73 1.41
C ASP A 154 5.10 8.68 0.47
N ALA A 155 5.11 7.43 0.91
CA ALA A 155 4.59 6.33 0.10
C ALA A 155 3.10 6.51 -0.19
N PHE A 156 2.34 6.86 0.86
CA PHE A 156 0.91 7.07 0.72
C PHE A 156 0.60 8.28 -0.17
N TYR A 157 1.37 9.34 0.02
CA TYR A 157 1.18 10.57 -0.75
C TYR A 157 1.51 10.34 -2.22
N THR A 158 2.45 9.43 -2.48
CA THR A 158 2.86 9.12 -3.84
C THR A 158 1.71 8.49 -4.63
N LEU A 159 0.92 7.67 -3.96
CA LEU A 159 -0.20 6.98 -4.60
C LEU A 159 -1.33 7.93 -4.97
N VAL A 160 -1.70 8.84 -4.07
CA VAL A 160 -2.79 9.77 -4.32
C VAL A 160 -2.56 10.65 -5.55
N ARG A 161 -1.32 11.11 -5.74
CA ARG A 161 -1.02 11.96 -6.88
C ARG A 161 -1.30 11.23 -8.19
N GLU A 162 -1.05 9.92 -8.20
CA GLU A 162 -1.28 9.11 -9.38
C GLU A 162 -2.78 8.98 -9.67
N ILE A 163 -3.57 8.92 -8.60
CA ILE A 163 -5.02 8.79 -8.72
C ILE A 163 -5.64 10.07 -9.28
N ARG A 164 -5.15 11.22 -8.81
CA ARG A 164 -5.66 12.51 -9.27
C ARG A 164 -5.61 12.61 -10.79
N GLN A 165 -4.70 11.86 -11.41
CA GLN A 165 -4.56 11.87 -12.85
C GLN A 165 -5.57 10.93 -13.50
N HIS A 166 -5.96 9.89 -12.77
CA HIS A 166 -6.93 8.92 -13.27
C HIS A 166 -8.26 9.59 -13.58
N MET A 1 -13.44 17.98 0.50
CA MET A 1 -12.41 17.82 -0.55
C MET A 1 -12.59 16.51 -1.31
N THR A 2 -11.72 16.27 -2.28
CA THR A 2 -11.78 15.06 -3.08
C THR A 2 -11.48 13.83 -2.22
N GLU A 3 -12.27 12.78 -2.42
CA GLU A 3 -12.09 11.53 -1.66
C GLU A 3 -11.32 10.51 -2.49
N TYR A 4 -10.19 10.05 -1.94
CA TYR A 4 -9.36 9.07 -2.63
C TYR A 4 -9.29 7.77 -1.84
N LYS A 5 -9.72 6.68 -2.45
CA LYS A 5 -9.70 5.37 -1.79
C LYS A 5 -8.49 4.56 -2.24
N LEU A 6 -7.48 4.52 -1.38
CA LEU A 6 -6.25 3.77 -1.68
C LEU A 6 -6.27 2.40 -1.01
N VAL A 7 -6.27 1.35 -1.82
CA VAL A 7 -6.29 -0.01 -1.31
C VAL A 7 -4.87 -0.55 -1.16
N VAL A 8 -4.44 -0.75 0.08
CA VAL A 8 -3.11 -1.25 0.38
C VAL A 8 -3.04 -2.77 0.17
N VAL A 9 -1.96 -3.22 -0.47
CA VAL A 9 -1.76 -4.64 -0.72
C VAL A 9 -0.44 -5.12 -0.14
N GLY A 10 -0.44 -6.34 0.38
CA GLY A 10 0.77 -6.90 0.95
C GLY A 10 0.58 -8.34 1.43
N ALA A 11 1.68 -9.05 1.63
CA ALA A 11 1.62 -10.43 2.07
C ALA A 11 1.59 -10.52 3.59
N GLY A 12 1.83 -11.72 4.12
CA GLY A 12 1.82 -11.92 5.56
C GLY A 12 3.14 -11.55 6.20
N GLY A 13 3.08 -10.79 7.28
CA GLY A 13 4.28 -10.38 7.98
C GLY A 13 4.75 -9.01 7.56
N VAL A 14 4.39 -8.60 6.34
CA VAL A 14 4.79 -7.31 5.82
C VAL A 14 4.27 -6.16 6.70
N GLY A 15 3.13 -6.39 7.33
CA GLY A 15 2.56 -5.37 8.19
C GLY A 15 1.98 -4.21 7.41
N LYS A 16 1.26 -4.51 6.34
CA LYS A 16 0.66 -3.48 5.50
C LYS A 16 -0.26 -2.58 6.32
N SER A 17 -0.88 -3.15 7.35
CA SER A 17 -1.78 -2.38 8.21
C SER A 17 -1.00 -1.42 9.10
N ALA A 18 0.19 -1.84 9.52
CA ALA A 18 1.03 -1.02 10.38
C ALA A 18 1.30 0.34 9.75
N LEU A 19 1.53 0.34 8.44
CA LEU A 19 1.82 1.58 7.71
C LEU A 19 0.58 2.46 7.66
N THR A 20 -0.58 1.85 7.44
CA THR A 20 -1.84 2.58 7.36
C THR A 20 -2.13 3.32 8.66
N ILE A 21 -2.14 2.58 9.77
CA ILE A 21 -2.42 3.17 11.07
C ILE A 21 -1.42 4.29 11.38
N GLN A 22 -0.19 4.14 10.90
CA GLN A 22 0.85 5.15 11.12
C GLN A 22 0.49 6.45 10.42
N LEU A 23 0.11 6.36 9.15
CA LEU A 23 -0.24 7.53 8.37
C LEU A 23 -1.57 8.13 8.84
N ILE A 24 -2.51 7.27 9.19
CA ILE A 24 -3.83 7.71 9.62
C ILE A 24 -3.87 8.11 11.10
N GLN A 25 -3.37 7.24 11.97
CA GLN A 25 -3.40 7.51 13.42
C GLN A 25 -2.02 7.85 14.00
N ASN A 26 -0.97 7.72 13.20
CA ASN A 26 0.38 8.01 13.68
C ASN A 26 0.77 7.05 14.80
N HIS A 27 0.22 5.85 14.76
CA HIS A 27 0.52 4.83 15.76
C HIS A 27 0.73 3.47 15.11
N PHE A 28 1.15 2.49 15.90
CA PHE A 28 1.38 1.14 15.39
C PHE A 28 0.11 0.30 15.48
N VAL A 29 -0.15 -0.46 14.42
CA VAL A 29 -1.33 -1.31 14.37
C VAL A 29 -1.28 -2.37 15.48
N ASP A 30 -2.02 -3.47 15.31
CA ASP A 30 -2.05 -4.53 16.31
C ASP A 30 -2.84 -4.11 17.55
N GLU A 31 -3.72 -3.13 17.35
CA GLU A 31 -4.55 -2.63 18.45
C GLU A 31 -5.86 -2.07 17.92
N TYR A 32 -6.30 -2.58 16.77
CA TYR A 32 -7.54 -2.13 16.14
C TYR A 32 -8.46 -3.31 15.85
N ASP A 33 -9.73 -3.02 15.63
CA ASP A 33 -10.72 -4.04 15.34
C ASP A 33 -10.99 -4.14 13.84
N PRO A 34 -10.44 -5.18 13.17
CA PRO A 34 -10.63 -5.36 11.73
C PRO A 34 -12.08 -5.71 11.37
N SER A 35 -12.49 -5.30 10.17
CA SER A 35 -13.85 -5.55 9.69
C SER A 35 -14.84 -4.49 10.17
N ILE A 36 -14.49 -3.80 11.26
CA ILE A 36 -15.34 -2.76 11.81
C ILE A 36 -15.22 -1.47 11.00
N GLU A 37 -13.99 -0.96 10.88
CA GLU A 37 -13.74 0.26 10.14
C GLU A 37 -13.49 -0.04 8.66
N ASP A 38 -12.76 -1.11 8.40
CA ASP A 38 -12.44 -1.53 7.03
C ASP A 38 -11.49 -0.53 6.37
N SER A 39 -11.97 0.69 6.15
CA SER A 39 -11.17 1.72 5.51
C SER A 39 -10.75 2.80 6.51
N TYR A 40 -9.88 3.70 6.07
CA TYR A 40 -9.39 4.78 6.92
C TYR A 40 -9.52 6.12 6.21
N ARG A 41 -9.44 7.20 6.98
CA ARG A 41 -9.56 8.54 6.44
C ARG A 41 -8.41 9.43 6.92
N LYS A 42 -8.03 10.40 6.09
CA LYS A 42 -6.95 11.32 6.43
C LYS A 42 -6.96 12.53 5.49
N GLN A 43 -6.60 13.68 6.03
CA GLN A 43 -6.57 14.92 5.25
C GLN A 43 -5.13 15.42 5.10
N VAL A 44 -4.69 15.59 3.86
CA VAL A 44 -3.35 16.06 3.57
C VAL A 44 -3.28 16.76 2.23
N VAL A 45 -2.15 17.42 1.96
CA VAL A 45 -1.95 18.13 0.70
C VAL A 45 -0.91 17.43 -0.16
N ILE A 46 -1.27 17.19 -1.42
CA ILE A 46 -0.36 16.53 -2.36
C ILE A 46 -0.47 17.13 -3.75
N ASP A 47 0.68 17.41 -4.36
CA ASP A 47 0.71 18.00 -5.70
C ASP A 47 0.18 19.43 -5.68
N GLY A 48 0.22 20.06 -4.50
CA GLY A 48 -0.27 21.42 -4.39
C GLY A 48 -1.78 21.51 -4.28
N GLU A 49 -2.43 20.38 -4.05
CA GLU A 49 -3.88 20.35 -3.93
C GLU A 49 -4.31 19.53 -2.71
N THR A 50 -5.04 20.17 -1.80
CA THR A 50 -5.52 19.49 -0.60
C THR A 50 -6.61 18.49 -0.93
N CYS A 51 -6.33 17.21 -0.74
CA CYS A 51 -7.29 16.15 -1.02
C CYS A 51 -7.42 15.20 0.15
N LEU A 52 -8.41 14.31 0.09
CA LEU A 52 -8.65 13.35 1.15
C LEU A 52 -7.88 12.06 0.88
N LEU A 53 -7.10 11.62 1.86
CA LEU A 53 -6.31 10.40 1.73
C LEU A 53 -6.92 9.26 2.54
N ASP A 54 -7.93 8.61 1.98
CA ASP A 54 -8.58 7.47 2.66
C ASP A 54 -7.80 6.19 2.41
N ILE A 55 -7.13 5.69 3.44
CA ILE A 55 -6.34 4.47 3.32
C ILE A 55 -7.18 3.23 3.60
N LEU A 56 -7.20 2.32 2.64
CA LEU A 56 -7.96 1.08 2.77
C LEU A 56 -7.04 -0.09 3.11
N ASP A 57 -7.20 -0.64 4.31
CA ASP A 57 -6.38 -1.76 4.75
C ASP A 57 -7.02 -3.09 4.35
N THR A 58 -6.26 -3.94 3.66
CA THR A 58 -6.74 -5.24 3.23
C THR A 58 -6.09 -6.36 4.03
N ALA A 59 -6.54 -7.59 3.78
CA ALA A 59 -6.00 -8.75 4.48
C ALA A 59 -4.73 -9.24 3.82
N GLY A 60 -3.85 -9.84 4.62
CA GLY A 60 -2.59 -10.35 4.09
C GLY A 60 -2.12 -11.61 4.80
N GLN A 61 -3.08 -12.43 5.24
CA GLN A 61 -2.76 -13.66 5.93
C GLN A 61 -3.78 -14.75 5.61
N GLU A 62 -5.05 -14.43 5.84
CA GLU A 62 -6.14 -15.37 5.57
C GLU A 62 -6.30 -15.62 4.08
N GLU A 63 -7.42 -16.25 3.71
CA GLU A 63 -7.70 -16.54 2.31
C GLU A 63 -8.60 -15.47 1.71
N TYR A 64 -8.34 -14.21 2.05
CA TYR A 64 -9.13 -13.09 1.54
C TYR A 64 -9.18 -13.10 0.02
N SER A 65 -10.39 -13.18 -0.53
CA SER A 65 -10.58 -13.20 -1.98
C SER A 65 -11.85 -12.45 -2.37
N ALA A 66 -12.94 -12.76 -1.67
CA ALA A 66 -14.23 -12.11 -1.95
C ALA A 66 -14.14 -10.61 -1.73
N MET A 67 -13.68 -10.22 -0.55
CA MET A 67 -13.55 -8.79 -0.23
C MET A 67 -12.34 -8.18 -0.94
N ARG A 68 -11.32 -9.01 -1.16
CA ARG A 68 -10.11 -8.56 -1.84
C ARG A 68 -10.46 -7.85 -3.14
N ASP A 69 -11.41 -8.42 -3.88
CA ASP A 69 -11.84 -7.86 -5.16
C ASP A 69 -12.69 -6.62 -4.94
N GLN A 70 -13.54 -6.66 -3.90
CA GLN A 70 -14.41 -5.54 -3.58
C GLN A 70 -13.61 -4.26 -3.32
N TYR A 71 -12.52 -4.39 -2.58
CA TYR A 71 -11.68 -3.25 -2.26
C TYR A 71 -11.16 -2.59 -3.54
N MET A 72 -10.75 -3.42 -4.49
CA MET A 72 -10.23 -2.94 -5.77
C MET A 72 -11.31 -2.25 -6.59
N ARG A 73 -12.50 -2.85 -6.64
CA ARG A 73 -13.61 -2.32 -7.41
C ARG A 73 -13.99 -0.91 -6.95
N THR A 74 -13.73 -0.60 -5.68
CA THR A 74 -14.06 0.71 -5.14
C THR A 74 -12.79 1.55 -4.94
N GLY A 75 -11.67 0.88 -4.73
CA GLY A 75 -10.41 1.59 -4.52
C GLY A 75 -9.82 2.13 -5.81
N GLU A 76 -9.38 3.39 -5.76
CA GLU A 76 -8.79 4.03 -6.94
C GLU A 76 -7.36 3.54 -7.15
N GLY A 77 -6.48 3.88 -6.22
CA GLY A 77 -5.09 3.47 -6.32
C GLY A 77 -4.78 2.29 -5.42
N PHE A 78 -3.69 1.59 -5.72
CA PHE A 78 -3.29 0.43 -4.93
C PHE A 78 -1.83 0.53 -4.51
N LEU A 79 -1.60 0.63 -3.20
CA LEU A 79 -0.24 0.72 -2.66
C LEU A 79 0.26 -0.67 -2.29
N CYS A 80 1.37 -1.08 -2.90
CA CYS A 80 1.95 -2.39 -2.62
C CYS A 80 3.06 -2.29 -1.57
N VAL A 81 2.91 -3.06 -0.51
CA VAL A 81 3.89 -3.06 0.58
C VAL A 81 4.53 -4.44 0.74
N PHE A 82 5.84 -4.49 0.61
CA PHE A 82 6.57 -5.75 0.75
C PHE A 82 7.58 -5.67 1.89
N ALA A 83 7.96 -6.83 2.42
CA ALA A 83 8.92 -6.87 3.52
C ALA A 83 10.32 -7.20 3.01
N ILE A 84 11.30 -6.48 3.51
CA ILE A 84 12.69 -6.69 3.10
C ILE A 84 13.25 -7.96 3.72
N ASN A 85 12.78 -8.30 4.91
CA ASN A 85 13.24 -9.50 5.60
C ASN A 85 12.48 -10.74 5.11
N ASN A 86 11.31 -10.52 4.54
CA ASN A 86 10.49 -11.62 4.04
C ASN A 86 10.43 -11.58 2.50
N THR A 87 11.27 -12.38 1.87
CA THR A 87 11.30 -12.44 0.41
C THR A 87 9.97 -12.92 -0.16
N LYS A 88 9.27 -13.75 0.62
CA LYS A 88 7.98 -14.28 0.19
C LYS A 88 7.03 -13.15 -0.21
N SER A 89 7.21 -11.99 0.42
CA SER A 89 6.37 -10.83 0.12
C SER A 89 6.72 -10.24 -1.24
N PHE A 90 7.97 -10.37 -1.64
CA PHE A 90 8.42 -9.85 -2.92
C PHE A 90 7.64 -10.47 -4.06
N GLU A 91 7.39 -11.78 -3.97
CA GLU A 91 6.65 -12.49 -5.00
C GLU A 91 5.16 -12.12 -4.99
N ASP A 92 4.68 -11.71 -3.82
CA ASP A 92 3.28 -11.32 -3.65
C ASP A 92 2.92 -10.07 -4.45
N ILE A 93 3.85 -9.14 -4.53
CA ILE A 93 3.61 -7.89 -5.26
C ILE A 93 3.17 -8.12 -6.70
N HIS A 94 3.79 -9.09 -7.37
CA HIS A 94 3.45 -9.37 -8.78
C HIS A 94 2.10 -10.07 -8.91
N GLN A 95 1.89 -11.12 -8.11
CA GLN A 95 0.64 -11.87 -8.17
C GLN A 95 -0.54 -10.99 -7.77
N TYR A 96 -0.31 -10.10 -6.80
CA TYR A 96 -1.35 -9.20 -6.33
C TYR A 96 -1.76 -8.24 -7.44
N ARG A 97 -0.76 -7.70 -8.14
CA ARG A 97 -1.00 -6.77 -9.24
C ARG A 97 -1.85 -7.42 -10.33
N GLU A 98 -1.61 -8.70 -10.58
CA GLU A 98 -2.35 -9.43 -11.61
C GLU A 98 -3.85 -9.42 -11.30
N GLN A 99 -4.18 -9.43 -10.02
CA GLN A 99 -5.57 -9.42 -9.58
C GLN A 99 -6.20 -8.04 -9.77
N ILE A 100 -5.41 -7.00 -9.50
CA ILE A 100 -5.88 -5.63 -9.65
C ILE A 100 -6.25 -5.32 -11.09
N LYS A 101 -5.51 -5.89 -12.02
CA LYS A 101 -5.75 -5.67 -13.44
C LYS A 101 -7.10 -6.26 -13.87
N ARG A 102 -7.49 -7.35 -13.21
CA ARG A 102 -8.76 -8.00 -13.53
C ARG A 102 -9.95 -7.16 -13.12
N VAL A 103 -9.93 -6.66 -11.89
CA VAL A 103 -11.02 -5.83 -11.37
C VAL A 103 -11.00 -4.43 -11.95
N LYS A 104 -9.80 -3.87 -12.13
CA LYS A 104 -9.67 -2.52 -12.67
C LYS A 104 -9.63 -2.51 -14.20
N ASP A 105 -9.33 -3.67 -14.80
CA ASP A 105 -9.26 -3.81 -16.25
C ASP A 105 -8.71 -2.56 -16.91
N SER A 106 -7.68 -1.96 -16.30
CA SER A 106 -7.07 -0.75 -16.84
C SER A 106 -5.60 -0.97 -17.19
N ASP A 107 -5.04 -2.10 -16.78
CA ASP A 107 -3.64 -2.41 -17.05
C ASP A 107 -2.72 -1.49 -16.25
N ASP A 108 -2.73 -0.21 -16.58
CA ASP A 108 -1.90 0.77 -15.89
C ASP A 108 -2.74 1.60 -14.93
N VAL A 109 -2.78 1.18 -13.67
CA VAL A 109 -3.56 1.89 -12.65
C VAL A 109 -2.65 2.48 -11.57
N PRO A 110 -3.12 3.54 -10.90
CA PRO A 110 -2.34 4.20 -9.84
C PRO A 110 -1.87 3.24 -8.77
N MET A 111 -0.55 3.09 -8.65
CA MET A 111 0.04 2.19 -7.67
C MET A 111 1.42 2.68 -7.23
N VAL A 112 1.82 2.29 -6.03
CA VAL A 112 3.12 2.67 -5.49
C VAL A 112 3.69 1.57 -4.60
N LEU A 113 4.91 1.14 -4.90
CA LEU A 113 5.56 0.09 -4.13
C LEU A 113 6.35 0.69 -2.97
N VAL A 114 6.15 0.12 -1.78
CA VAL A 114 6.84 0.61 -0.58
C VAL A 114 7.41 -0.56 0.22
N GLY A 115 8.71 -0.52 0.45
CA GLY A 115 9.36 -1.57 1.22
C GLY A 115 9.17 -1.38 2.71
N ASN A 116 8.15 -2.02 3.26
CA ASN A 116 7.85 -1.91 4.69
C ASN A 116 8.79 -2.80 5.50
N LYS A 117 9.06 -2.39 6.73
CA LYS A 117 9.93 -3.14 7.63
C LYS A 117 11.40 -3.06 7.16
N CYS A 118 11.80 -1.85 6.75
CA CYS A 118 13.17 -1.64 6.28
C CYS A 118 14.09 -1.24 7.43
N ASP A 119 13.52 -0.55 8.42
CA ASP A 119 14.29 -0.12 9.58
C ASP A 119 14.83 -1.31 10.37
N LEU A 120 14.24 -2.49 10.14
CA LEU A 120 14.67 -3.69 10.84
C LEU A 120 16.17 -3.92 10.69
N ALA A 121 16.65 -5.04 11.22
CA ALA A 121 18.07 -5.37 11.15
C ALA A 121 18.29 -6.67 10.38
N ALA A 122 17.52 -6.87 9.32
CA ALA A 122 17.63 -8.07 8.51
C ALA A 122 16.89 -7.90 7.18
N ARG A 123 17.58 -7.36 6.19
CA ARG A 123 16.99 -7.16 4.87
C ARG A 123 17.52 -8.18 3.87
N THR A 124 16.64 -9.05 3.40
CA THR A 124 17.00 -10.08 2.43
C THR A 124 16.93 -9.54 1.01
N VAL A 125 15.81 -8.90 0.68
CA VAL A 125 15.61 -8.34 -0.65
C VAL A 125 16.22 -6.95 -0.75
N GLU A 126 17.30 -6.83 -1.51
CA GLU A 126 17.98 -5.55 -1.69
C GLU A 126 17.03 -4.50 -2.23
N SER A 127 17.33 -3.23 -1.96
CA SER A 127 16.50 -2.12 -2.42
C SER A 127 16.36 -2.14 -3.93
N ARG A 128 17.43 -2.52 -4.62
CA ARG A 128 17.42 -2.57 -6.08
C ARG A 128 16.42 -3.62 -6.58
N GLN A 129 16.30 -4.72 -5.84
CA GLN A 129 15.38 -5.78 -6.21
C GLN A 129 13.94 -5.28 -6.25
N ALA A 130 13.58 -4.49 -5.24
CA ALA A 130 12.23 -3.94 -5.16
C ALA A 130 12.03 -2.84 -6.19
N GLN A 131 13.10 -2.12 -6.51
CA GLN A 131 13.05 -1.04 -7.48
C GLN A 131 12.57 -1.56 -8.83
N ASP A 132 13.18 -2.63 -9.31
CA ASP A 132 12.81 -3.22 -10.58
C ASP A 132 11.35 -3.65 -10.58
N LEU A 133 10.86 -4.03 -9.40
CA LEU A 133 9.47 -4.46 -9.25
C LEU A 133 8.51 -3.33 -9.61
N ALA A 134 8.80 -2.14 -9.11
CA ALA A 134 7.97 -0.97 -9.37
C ALA A 134 8.10 -0.53 -10.83
N ARG A 135 9.32 -0.59 -11.35
CA ARG A 135 9.59 -0.19 -12.72
C ARG A 135 8.88 -1.12 -13.71
N SER A 136 8.74 -2.39 -13.33
CA SER A 136 8.08 -3.36 -14.19
C SER A 136 6.64 -2.96 -14.48
N TYR A 137 6.06 -2.20 -13.56
CA TYR A 137 4.68 -1.75 -13.73
C TYR A 137 4.63 -0.28 -14.12
N GLY A 138 5.67 0.46 -13.79
CA GLY A 138 5.72 1.87 -14.12
C GLY A 138 5.31 2.76 -12.96
N ILE A 139 5.58 2.30 -11.75
CA ILE A 139 5.23 3.07 -10.55
C ILE A 139 6.46 3.35 -9.70
N PRO A 140 6.43 4.43 -8.91
CA PRO A 140 7.56 4.83 -8.05
C PRO A 140 7.72 3.90 -6.85
N TYR A 141 8.95 3.82 -6.34
CA TYR A 141 9.24 2.98 -5.19
C TYR A 141 9.85 3.80 -4.05
N ILE A 142 9.39 3.54 -2.84
CA ILE A 142 9.89 4.26 -1.66
C ILE A 142 9.94 3.35 -0.45
N GLU A 143 11.13 3.19 0.13
CA GLU A 143 11.30 2.34 1.30
C GLU A 143 10.76 3.03 2.55
N THR A 144 10.05 2.28 3.38
CA THR A 144 9.48 2.84 4.59
C THR A 144 9.40 1.79 5.71
N SER A 145 9.10 2.24 6.92
CA SER A 145 8.99 1.36 8.07
C SER A 145 7.76 1.71 8.89
N ALA A 146 6.93 0.70 9.17
CA ALA A 146 5.71 0.90 9.95
C ALA A 146 6.00 1.04 11.44
N LYS A 147 7.24 0.81 11.84
CA LYS A 147 7.62 0.90 13.25
C LYS A 147 8.24 2.25 13.58
N THR A 148 9.07 2.76 12.68
CA THR A 148 9.73 4.04 12.90
C THR A 148 9.00 5.19 12.21
N ARG A 149 7.97 4.86 11.42
CA ARG A 149 7.19 5.88 10.71
C ARG A 149 8.10 6.69 9.79
N GLN A 150 8.93 5.99 9.02
CA GLN A 150 9.84 6.64 8.09
C GLN A 150 9.45 6.36 6.64
N GLY A 151 9.18 7.42 5.90
CA GLY A 151 8.80 7.27 4.51
C GLY A 151 7.36 6.83 4.32
N VAL A 152 6.64 6.64 5.42
CA VAL A 152 5.25 6.22 5.36
C VAL A 152 4.41 7.22 4.57
N GLU A 153 4.59 8.50 4.87
CA GLU A 153 3.86 9.57 4.19
C GLU A 153 4.26 9.66 2.73
N ASP A 154 5.56 9.60 2.48
CA ASP A 154 6.08 9.68 1.10
C ASP A 154 5.49 8.59 0.23
N ALA A 155 5.29 7.40 0.81
CA ALA A 155 4.73 6.28 0.07
C ALA A 155 3.25 6.48 -0.23
N PHE A 156 2.48 6.84 0.80
CA PHE A 156 1.06 7.07 0.65
C PHE A 156 0.77 8.29 -0.22
N TYR A 157 1.51 9.37 0.03
CA TYR A 157 1.34 10.61 -0.72
C TYR A 157 1.51 10.36 -2.22
N THR A 158 2.54 9.61 -2.58
CA THR A 158 2.82 9.31 -3.98
C THR A 158 1.63 8.61 -4.64
N LEU A 159 0.97 7.75 -3.88
CA LEU A 159 -0.19 7.01 -4.39
C LEU A 159 -1.28 7.95 -4.88
N VAL A 160 -1.58 8.97 -4.09
CA VAL A 160 -2.62 9.94 -4.45
C VAL A 160 -2.30 10.61 -5.78
N ARG A 161 -1.04 10.98 -5.98
CA ARG A 161 -0.60 11.64 -7.20
C ARG A 161 -1.06 10.85 -8.43
N GLU A 162 -0.93 9.53 -8.37
CA GLU A 162 -1.33 8.68 -9.49
C GLU A 162 -2.86 8.67 -9.65
N ILE A 163 -3.56 8.57 -8.53
CA ILE A 163 -5.02 8.56 -8.55
C ILE A 163 -5.58 9.88 -9.07
N ARG A 164 -4.92 10.98 -8.72
CA ARG A 164 -5.36 12.30 -9.14
C ARG A 164 -5.49 12.36 -10.67
N GLN A 165 -4.68 11.57 -11.36
CA GLN A 165 -4.72 11.53 -12.83
C GLN A 165 -6.01 10.90 -13.32
N HIS A 166 -6.54 9.95 -12.54
CA HIS A 166 -7.78 9.27 -12.90
C HIS A 166 -8.95 9.81 -12.09
N MET A 1 -13.97 18.26 -0.24
CA MET A 1 -12.62 17.71 -0.51
C MET A 1 -12.70 16.45 -1.36
N THR A 2 -11.65 16.21 -2.15
CA THR A 2 -11.59 15.03 -3.01
C THR A 2 -11.36 13.76 -2.18
N GLU A 3 -12.22 12.77 -2.40
CA GLU A 3 -12.10 11.51 -1.69
C GLU A 3 -11.33 10.47 -2.51
N TYR A 4 -10.21 10.02 -1.95
CA TYR A 4 -9.38 9.03 -2.64
C TYR A 4 -9.27 7.75 -1.81
N LYS A 5 -9.86 6.67 -2.34
CA LYS A 5 -9.83 5.38 -1.66
C LYS A 5 -8.71 4.51 -2.21
N LEU A 6 -7.63 4.40 -1.44
CA LEU A 6 -6.48 3.60 -1.87
C LEU A 6 -6.45 2.26 -1.13
N VAL A 7 -6.43 1.17 -1.88
CA VAL A 7 -6.40 -0.16 -1.29
C VAL A 7 -4.96 -0.63 -1.10
N VAL A 8 -4.55 -0.77 0.15
CA VAL A 8 -3.19 -1.20 0.47
C VAL A 8 -3.04 -2.71 0.30
N VAL A 9 -2.06 -3.12 -0.50
CA VAL A 9 -1.81 -4.53 -0.75
C VAL A 9 -0.35 -4.88 -0.50
N GLY A 10 -0.06 -6.17 -0.39
CA GLY A 10 1.30 -6.62 -0.16
C GLY A 10 1.40 -8.10 0.09
N ALA A 11 1.34 -8.50 1.37
CA ALA A 11 1.42 -9.90 1.74
C ALA A 11 1.11 -10.10 3.21
N GLY A 12 1.44 -11.28 3.74
CA GLY A 12 1.18 -11.57 5.13
C GLY A 12 2.41 -11.36 6.00
N GLY A 13 2.32 -10.39 6.91
CA GLY A 13 3.43 -10.10 7.79
C GLY A 13 4.13 -8.80 7.44
N VAL A 14 3.97 -8.36 6.20
CA VAL A 14 4.59 -7.11 5.75
C VAL A 14 4.20 -5.94 6.64
N GLY A 15 2.96 -5.94 7.11
CA GLY A 15 2.49 -4.87 7.96
C GLY A 15 1.85 -3.74 7.19
N LYS A 16 0.97 -4.09 6.26
CA LYS A 16 0.28 -3.09 5.45
C LYS A 16 -0.55 -2.15 6.32
N SER A 17 -1.16 -2.71 7.37
CA SER A 17 -1.98 -1.92 8.28
C SER A 17 -1.12 -1.03 9.17
N ALA A 18 0.04 -1.53 9.57
CA ALA A 18 0.94 -0.76 10.42
C ALA A 18 1.30 0.58 9.80
N LEU A 19 1.40 0.61 8.47
CA LEU A 19 1.74 1.83 7.75
C LEU A 19 0.57 2.82 7.75
N THR A 20 -0.65 2.29 7.66
CA THR A 20 -1.84 3.14 7.63
C THR A 20 -2.09 3.82 8.98
N ILE A 21 -2.04 3.05 10.06
CA ILE A 21 -2.27 3.59 11.39
C ILE A 21 -1.32 4.73 11.70
N GLN A 22 -0.11 4.64 11.17
CA GLN A 22 0.91 5.67 11.38
C GLN A 22 0.55 6.94 10.62
N LEU A 23 0.19 6.79 9.35
CA LEU A 23 -0.17 7.93 8.53
C LEU A 23 -1.51 8.52 8.97
N ILE A 24 -2.44 7.65 9.36
CA ILE A 24 -3.76 8.08 9.79
C ILE A 24 -3.81 8.54 11.25
N GLN A 25 -3.17 7.79 12.15
CA GLN A 25 -3.20 8.14 13.57
C GLN A 25 -1.80 8.27 14.18
N ASN A 26 -0.78 8.35 13.34
CA ASN A 26 0.60 8.48 13.85
C ASN A 26 0.89 7.43 14.93
N HIS A 27 0.20 6.30 14.85
CA HIS A 27 0.38 5.23 15.83
C HIS A 27 0.71 3.91 15.14
N PHE A 28 1.00 2.89 15.93
CA PHE A 28 1.35 1.58 15.40
C PHE A 28 0.20 0.59 15.61
N VAL A 29 -0.07 -0.23 14.60
CA VAL A 29 -1.13 -1.22 14.66
C VAL A 29 -0.96 -2.14 15.87
N ASP A 30 -1.67 -3.27 15.87
CA ASP A 30 -1.58 -4.23 16.97
C ASP A 30 -2.37 -3.72 18.17
N GLU A 31 -3.62 -3.33 17.92
CA GLU A 31 -4.49 -2.82 18.97
C GLU A 31 -5.83 -2.36 18.38
N TYR A 32 -5.80 -1.92 17.12
CA TYR A 32 -7.00 -1.46 16.44
C TYR A 32 -7.96 -2.62 16.18
N ASP A 33 -9.22 -2.28 15.89
CA ASP A 33 -10.24 -3.29 15.62
C ASP A 33 -10.49 -3.42 14.12
N PRO A 34 -9.89 -4.44 13.47
CA PRO A 34 -10.05 -4.67 12.04
C PRO A 34 -11.39 -5.30 11.70
N SER A 35 -11.78 -5.22 10.42
CA SER A 35 -13.03 -5.79 9.93
C SER A 35 -14.21 -4.83 10.15
N ILE A 36 -14.23 -4.15 11.27
CA ILE A 36 -15.30 -3.22 11.59
C ILE A 36 -15.28 -2.01 10.65
N GLU A 37 -14.09 -1.65 10.17
CA GLU A 37 -13.93 -0.50 9.28
C GLU A 37 -13.30 -0.93 7.95
N ASP A 38 -12.06 -1.41 8.03
CA ASP A 38 -11.33 -1.85 6.84
C ASP A 38 -10.86 -0.67 5.99
N SER A 39 -11.15 0.56 6.43
CA SER A 39 -10.75 1.75 5.70
C SER A 39 -10.40 2.89 6.65
N TYR A 40 -9.55 3.80 6.18
CA TYR A 40 -9.14 4.94 6.99
C TYR A 40 -9.30 6.25 6.21
N ARG A 41 -9.29 7.37 6.92
CA ARG A 41 -9.44 8.68 6.30
C ARG A 41 -8.43 9.67 6.86
N LYS A 42 -7.94 10.56 6.01
CA LYS A 42 -6.97 11.57 6.42
C LYS A 42 -6.98 12.76 5.47
N GLN A 43 -6.77 13.95 6.02
CA GLN A 43 -6.76 15.17 5.22
C GLN A 43 -5.34 15.71 5.07
N VAL A 44 -4.90 15.83 3.83
CA VAL A 44 -3.56 16.34 3.54
C VAL A 44 -3.51 17.03 2.17
N VAL A 45 -2.48 17.83 1.95
CA VAL A 45 -2.32 18.54 0.69
C VAL A 45 -1.21 17.94 -0.16
N ILE A 46 -1.58 17.31 -1.26
CA ILE A 46 -0.61 16.70 -2.15
C ILE A 46 -0.69 17.30 -3.55
N ASP A 47 0.46 17.63 -4.12
CA ASP A 47 0.53 18.22 -5.46
C ASP A 47 -0.12 19.60 -5.47
N GLY A 48 -0.06 20.28 -4.33
CA GLY A 48 -0.63 21.61 -4.22
C GLY A 48 -2.15 21.60 -4.23
N GLU A 49 -2.74 20.44 -3.98
CA GLU A 49 -4.19 20.30 -3.96
C GLU A 49 -4.65 19.54 -2.73
N THR A 50 -5.55 20.15 -1.96
CA THR A 50 -6.08 19.51 -0.75
C THR A 50 -6.99 18.34 -1.11
N CYS A 51 -6.64 17.16 -0.63
CA CYS A 51 -7.43 15.96 -0.91
C CYS A 51 -7.45 15.04 0.30
N LEU A 52 -8.46 14.17 0.36
CA LEU A 52 -8.60 13.23 1.45
C LEU A 52 -7.89 11.91 1.13
N LEU A 53 -6.84 11.60 1.90
CA LEU A 53 -6.09 10.38 1.70
C LEU A 53 -6.72 9.21 2.45
N ASP A 54 -7.75 8.61 1.84
CA ASP A 54 -8.44 7.48 2.47
C ASP A 54 -7.70 6.18 2.18
N ILE A 55 -6.98 5.69 3.19
CA ILE A 55 -6.23 4.45 3.05
C ILE A 55 -7.07 3.25 3.46
N LEU A 56 -7.15 2.27 2.58
CA LEU A 56 -7.93 1.06 2.85
C LEU A 56 -7.01 -0.14 3.07
N ASP A 57 -7.00 -0.65 4.29
CA ASP A 57 -6.15 -1.80 4.63
C ASP A 57 -6.81 -3.11 4.20
N THR A 58 -5.99 -4.05 3.74
CA THR A 58 -6.50 -5.35 3.30
C THR A 58 -5.94 -6.47 4.18
N ALA A 59 -6.46 -7.67 4.00
CA ALA A 59 -6.01 -8.83 4.76
C ALA A 59 -4.76 -9.43 4.14
N GLY A 60 -3.80 -9.81 4.98
CA GLY A 60 -2.57 -10.41 4.50
C GLY A 60 -2.82 -11.70 3.76
N GLN A 61 -3.18 -11.58 2.48
CA GLN A 61 -3.45 -12.75 1.65
C GLN A 61 -4.66 -13.53 2.19
N GLU A 62 -4.43 -14.33 3.23
CA GLU A 62 -5.50 -15.12 3.85
C GLU A 62 -6.41 -15.75 2.80
N GLU A 63 -5.87 -16.03 1.63
CA GLU A 63 -6.64 -16.62 0.54
C GLU A 63 -7.99 -15.94 0.38
N TYR A 64 -8.04 -14.65 0.71
CA TYR A 64 -9.27 -13.87 0.60
C TYR A 64 -9.88 -13.99 -0.80
N SER A 65 -9.35 -13.23 -1.74
CA SER A 65 -9.83 -13.25 -3.12
C SER A 65 -11.23 -12.65 -3.24
N ALA A 66 -12.21 -13.30 -2.60
CA ALA A 66 -13.58 -12.84 -2.64
C ALA A 66 -13.70 -11.38 -2.19
N MET A 67 -13.18 -11.09 -1.01
CA MET A 67 -13.23 -9.73 -0.48
C MET A 67 -12.20 -8.83 -1.15
N ARG A 68 -11.04 -9.42 -1.48
CA ARG A 68 -9.97 -8.67 -2.14
C ARG A 68 -10.49 -7.91 -3.35
N ASP A 69 -11.23 -8.60 -4.21
CA ASP A 69 -11.78 -7.97 -5.41
C ASP A 69 -12.71 -6.82 -5.04
N GLN A 70 -13.48 -7.01 -3.97
CA GLN A 70 -14.41 -5.98 -3.51
C GLN A 70 -13.66 -4.71 -3.14
N TYR A 71 -12.48 -4.88 -2.55
CA TYR A 71 -11.67 -3.75 -2.14
C TYR A 71 -11.18 -2.96 -3.35
N MET A 72 -10.61 -3.67 -4.31
CA MET A 72 -10.09 -3.06 -5.53
C MET A 72 -11.21 -2.46 -6.38
N ARG A 73 -12.33 -3.18 -6.48
CA ARG A 73 -13.47 -2.71 -7.27
C ARG A 73 -13.99 -1.36 -6.77
N THR A 74 -13.68 -1.03 -5.53
CA THR A 74 -14.13 0.25 -4.95
C THR A 74 -12.96 1.20 -4.77
N GLY A 75 -11.74 0.67 -4.70
CA GLY A 75 -10.57 1.50 -4.53
C GLY A 75 -10.04 2.06 -5.84
N GLU A 76 -9.27 3.15 -5.75
CA GLU A 76 -8.72 3.78 -6.94
C GLU A 76 -7.25 3.38 -7.11
N GLY A 77 -6.39 3.87 -6.23
CA GLY A 77 -4.98 3.56 -6.29
C GLY A 77 -4.57 2.57 -5.22
N PHE A 78 -3.96 1.46 -5.64
CA PHE A 78 -3.55 0.43 -4.70
C PHE A 78 -2.07 0.56 -4.36
N LEU A 79 -1.76 0.59 -3.06
CA LEU A 79 -0.39 0.70 -2.60
C LEU A 79 0.20 -0.67 -2.31
N CYS A 80 1.33 -0.98 -2.94
CA CYS A 80 1.99 -2.27 -2.74
C CYS A 80 3.08 -2.16 -1.69
N VAL A 81 2.92 -2.92 -0.61
CA VAL A 81 3.90 -2.92 0.48
C VAL A 81 4.49 -4.31 0.68
N PHE A 82 5.82 -4.41 0.56
CA PHE A 82 6.50 -5.69 0.75
C PHE A 82 7.53 -5.58 1.87
N ALA A 83 7.87 -6.73 2.46
CA ALA A 83 8.84 -6.77 3.54
C ALA A 83 10.22 -7.17 3.03
N ILE A 84 11.25 -6.46 3.49
CA ILE A 84 12.62 -6.74 3.06
C ILE A 84 13.12 -8.04 3.67
N ASN A 85 12.71 -8.31 4.90
CA ASN A 85 13.13 -9.54 5.59
C ASN A 85 12.28 -10.73 5.17
N ASN A 86 11.07 -10.44 4.68
CA ASN A 86 10.16 -11.50 4.25
C ASN A 86 10.06 -11.55 2.73
N THR A 87 10.87 -12.40 2.12
CA THR A 87 10.88 -12.55 0.67
C THR A 87 9.53 -13.03 0.16
N LYS A 88 8.79 -13.74 1.02
CA LYS A 88 7.47 -14.25 0.66
C LYS A 88 6.57 -13.13 0.17
N SER A 89 6.82 -11.92 0.67
CA SER A 89 6.04 -10.76 0.28
C SER A 89 6.41 -10.29 -1.12
N PHE A 90 7.68 -10.46 -1.48
CA PHE A 90 8.17 -10.05 -2.78
C PHE A 90 7.42 -10.77 -3.90
N GLU A 91 7.17 -12.05 -3.70
CA GLU A 91 6.46 -12.86 -4.69
C GLU A 91 4.98 -12.48 -4.75
N ASP A 92 4.46 -11.98 -3.63
CA ASP A 92 3.06 -11.58 -3.54
C ASP A 92 2.77 -10.34 -4.37
N ILE A 93 3.71 -9.42 -4.42
CA ILE A 93 3.53 -8.17 -5.15
C ILE A 93 3.17 -8.41 -6.62
N HIS A 94 3.77 -9.42 -7.25
CA HIS A 94 3.48 -9.70 -8.65
C HIS A 94 2.10 -10.34 -8.81
N GLN A 95 1.82 -11.36 -8.01
CA GLN A 95 0.53 -12.05 -8.09
C GLN A 95 -0.59 -11.13 -7.64
N TYR A 96 -0.32 -10.29 -6.65
CA TYR A 96 -1.31 -9.35 -6.13
C TYR A 96 -1.71 -8.35 -7.21
N ARG A 97 -0.75 -7.95 -8.03
CA ARG A 97 -0.98 -6.99 -9.10
C ARG A 97 -1.91 -7.56 -10.17
N GLU A 98 -1.75 -8.86 -10.45
CA GLU A 98 -2.56 -9.52 -11.47
C GLU A 98 -4.04 -9.42 -11.13
N GLN A 99 -4.35 -9.43 -9.83
CA GLN A 99 -5.74 -9.33 -9.38
C GLN A 99 -6.26 -7.92 -9.59
N ILE A 100 -5.34 -6.95 -9.59
CA ILE A 100 -5.71 -5.54 -9.76
C ILE A 100 -6.25 -5.28 -11.17
N LYS A 101 -5.52 -5.76 -12.17
CA LYS A 101 -5.92 -5.56 -13.56
C LYS A 101 -7.27 -6.23 -13.86
N ARG A 102 -7.54 -7.33 -13.18
CA ARG A 102 -8.78 -8.07 -13.38
C ARG A 102 -10.00 -7.24 -12.93
N VAL A 103 -9.95 -6.75 -11.70
CA VAL A 103 -11.05 -5.96 -11.15
C VAL A 103 -11.11 -4.57 -11.78
N LYS A 104 -9.97 -3.89 -11.83
CA LYS A 104 -9.91 -2.55 -12.41
C LYS A 104 -10.07 -2.58 -13.93
N ASP A 105 -9.92 -3.77 -14.51
CA ASP A 105 -10.05 -3.95 -15.96
C ASP A 105 -9.30 -2.85 -16.72
N SER A 106 -8.10 -2.52 -16.25
CA SER A 106 -7.29 -1.49 -16.88
C SER A 106 -5.86 -2.01 -17.11
N ASP A 107 -4.95 -1.08 -17.40
CA ASP A 107 -3.56 -1.44 -17.64
C ASP A 107 -2.63 -0.56 -16.81
N ASP A 108 -2.86 0.74 -16.85
CA ASP A 108 -2.04 1.68 -16.10
C ASP A 108 -2.86 2.38 -15.02
N VAL A 109 -2.83 1.83 -13.81
CA VAL A 109 -3.57 2.40 -12.70
C VAL A 109 -2.64 2.90 -11.60
N PRO A 110 -3.12 3.85 -10.77
CA PRO A 110 -2.31 4.43 -9.69
C PRO A 110 -1.83 3.36 -8.71
N MET A 111 -0.51 3.23 -8.60
CA MET A 111 0.09 2.25 -7.69
C MET A 111 1.47 2.71 -7.25
N VAL A 112 1.88 2.29 -6.05
CA VAL A 112 3.19 2.66 -5.52
C VAL A 112 3.76 1.56 -4.64
N LEU A 113 4.99 1.14 -4.95
CA LEU A 113 5.66 0.10 -4.18
C LEU A 113 6.44 0.69 -3.01
N VAL A 114 6.23 0.12 -1.82
CA VAL A 114 6.92 0.60 -0.62
C VAL A 114 7.45 -0.57 0.21
N GLY A 115 8.76 -0.60 0.41
CA GLY A 115 9.37 -1.65 1.19
C GLY A 115 9.14 -1.48 2.68
N ASN A 116 8.10 -2.12 3.20
CA ASN A 116 7.77 -2.03 4.62
C ASN A 116 8.74 -2.87 5.45
N LYS A 117 8.80 -2.58 6.74
CA LYS A 117 9.67 -3.31 7.65
C LYS A 117 11.14 -3.11 7.28
N CYS A 118 11.50 -1.88 6.94
CA CYS A 118 12.88 -1.56 6.56
C CYS A 118 13.69 -1.08 7.76
N ASP A 119 13.07 -1.09 8.94
CA ASP A 119 13.74 -0.65 10.16
C ASP A 119 14.84 -1.65 10.57
N LEU A 120 14.44 -2.90 10.76
CA LEU A 120 15.37 -3.95 11.15
C LEU A 120 16.48 -4.10 10.12
N ALA A 121 17.57 -4.76 10.51
CA ALA A 121 18.71 -4.96 9.62
C ALA A 121 18.70 -6.38 9.04
N ALA A 122 17.51 -6.94 8.89
CA ALA A 122 17.37 -8.29 8.34
C ALA A 122 16.76 -8.25 6.94
N ARG A 123 17.35 -7.42 6.08
CA ARG A 123 16.88 -7.29 4.70
C ARG A 123 17.32 -8.48 3.86
N THR A 124 16.35 -9.31 3.46
CA THR A 124 16.62 -10.48 2.65
C THR A 124 16.58 -10.13 1.17
N VAL A 125 15.73 -9.16 0.82
CA VAL A 125 15.59 -8.72 -0.57
C VAL A 125 16.28 -7.38 -0.77
N GLU A 126 17.32 -7.38 -1.60
CA GLU A 126 18.07 -6.17 -1.89
C GLU A 126 17.17 -5.09 -2.48
N SER A 127 17.58 -3.84 -2.33
CA SER A 127 16.80 -2.72 -2.87
C SER A 127 16.61 -2.86 -4.37
N ARG A 128 17.57 -3.49 -5.04
CA ARG A 128 17.50 -3.69 -6.47
C ARG A 128 16.26 -4.49 -6.85
N GLN A 129 16.03 -5.58 -6.11
CA GLN A 129 14.88 -6.44 -6.37
C GLN A 129 13.58 -5.66 -6.19
N ALA A 130 13.54 -4.81 -5.17
CA ALA A 130 12.37 -4.00 -4.89
C ALA A 130 12.15 -2.95 -5.98
N GLN A 131 13.23 -2.26 -6.35
CA GLN A 131 13.15 -1.23 -7.38
C GLN A 131 12.76 -1.83 -8.72
N ASP A 132 13.42 -2.93 -9.09
CA ASP A 132 13.14 -3.61 -10.35
C ASP A 132 11.68 -4.04 -10.41
N LEU A 133 11.09 -4.29 -9.26
CA LEU A 133 9.69 -4.72 -9.19
C LEU A 133 8.75 -3.56 -9.54
N ALA A 134 9.09 -2.37 -9.09
CA ALA A 134 8.26 -1.20 -9.35
C ALA A 134 8.33 -0.78 -10.82
N ARG A 135 9.54 -0.67 -11.34
CA ARG A 135 9.74 -0.27 -12.73
C ARG A 135 9.06 -1.26 -13.68
N SER A 136 9.01 -2.52 -13.28
CA SER A 136 8.38 -3.55 -14.09
C SER A 136 6.90 -3.25 -14.33
N TYR A 137 6.32 -2.47 -13.41
CA TYR A 137 4.91 -2.09 -13.53
C TYR A 137 4.76 -0.63 -13.94
N GLY A 138 5.79 0.17 -13.65
CA GLY A 138 5.75 1.57 -14.00
C GLY A 138 5.20 2.43 -12.87
N ILE A 139 5.69 2.19 -11.65
CA ILE A 139 5.25 2.95 -10.49
C ILE A 139 6.43 3.35 -9.61
N PRO A 140 6.27 4.43 -8.83
CA PRO A 140 7.33 4.92 -7.94
C PRO A 140 7.60 3.97 -6.78
N TYR A 141 8.82 4.04 -6.25
CA TYR A 141 9.20 3.18 -5.14
C TYR A 141 9.75 4.00 -3.97
N ILE A 142 9.25 3.72 -2.77
CA ILE A 142 9.69 4.44 -1.58
C ILE A 142 9.76 3.51 -0.36
N GLU A 143 10.94 3.40 0.23
CA GLU A 143 11.13 2.55 1.40
C GLU A 143 10.54 3.20 2.65
N THR A 144 9.91 2.39 3.49
CA THR A 144 9.29 2.89 4.72
C THR A 144 9.24 1.81 5.79
N SER A 145 9.10 2.23 7.04
CA SER A 145 9.03 1.30 8.17
C SER A 145 7.96 1.74 9.17
N ALA A 146 6.91 0.93 9.29
CA ALA A 146 5.81 1.24 10.20
C ALA A 146 6.28 1.33 11.66
N LYS A 147 7.44 0.75 11.94
CA LYS A 147 7.99 0.76 13.30
C LYS A 147 8.71 2.07 13.59
N THR A 148 9.17 2.76 12.55
CA THR A 148 9.89 4.02 12.72
C THR A 148 9.08 5.19 12.15
N ARG A 149 8.09 4.89 11.33
CA ARG A 149 7.26 5.94 10.72
C ARG A 149 8.09 6.79 9.76
N GLN A 150 8.92 6.14 8.96
CA GLN A 150 9.76 6.83 8.00
C GLN A 150 9.29 6.59 6.57
N GLY A 151 9.11 7.67 5.81
CA GLY A 151 8.68 7.56 4.44
C GLY A 151 7.24 7.10 4.31
N VAL A 152 6.52 7.03 5.43
CA VAL A 152 5.13 6.60 5.42
C VAL A 152 4.27 7.56 4.61
N GLU A 153 4.39 8.85 4.91
CA GLU A 153 3.62 9.87 4.22
C GLU A 153 4.07 9.99 2.75
N ASP A 154 5.35 9.76 2.51
CA ASP A 154 5.90 9.83 1.17
C ASP A 154 5.28 8.77 0.27
N ALA A 155 5.29 7.52 0.73
CA ALA A 155 4.73 6.42 -0.04
C ALA A 155 3.23 6.60 -0.24
N PHE A 156 2.54 6.97 0.83
CA PHE A 156 1.09 7.17 0.78
C PHE A 156 0.75 8.37 -0.10
N TYR A 157 1.46 9.47 0.09
CA TYR A 157 1.22 10.69 -0.68
C TYR A 157 1.41 10.44 -2.17
N THR A 158 2.45 9.72 -2.52
CA THR A 158 2.74 9.42 -3.93
C THR A 158 1.57 8.69 -4.60
N LEU A 159 0.92 7.81 -3.85
CA LEU A 159 -0.21 7.06 -4.38
C LEU A 159 -1.32 7.98 -4.87
N VAL A 160 -1.65 9.00 -4.07
CA VAL A 160 -2.71 9.94 -4.44
C VAL A 160 -2.37 10.68 -5.74
N ARG A 161 -1.11 11.06 -5.89
CA ARG A 161 -0.66 11.77 -7.08
C ARG A 161 -1.06 11.04 -8.35
N GLU A 162 -0.92 9.71 -8.32
CA GLU A 162 -1.28 8.89 -9.47
C GLU A 162 -2.78 8.87 -9.69
N ILE A 163 -3.54 8.76 -8.59
CA ILE A 163 -4.99 8.72 -8.67
C ILE A 163 -5.54 10.04 -9.21
N ARG A 164 -4.90 11.15 -8.83
CA ARG A 164 -5.33 12.47 -9.28
C ARG A 164 -5.39 12.53 -10.81
N GLN A 165 -4.53 11.76 -11.46
CA GLN A 165 -4.47 11.72 -12.91
C GLN A 165 -5.56 10.80 -13.47
N HIS A 166 -5.93 9.79 -12.69
CA HIS A 166 -6.96 8.84 -13.10
C HIS A 166 -8.27 9.55 -13.36
N MET A 1 -12.95 18.15 0.64
CA MET A 1 -11.92 17.95 -0.42
C MET A 1 -12.19 16.70 -1.24
N THR A 2 -11.29 16.41 -2.18
CA THR A 2 -11.44 15.24 -3.04
C THR A 2 -11.20 13.96 -2.25
N GLU A 3 -12.03 12.95 -2.50
CA GLU A 3 -11.90 11.67 -1.81
C GLU A 3 -11.17 10.65 -2.69
N TYR A 4 -10.12 10.05 -2.14
CA TYR A 4 -9.32 9.07 -2.86
C TYR A 4 -9.27 7.74 -2.12
N LYS A 5 -9.91 6.72 -2.68
CA LYS A 5 -9.93 5.40 -2.06
C LYS A 5 -8.68 4.61 -2.45
N LEU A 6 -7.73 4.52 -1.53
CA LEU A 6 -6.49 3.79 -1.77
C LEU A 6 -6.55 2.39 -1.19
N VAL A 7 -6.48 1.39 -2.06
CA VAL A 7 -6.50 0.00 -1.63
C VAL A 7 -5.09 -0.52 -1.40
N VAL A 8 -4.76 -0.76 -0.14
CA VAL A 8 -3.42 -1.25 0.22
C VAL A 8 -3.34 -2.76 0.09
N VAL A 9 -2.32 -3.23 -0.63
CA VAL A 9 -2.12 -4.66 -0.83
C VAL A 9 -0.76 -5.10 -0.30
N GLY A 10 -0.71 -6.30 0.27
CA GLY A 10 0.53 -6.82 0.81
C GLY A 10 0.37 -8.20 1.42
N ALA A 11 1.50 -8.86 1.67
CA ALA A 11 1.48 -10.19 2.25
C ALA A 11 1.51 -10.13 3.77
N GLY A 12 1.75 -11.28 4.41
CA GLY A 12 1.80 -11.33 5.85
C GLY A 12 2.86 -10.41 6.44
N GLY A 13 4.04 -10.96 6.69
CA GLY A 13 5.12 -10.17 7.25
C GLY A 13 5.51 -9.01 6.36
N VAL A 14 4.82 -7.88 6.52
CA VAL A 14 5.10 -6.69 5.71
C VAL A 14 4.82 -5.42 6.51
N GLY A 15 3.68 -5.38 7.18
CA GLY A 15 3.30 -4.22 7.97
C GLY A 15 2.35 -3.31 7.22
N LYS A 16 1.45 -3.90 6.46
CA LYS A 16 0.47 -3.13 5.69
C LYS A 16 -0.44 -2.33 6.61
N SER A 17 -0.96 -2.99 7.64
CA SER A 17 -1.84 -2.34 8.59
C SER A 17 -1.08 -1.31 9.42
N ALA A 18 0.13 -1.66 9.84
CA ALA A 18 0.96 -0.78 10.64
C ALA A 18 1.19 0.55 9.93
N LEU A 19 1.43 0.48 8.62
CA LEU A 19 1.66 1.68 7.83
C LEU A 19 0.41 2.54 7.76
N THR A 20 -0.75 1.89 7.68
CA THR A 20 -2.02 2.59 7.62
C THR A 20 -2.31 3.34 8.91
N ILE A 21 -2.27 2.61 10.03
CA ILE A 21 -2.53 3.20 11.34
C ILE A 21 -1.56 4.35 11.62
N GLN A 22 -0.34 4.21 11.12
CA GLN A 22 0.68 5.23 11.31
C GLN A 22 0.35 6.48 10.50
N LEU A 23 -0.07 6.27 9.26
CA LEU A 23 -0.43 7.38 8.38
C LEU A 23 -1.73 8.04 8.83
N ILE A 24 -2.76 7.23 9.06
CA ILE A 24 -4.06 7.73 9.47
C ILE A 24 -4.17 8.01 10.96
N GLN A 25 -3.78 7.05 11.79
CA GLN A 25 -3.88 7.20 13.24
C GLN A 25 -2.58 7.67 13.89
N ASN A 26 -1.51 7.74 13.12
CA ASN A 26 -0.21 8.17 13.66
C ASN A 26 0.24 7.25 14.77
N HIS A 27 -0.14 5.98 14.67
CA HIS A 27 0.24 4.98 15.67
C HIS A 27 0.56 3.65 15.01
N PHE A 28 0.98 2.68 15.82
CA PHE A 28 1.32 1.35 15.32
C PHE A 28 0.15 0.38 15.49
N VAL A 29 -0.20 -0.31 14.41
CA VAL A 29 -1.30 -1.26 14.43
C VAL A 29 -1.00 -2.40 15.42
N ASP A 30 -1.70 -3.53 15.27
CA ASP A 30 -1.50 -4.67 16.16
C ASP A 30 -2.14 -4.40 17.53
N GLU A 31 -3.44 -4.14 17.51
CA GLU A 31 -4.19 -3.86 18.73
C GLU A 31 -5.61 -3.40 18.41
N TYR A 32 -5.76 -2.74 17.26
CA TYR A 32 -7.06 -2.25 16.83
C TYR A 32 -8.00 -3.41 16.48
N ASP A 33 -9.30 -3.12 16.46
CA ASP A 33 -10.29 -4.14 16.13
C ASP A 33 -10.70 -4.06 14.66
N PRO A 34 -10.40 -5.11 13.87
CA PRO A 34 -10.72 -5.15 12.45
C PRO A 34 -12.18 -5.54 12.20
N SER A 35 -12.65 -5.25 10.99
CA SER A 35 -14.04 -5.57 10.59
C SER A 35 -15.02 -4.51 11.07
N ILE A 36 -14.55 -3.55 11.86
CA ILE A 36 -15.41 -2.49 12.38
C ILE A 36 -15.66 -1.43 11.31
N GLU A 37 -14.58 -1.01 10.64
CA GLU A 37 -14.68 0.00 9.60
C GLU A 37 -14.14 -0.54 8.28
N ASP A 38 -12.94 -1.11 8.32
CA ASP A 38 -12.30 -1.66 7.13
C ASP A 38 -11.69 -0.58 6.25
N SER A 39 -11.86 0.68 6.66
CA SER A 39 -11.32 1.80 5.89
C SER A 39 -10.86 2.92 6.82
N TYR A 40 -10.00 3.80 6.30
CA TYR A 40 -9.48 4.91 7.09
C TYR A 40 -9.60 6.22 6.33
N ARG A 41 -9.57 7.33 7.05
CA ARG A 41 -9.67 8.65 6.44
C ARG A 41 -8.63 9.60 7.03
N LYS A 42 -8.10 10.47 6.17
CA LYS A 42 -7.08 11.43 6.60
C LYS A 42 -6.90 12.52 5.55
N GLN A 43 -6.77 13.76 6.01
CA GLN A 43 -6.59 14.89 5.11
C GLN A 43 -5.12 15.31 5.03
N VAL A 44 -4.64 15.51 3.81
CA VAL A 44 -3.25 15.91 3.59
C VAL A 44 -3.10 16.65 2.26
N VAL A 45 -2.13 17.54 2.20
CA VAL A 45 -1.88 18.32 0.98
C VAL A 45 -0.77 17.69 0.15
N ILE A 46 -1.13 17.18 -1.02
CA ILE A 46 -0.16 16.55 -1.92
C ILE A 46 -0.06 17.33 -3.22
N ASP A 47 1.17 17.68 -3.59
CA ASP A 47 1.42 18.43 -4.82
C ASP A 47 0.77 19.81 -4.76
N GLY A 48 0.55 20.31 -3.55
CA GLY A 48 -0.06 21.61 -3.38
C GLY A 48 -1.56 21.58 -3.53
N GLU A 49 -2.16 20.41 -3.32
CA GLU A 49 -3.61 20.25 -3.43
C GLU A 49 -4.17 19.49 -2.25
N THR A 50 -5.13 20.09 -1.55
CA THR A 50 -5.75 19.46 -0.40
C THR A 50 -6.71 18.35 -0.83
N CYS A 51 -6.37 17.11 -0.48
CA CYS A 51 -7.19 15.96 -0.83
C CYS A 51 -7.37 15.03 0.37
N LEU A 52 -8.36 14.15 0.28
CA LEU A 52 -8.63 13.20 1.35
C LEU A 52 -7.94 11.86 1.06
N LEU A 53 -6.98 11.51 1.90
CA LEU A 53 -6.23 10.26 1.74
C LEU A 53 -6.95 9.11 2.43
N ASP A 54 -7.95 8.56 1.75
CA ASP A 54 -8.71 7.43 2.29
C ASP A 54 -7.92 6.13 2.14
N ILE A 55 -7.36 5.65 3.24
CA ILE A 55 -6.58 4.43 3.22
C ILE A 55 -7.46 3.20 3.45
N LEU A 56 -7.45 2.29 2.49
CA LEU A 56 -8.24 1.08 2.59
C LEU A 56 -7.34 -0.14 2.86
N ASP A 57 -7.29 -0.56 4.11
CA ASP A 57 -6.47 -1.70 4.49
C ASP A 57 -7.10 -3.02 4.06
N THR A 58 -6.26 -3.97 3.67
CA THR A 58 -6.72 -5.28 3.23
C THR A 58 -5.99 -6.39 3.97
N ALA A 59 -6.40 -7.63 3.73
CA ALA A 59 -5.79 -8.78 4.37
C ALA A 59 -4.50 -9.19 3.67
N GLY A 60 -3.49 -9.57 4.45
CA GLY A 60 -2.22 -9.99 3.89
C GLY A 60 -1.91 -11.44 4.18
N GLN A 61 -2.06 -11.84 5.44
CA GLN A 61 -1.80 -13.21 5.84
C GLN A 61 -3.11 -13.97 6.03
N GLU A 62 -3.83 -14.16 4.92
CA GLU A 62 -5.11 -14.88 4.95
C GLU A 62 -5.72 -14.95 3.56
N GLU A 63 -5.50 -13.90 2.76
CA GLU A 63 -6.03 -13.84 1.40
C GLU A 63 -7.54 -13.63 1.41
N TYR A 64 -7.95 -12.41 1.09
CA TYR A 64 -9.37 -12.07 1.06
C TYR A 64 -9.91 -12.14 -0.36
N SER A 65 -9.41 -13.10 -1.13
CA SER A 65 -9.82 -13.30 -2.53
C SER A 65 -11.27 -12.87 -2.78
N ALA A 66 -12.15 -13.19 -1.84
CA ALA A 66 -13.56 -12.83 -1.99
C ALA A 66 -13.77 -11.32 -1.90
N MET A 67 -13.28 -10.72 -0.82
CA MET A 67 -13.41 -9.28 -0.62
C MET A 67 -12.43 -8.52 -1.50
N ARG A 68 -11.30 -9.14 -1.79
CA ARG A 68 -10.26 -8.53 -2.63
C ARG A 68 -10.88 -7.93 -3.89
N ASP A 69 -11.71 -8.72 -4.57
CA ASP A 69 -12.37 -8.27 -5.78
C ASP A 69 -13.23 -7.04 -5.51
N GLN A 70 -13.74 -6.94 -4.28
CA GLN A 70 -14.58 -5.82 -3.88
C GLN A 70 -13.76 -4.55 -3.66
N TYR A 71 -12.66 -4.68 -2.93
CA TYR A 71 -11.80 -3.54 -2.62
C TYR A 71 -11.26 -2.89 -3.90
N MET A 72 -10.74 -3.70 -4.80
CA MET A 72 -10.17 -3.19 -6.04
C MET A 72 -11.24 -2.58 -6.94
N ARG A 73 -12.43 -3.19 -6.95
CA ARG A 73 -13.52 -2.71 -7.78
C ARG A 73 -14.02 -1.33 -7.33
N THR A 74 -13.81 -1.02 -6.05
CA THR A 74 -14.23 0.26 -5.50
C THR A 74 -13.05 1.19 -5.28
N GLY A 75 -11.87 0.61 -5.08
CA GLY A 75 -10.69 1.42 -4.85
C GLY A 75 -10.12 2.02 -6.13
N GLU A 76 -9.48 3.18 -6.01
CA GLU A 76 -8.90 3.85 -7.16
C GLU A 76 -7.46 3.38 -7.39
N GLY A 77 -6.57 3.73 -6.47
CA GLY A 77 -5.18 3.35 -6.58
C GLY A 77 -4.86 2.15 -5.71
N PHE A 78 -3.75 1.48 -6.02
CA PHE A 78 -3.33 0.30 -5.25
C PHE A 78 -1.88 0.42 -4.81
N LEU A 79 -1.68 0.49 -3.49
CA LEU A 79 -0.35 0.60 -2.93
C LEU A 79 0.20 -0.78 -2.56
N CYS A 80 1.31 -1.17 -3.19
CA CYS A 80 1.91 -2.47 -2.93
C CYS A 80 3.01 -2.36 -1.88
N VAL A 81 2.81 -3.05 -0.76
CA VAL A 81 3.78 -3.04 0.32
C VAL A 81 4.54 -4.35 0.39
N PHE A 82 5.87 -4.27 0.38
CA PHE A 82 6.71 -5.46 0.44
C PHE A 82 7.74 -5.34 1.57
N ALA A 83 8.06 -6.47 2.19
CA ALA A 83 9.01 -6.51 3.27
C ALA A 83 10.39 -6.94 2.78
N ILE A 84 11.43 -6.24 3.23
CA ILE A 84 12.80 -6.56 2.83
C ILE A 84 13.30 -7.80 3.56
N ASN A 85 12.82 -8.02 4.78
CA ASN A 85 13.22 -9.17 5.57
C ASN A 85 12.38 -10.39 5.22
N ASN A 86 11.20 -10.15 4.66
CA ASN A 86 10.29 -11.23 4.29
C ASN A 86 10.15 -11.30 2.77
N THR A 87 11.05 -12.05 2.14
CA THR A 87 11.03 -12.21 0.68
C THR A 87 9.69 -12.75 0.20
N LYS A 88 9.01 -13.49 1.08
CA LYS A 88 7.71 -14.07 0.75
C LYS A 88 6.75 -12.99 0.27
N SER A 89 6.96 -11.76 0.73
CA SER A 89 6.11 -10.64 0.35
C SER A 89 6.44 -10.16 -1.07
N PHE A 90 7.70 -10.34 -1.47
CA PHE A 90 8.14 -9.93 -2.79
C PHE A 90 7.33 -10.64 -3.88
N GLU A 91 7.12 -11.93 -3.69
CA GLU A 91 6.35 -12.73 -4.65
C GLU A 91 4.89 -12.29 -4.66
N ASP A 92 4.43 -11.76 -3.54
CA ASP A 92 3.05 -11.30 -3.39
C ASP A 92 2.79 -10.04 -4.22
N ILE A 93 3.79 -9.18 -4.31
CA ILE A 93 3.67 -7.93 -5.05
C ILE A 93 3.25 -8.14 -6.51
N HIS A 94 3.86 -9.12 -7.18
CA HIS A 94 3.54 -9.38 -8.59
C HIS A 94 2.18 -10.04 -8.76
N GLN A 95 1.93 -11.10 -7.98
CA GLN A 95 0.66 -11.81 -8.08
C GLN A 95 -0.52 -10.88 -7.82
N TYR A 96 -0.33 -9.93 -6.91
CA TYR A 96 -1.37 -8.97 -6.58
C TYR A 96 -1.68 -8.07 -7.77
N ARG A 97 -0.63 -7.68 -8.50
CA ARG A 97 -0.79 -6.81 -9.67
C ARG A 97 -1.75 -7.42 -10.69
N GLU A 98 -1.55 -8.70 -10.99
CA GLU A 98 -2.41 -9.39 -11.95
C GLU A 98 -3.87 -9.37 -11.51
N GLN A 99 -4.08 -9.41 -10.20
CA GLN A 99 -5.42 -9.39 -9.64
C GLN A 99 -6.08 -8.03 -9.84
N ILE A 100 -5.31 -6.97 -9.64
CA ILE A 100 -5.83 -5.62 -9.79
C ILE A 100 -6.34 -5.37 -11.20
N LYS A 101 -5.56 -5.75 -12.20
CA LYS A 101 -5.95 -5.58 -13.60
C LYS A 101 -7.26 -6.30 -13.90
N ARG A 102 -7.42 -7.49 -13.33
CA ARG A 102 -8.63 -8.29 -13.53
C ARG A 102 -9.87 -7.53 -13.06
N VAL A 103 -9.82 -7.02 -11.83
CA VAL A 103 -10.95 -6.29 -11.26
C VAL A 103 -11.04 -4.88 -11.85
N LYS A 104 -9.90 -4.21 -11.96
CA LYS A 104 -9.86 -2.86 -12.50
C LYS A 104 -10.12 -2.87 -14.02
N ASP A 105 -10.10 -4.06 -14.61
CA ASP A 105 -10.34 -4.21 -16.06
C ASP A 105 -9.54 -3.18 -16.85
N SER A 106 -8.38 -2.80 -16.31
CA SER A 106 -7.51 -1.83 -16.97
C SER A 106 -6.12 -2.40 -17.16
N ASP A 107 -5.17 -1.53 -17.52
CA ASP A 107 -3.80 -1.95 -17.73
C ASP A 107 -2.84 -1.10 -16.89
N ASP A 108 -2.97 0.22 -17.03
CA ASP A 108 -2.13 1.15 -16.27
C ASP A 108 -2.98 1.97 -15.30
N VAL A 109 -3.05 1.50 -14.06
CA VAL A 109 -3.83 2.17 -13.03
C VAL A 109 -2.93 2.66 -11.89
N PRO A 110 -3.37 3.69 -11.16
CA PRO A 110 -2.61 4.25 -10.04
C PRO A 110 -2.09 3.19 -9.08
N MET A 111 -0.77 3.02 -9.05
CA MET A 111 -0.15 2.03 -8.18
C MET A 111 1.22 2.52 -7.69
N VAL A 112 1.57 2.12 -6.48
CA VAL A 112 2.85 2.52 -5.90
C VAL A 112 3.39 1.43 -4.97
N LEU A 113 4.67 1.11 -5.13
CA LEU A 113 5.30 0.09 -4.29
C LEU A 113 6.03 0.73 -3.13
N VAL A 114 5.73 0.27 -1.92
CA VAL A 114 6.36 0.80 -0.71
C VAL A 114 7.12 -0.28 0.04
N GLY A 115 8.41 -0.05 0.27
CA GLY A 115 9.21 -1.02 1.00
C GLY A 115 9.07 -0.86 2.50
N ASN A 116 8.27 -1.72 3.10
CA ASN A 116 8.04 -1.66 4.54
C ASN A 116 9.06 -2.52 5.29
N LYS A 117 9.24 -2.24 6.58
CA LYS A 117 10.17 -2.98 7.42
C LYS A 117 11.61 -2.79 6.94
N CYS A 118 12.03 -1.53 6.84
CA CYS A 118 13.39 -1.21 6.40
C CYS A 118 14.32 -1.00 7.59
N ASP A 119 13.79 -0.35 8.62
CA ASP A 119 14.58 -0.07 9.82
C ASP A 119 15.18 -1.35 10.41
N LEU A 120 14.54 -2.48 10.11
CA LEU A 120 15.00 -3.78 10.60
C LEU A 120 16.49 -3.99 10.26
N ALA A 121 17.06 -5.06 10.79
CA ALA A 121 18.46 -5.38 10.55
C ALA A 121 18.60 -6.74 9.85
N ALA A 122 17.75 -6.98 8.86
CA ALA A 122 17.78 -8.23 8.11
C ALA A 122 17.08 -8.08 6.78
N ARG A 123 17.65 -7.27 5.90
CA ARG A 123 17.08 -7.04 4.57
C ARG A 123 17.46 -8.16 3.60
N THR A 124 16.64 -9.21 3.57
CA THR A 124 16.90 -10.35 2.69
C THR A 124 16.76 -9.92 1.22
N VAL A 125 15.69 -9.22 0.92
CA VAL A 125 15.44 -8.74 -0.44
C VAL A 125 16.10 -7.39 -0.66
N GLU A 126 17.10 -7.35 -1.52
CA GLU A 126 17.82 -6.11 -1.82
C GLU A 126 16.86 -5.08 -2.40
N SER A 127 17.18 -3.81 -2.19
CA SER A 127 16.36 -2.72 -2.70
C SER A 127 16.22 -2.80 -4.22
N ARG A 128 17.18 -3.45 -4.86
CA ARG A 128 17.17 -3.61 -6.31
C ARG A 128 15.97 -4.46 -6.76
N GLN A 129 15.71 -5.52 -6.01
CA GLN A 129 14.59 -6.41 -6.33
C GLN A 129 13.26 -5.67 -6.28
N ALA A 130 13.06 -4.89 -5.22
CA ALA A 130 11.82 -4.13 -5.06
C ALA A 130 11.76 -2.97 -6.05
N GLN A 131 12.93 -2.45 -6.41
CA GLN A 131 13.00 -1.32 -7.35
C GLN A 131 12.64 -1.76 -8.76
N ASP A 132 13.26 -2.85 -9.23
CA ASP A 132 13.01 -3.37 -10.56
C ASP A 132 11.56 -3.82 -10.72
N LEU A 133 10.96 -4.25 -9.61
CA LEU A 133 9.58 -4.71 -9.62
C LEU A 133 8.62 -3.58 -9.96
N ALA A 134 8.82 -2.43 -9.34
CA ALA A 134 7.97 -1.27 -9.58
C ALA A 134 8.12 -0.74 -11.00
N ARG A 135 9.36 -0.52 -11.43
CA ARG A 135 9.63 -0.03 -12.78
C ARG A 135 9.09 -0.98 -13.83
N SER A 136 9.07 -2.28 -13.50
CA SER A 136 8.57 -3.29 -14.43
C SER A 136 7.08 -3.10 -14.67
N TYR A 137 6.40 -2.51 -13.70
CA TYR A 137 4.97 -2.26 -13.81
C TYR A 137 4.69 -0.81 -14.20
N GLY A 138 5.67 0.06 -13.99
CA GLY A 138 5.50 1.46 -14.34
C GLY A 138 4.96 2.27 -13.18
N ILE A 139 5.51 2.03 -11.98
CA ILE A 139 5.07 2.74 -10.79
C ILE A 139 6.26 3.16 -9.94
N PRO A 140 6.09 4.22 -9.12
CA PRO A 140 7.17 4.72 -8.25
C PRO A 140 7.40 3.81 -7.05
N TYR A 141 8.62 3.86 -6.52
CA TYR A 141 8.99 3.03 -5.37
C TYR A 141 9.51 3.90 -4.22
N ILE A 142 9.12 3.55 -3.00
CA ILE A 142 9.54 4.30 -1.82
C ILE A 142 9.76 3.38 -0.62
N GLU A 143 10.91 3.54 0.04
CA GLU A 143 11.23 2.74 1.21
C GLU A 143 10.69 3.40 2.47
N THR A 144 9.93 2.64 3.26
CA THR A 144 9.36 3.18 4.49
C THR A 144 9.34 2.14 5.61
N SER A 145 9.03 2.60 6.82
CA SER A 145 8.96 1.73 7.98
C SER A 145 7.75 2.08 8.84
N ALA A 146 6.94 1.07 9.16
CA ALA A 146 5.74 1.28 9.97
C ALA A 146 6.07 1.46 11.44
N LYS A 147 7.18 0.86 11.88
CA LYS A 147 7.59 0.96 13.28
C LYS A 147 8.15 2.34 13.60
N THR A 148 9.16 2.75 12.84
CA THR A 148 9.80 4.05 13.06
C THR A 148 8.99 5.18 12.43
N ARG A 149 7.97 4.83 11.64
CA ARG A 149 7.13 5.83 10.99
C ARG A 149 7.97 6.70 10.05
N GLN A 150 8.83 6.07 9.27
CA GLN A 150 9.68 6.77 8.32
C GLN A 150 9.28 6.45 6.89
N GLY A 151 8.90 7.48 6.14
CA GLY A 151 8.51 7.29 4.76
C GLY A 151 7.06 6.86 4.60
N VAL A 152 6.39 6.60 5.73
CA VAL A 152 4.99 6.18 5.71
C VAL A 152 4.15 7.11 4.85
N GLU A 153 4.22 8.41 5.15
CA GLU A 153 3.46 9.41 4.40
C GLU A 153 3.96 9.53 2.98
N ASP A 154 5.28 9.39 2.80
CA ASP A 154 5.89 9.48 1.49
C ASP A 154 5.28 8.47 0.52
N ALA A 155 5.25 7.21 0.92
CA ALA A 155 4.70 6.13 0.10
C ALA A 155 3.23 6.38 -0.22
N PHE A 156 2.44 6.68 0.81
CA PHE A 156 1.01 6.93 0.64
C PHE A 156 0.77 8.17 -0.21
N TYR A 157 1.55 9.22 0.04
CA TYR A 157 1.43 10.47 -0.70
C TYR A 157 1.64 10.23 -2.20
N THR A 158 2.54 9.32 -2.53
CA THR A 158 2.85 9.01 -3.92
C THR A 158 1.65 8.37 -4.63
N LEU A 159 0.92 7.52 -3.91
CA LEU A 159 -0.24 6.84 -4.49
C LEU A 159 -1.26 7.85 -5.01
N VAL A 160 -1.53 8.88 -4.23
CA VAL A 160 -2.50 9.90 -4.62
C VAL A 160 -2.06 10.59 -5.92
N ARG A 161 -0.78 10.87 -6.02
CA ARG A 161 -0.24 11.54 -7.20
C ARG A 161 -0.68 10.82 -8.48
N GLU A 162 -0.63 9.50 -8.45
CA GLU A 162 -1.02 8.69 -9.61
C GLU A 162 -2.52 8.77 -9.85
N ILE A 163 -3.29 8.67 -8.77
CA ILE A 163 -4.75 8.72 -8.88
C ILE A 163 -5.22 10.08 -9.37
N ARG A 164 -4.58 11.15 -8.89
CA ARG A 164 -4.94 12.51 -9.28
C ARG A 164 -4.91 12.67 -10.80
N GLN A 165 -4.05 11.88 -11.46
CA GLN A 165 -3.94 11.94 -12.91
C GLN A 165 -5.15 11.31 -13.58
N HIS A 166 -5.71 10.28 -12.94
CA HIS A 166 -6.87 9.59 -13.48
C HIS A 166 -8.12 10.46 -13.39
N MET A 1 -14.08 17.91 0.72
CA MET A 1 -12.73 17.60 0.15
C MET A 1 -12.80 16.39 -0.78
N THR A 2 -11.86 16.33 -1.72
CA THR A 2 -11.80 15.23 -2.68
C THR A 2 -11.48 13.91 -1.98
N GLU A 3 -12.35 12.92 -2.16
CA GLU A 3 -12.16 11.62 -1.54
C GLU A 3 -11.42 10.67 -2.48
N TYR A 4 -10.35 10.06 -1.98
CA TYR A 4 -9.56 9.13 -2.76
C TYR A 4 -9.43 7.79 -2.05
N LYS A 5 -9.99 6.74 -2.64
CA LYS A 5 -9.94 5.41 -2.05
C LYS A 5 -8.79 4.59 -2.64
N LEU A 6 -7.71 4.48 -1.89
CA LEU A 6 -6.54 3.71 -2.33
C LEU A 6 -6.46 2.38 -1.58
N VAL A 7 -6.41 1.28 -2.33
CA VAL A 7 -6.32 -0.04 -1.72
C VAL A 7 -4.87 -0.49 -1.55
N VAL A 8 -4.44 -0.55 -0.29
CA VAL A 8 -3.07 -0.97 0.00
C VAL A 8 -2.96 -2.49 0.10
N VAL A 9 -2.10 -3.07 -0.74
CA VAL A 9 -1.92 -4.51 -0.76
C VAL A 9 -0.58 -4.90 -0.13
N GLY A 10 -0.56 -6.02 0.58
CA GLY A 10 0.66 -6.47 1.22
C GLY A 10 0.56 -7.90 1.72
N ALA A 11 1.67 -8.62 1.66
CA ALA A 11 1.69 -10.01 2.11
C ALA A 11 1.41 -10.11 3.60
N GLY A 12 1.71 -11.27 4.18
CA GLY A 12 1.48 -11.47 5.60
C GLY A 12 2.25 -10.48 6.47
N GLY A 13 3.24 -10.99 7.19
CA GLY A 13 4.03 -10.13 8.06
C GLY A 13 4.88 -9.14 7.28
N VAL A 14 4.22 -8.12 6.74
CA VAL A 14 4.92 -7.08 5.97
C VAL A 14 4.85 -5.73 6.66
N GLY A 15 3.79 -5.52 7.45
CA GLY A 15 3.63 -4.26 8.15
C GLY A 15 2.67 -3.32 7.45
N LYS A 16 1.83 -3.87 6.58
CA LYS A 16 0.86 -3.08 5.84
C LYS A 16 -0.05 -2.31 6.79
N SER A 17 -0.61 -3.01 7.77
CA SER A 17 -1.50 -2.39 8.74
C SER A 17 -0.75 -1.38 9.60
N ALA A 18 0.53 -1.65 9.83
CA ALA A 18 1.36 -0.76 10.64
C ALA A 18 1.56 0.58 9.95
N LEU A 19 1.67 0.55 8.63
CA LEU A 19 1.87 1.77 7.84
C LEU A 19 0.59 2.60 7.78
N THR A 20 -0.54 1.93 7.62
CA THR A 20 -1.83 2.62 7.54
C THR A 20 -2.12 3.41 8.81
N ILE A 21 -2.06 2.73 9.95
CA ILE A 21 -2.32 3.37 11.24
C ILE A 21 -1.34 4.51 11.49
N GLN A 22 -0.12 4.37 11.00
CA GLN A 22 0.91 5.40 11.17
C GLN A 22 0.50 6.69 10.46
N LEU A 23 0.05 6.59 9.22
CA LEU A 23 -0.35 7.75 8.46
C LEU A 23 -1.66 8.35 8.99
N ILE A 24 -2.59 7.50 9.36
CA ILE A 24 -3.89 7.94 9.85
C ILE A 24 -3.88 8.30 11.34
N GLN A 25 -3.34 7.41 12.16
CA GLN A 25 -3.32 7.66 13.61
C GLN A 25 -1.94 8.10 14.10
N ASN A 26 -0.91 7.92 13.29
CA ASN A 26 0.45 8.31 13.69
C ASN A 26 0.93 7.46 14.85
N HIS A 27 0.55 6.19 14.83
CA HIS A 27 0.94 5.25 15.88
C HIS A 27 1.26 3.89 15.29
N PHE A 28 1.69 2.96 16.14
CA PHE A 28 2.03 1.61 15.69
C PHE A 28 0.85 0.66 15.84
N VAL A 29 0.52 -0.05 14.78
CA VAL A 29 -0.58 -1.00 14.80
C VAL A 29 -0.33 -2.10 15.83
N ASP A 30 -0.93 -3.28 15.64
CA ASP A 30 -0.76 -4.38 16.57
C ASP A 30 -1.56 -4.14 17.84
N GLU A 31 -2.86 -3.93 17.68
CA GLU A 31 -3.76 -3.67 18.80
C GLU A 31 -5.12 -3.19 18.31
N TYR A 32 -5.15 -2.60 17.11
CA TYR A 32 -6.38 -2.08 16.53
C TYR A 32 -7.35 -3.21 16.17
N ASP A 33 -8.60 -2.85 15.97
CA ASP A 33 -9.63 -3.81 15.60
C ASP A 33 -9.86 -3.80 14.09
N PRO A 34 -9.33 -4.80 13.36
CA PRO A 34 -9.48 -4.89 11.90
C PRO A 34 -10.85 -5.41 11.48
N SER A 35 -11.30 -4.97 10.30
CA SER A 35 -12.59 -5.39 9.75
C SER A 35 -13.75 -4.73 10.48
N ILE A 36 -13.47 -3.64 11.20
CA ILE A 36 -14.49 -2.93 11.94
C ILE A 36 -15.33 -2.04 11.03
N GLU A 37 -14.68 -1.13 10.31
CA GLU A 37 -15.39 -0.24 9.40
C GLU A 37 -15.24 -0.70 7.95
N ASP A 38 -14.00 -0.68 7.46
CA ASP A 38 -13.70 -1.10 6.09
C ASP A 38 -12.39 -0.46 5.61
N SER A 39 -12.30 0.86 5.74
CA SER A 39 -11.12 1.59 5.33
C SER A 39 -10.84 2.77 6.26
N TYR A 40 -9.70 3.43 6.05
CA TYR A 40 -9.32 4.56 6.87
C TYR A 40 -9.47 5.88 6.11
N ARG A 41 -9.50 6.99 6.84
CA ARG A 41 -9.64 8.30 6.24
C ARG A 41 -8.55 9.25 6.75
N LYS A 42 -8.21 10.24 5.94
CA LYS A 42 -7.18 11.20 6.30
C LYS A 42 -7.21 12.41 5.37
N GLN A 43 -6.97 13.59 5.95
CA GLN A 43 -6.96 14.83 5.17
C GLN A 43 -5.54 15.36 5.01
N VAL A 44 -5.03 15.32 3.78
CA VAL A 44 -3.68 15.79 3.51
C VAL A 44 -3.60 16.45 2.13
N VAL A 45 -2.67 17.37 1.98
CA VAL A 45 -2.48 18.06 0.71
C VAL A 45 -1.23 17.56 -0.01
N ILE A 46 -1.45 16.86 -1.11
CA ILE A 46 -0.34 16.31 -1.91
C ILE A 46 -0.29 16.97 -3.28
N ASP A 47 0.91 17.38 -3.69
CA ASP A 47 1.10 18.02 -4.99
C ASP A 47 0.55 19.45 -4.98
N GLY A 48 0.20 19.94 -3.79
CA GLY A 48 -0.34 21.29 -3.68
C GLY A 48 -1.84 21.33 -3.74
N GLU A 49 -2.49 20.19 -3.55
CA GLU A 49 -3.94 20.10 -3.60
C GLU A 49 -4.49 19.30 -2.42
N THR A 50 -5.28 19.94 -1.58
CA THR A 50 -5.86 19.28 -0.42
C THR A 50 -6.80 18.17 -0.85
N CYS A 51 -6.53 16.96 -0.38
CA CYS A 51 -7.37 15.80 -0.73
C CYS A 51 -7.47 14.83 0.44
N LEU A 52 -8.51 14.00 0.42
CA LEU A 52 -8.72 13.02 1.47
C LEU A 52 -8.06 11.70 1.11
N LEU A 53 -7.01 11.34 1.85
CA LEU A 53 -6.29 10.10 1.61
C LEU A 53 -6.92 8.93 2.34
N ASP A 54 -7.95 8.34 1.73
CA ASP A 54 -8.65 7.21 2.32
C ASP A 54 -7.84 5.93 2.11
N ILE A 55 -7.17 5.48 3.17
CA ILE A 55 -6.35 4.27 3.10
C ILE A 55 -7.18 3.03 3.43
N LEU A 56 -7.39 2.18 2.43
CA LEU A 56 -8.15 0.95 2.61
C LEU A 56 -7.24 -0.19 3.05
N ASP A 57 -7.24 -0.48 4.34
CA ASP A 57 -6.40 -1.53 4.89
C ASP A 57 -6.97 -2.91 4.55
N THR A 58 -6.21 -3.67 3.77
CA THR A 58 -6.63 -5.01 3.36
C THR A 58 -5.96 -6.07 4.22
N ALA A 59 -6.35 -7.33 4.00
CA ALA A 59 -5.79 -8.44 4.76
C ALA A 59 -4.62 -9.09 4.02
N GLY A 60 -3.58 -9.42 4.76
CA GLY A 60 -2.41 -10.05 4.16
C GLY A 60 -2.76 -11.34 3.45
N GLN A 61 -2.95 -12.41 4.22
CA GLN A 61 -3.29 -13.71 3.66
C GLN A 61 -4.64 -14.20 4.21
N GLU A 62 -4.61 -15.09 5.21
CA GLU A 62 -5.83 -15.61 5.82
C GLU A 62 -6.87 -15.96 4.77
N GLU A 63 -6.41 -16.35 3.58
CA GLU A 63 -7.30 -16.71 2.49
C GLU A 63 -8.19 -15.52 2.10
N TYR A 64 -7.59 -14.54 1.44
CA TYR A 64 -8.32 -13.35 1.02
C TYR A 64 -8.56 -13.38 -0.49
N SER A 65 -9.77 -13.02 -0.91
CA SER A 65 -10.11 -13.00 -2.32
C SER A 65 -11.46 -12.34 -2.56
N ALA A 66 -12.46 -12.73 -1.78
CA ALA A 66 -13.80 -12.18 -1.93
C ALA A 66 -13.80 -10.67 -1.76
N MET A 67 -13.26 -10.21 -0.63
CA MET A 67 -13.20 -8.77 -0.35
C MET A 67 -12.10 -8.10 -1.17
N ARG A 68 -11.04 -8.86 -1.45
CA ARG A 68 -9.91 -8.35 -2.22
C ARG A 68 -10.38 -7.75 -3.54
N ASP A 69 -11.12 -8.53 -4.31
CA ASP A 69 -11.64 -8.08 -5.60
C ASP A 69 -12.56 -6.88 -5.41
N GLN A 70 -13.40 -6.94 -4.39
CA GLN A 70 -14.33 -5.86 -4.10
C GLN A 70 -13.57 -4.56 -3.84
N TYR A 71 -12.47 -4.66 -3.10
CA TYR A 71 -11.65 -3.49 -2.78
C TYR A 71 -11.14 -2.83 -4.06
N MET A 72 -10.64 -3.66 -4.97
CA MET A 72 -10.10 -3.16 -6.23
C MET A 72 -11.18 -2.56 -7.12
N ARG A 73 -12.30 -3.25 -7.24
CA ARG A 73 -13.41 -2.80 -8.07
C ARG A 73 -13.92 -1.42 -7.65
N THR A 74 -13.70 -1.06 -6.39
CA THR A 74 -14.14 0.23 -5.89
C THR A 74 -12.97 1.17 -5.65
N GLY A 75 -11.80 0.60 -5.37
CA GLY A 75 -10.62 1.41 -5.12
C GLY A 75 -10.06 2.04 -6.38
N GLU A 76 -9.35 3.15 -6.22
CA GLU A 76 -8.75 3.85 -7.35
C GLU A 76 -7.29 3.43 -7.53
N GLY A 77 -6.45 3.81 -6.56
CA GLY A 77 -5.04 3.46 -6.62
C GLY A 77 -4.70 2.32 -5.69
N PHE A 78 -3.72 1.50 -6.08
CA PHE A 78 -3.31 0.37 -5.27
C PHE A 78 -1.88 0.52 -4.77
N LEU A 79 -1.73 0.63 -3.45
CA LEU A 79 -0.42 0.77 -2.85
C LEU A 79 0.13 -0.60 -2.45
N CYS A 80 1.26 -0.99 -3.04
CA CYS A 80 1.86 -2.28 -2.75
C CYS A 80 2.94 -2.15 -1.68
N VAL A 81 2.79 -2.91 -0.61
CA VAL A 81 3.76 -2.88 0.48
C VAL A 81 4.29 -4.28 0.78
N PHE A 82 5.61 -4.43 0.73
CA PHE A 82 6.25 -5.71 0.99
C PHE A 82 7.19 -5.63 2.19
N ALA A 83 7.86 -6.73 2.49
CA ALA A 83 8.80 -6.79 3.61
C ALA A 83 10.17 -7.24 3.14
N ILE A 84 11.21 -6.57 3.65
CA ILE A 84 12.57 -6.90 3.27
C ILE A 84 13.02 -8.23 3.88
N ASN A 85 12.51 -8.53 5.07
CA ASN A 85 12.86 -9.77 5.76
C ASN A 85 11.93 -10.91 5.36
N ASN A 86 10.93 -10.61 4.54
CA ASN A 86 9.98 -11.62 4.08
C ASN A 86 9.97 -11.70 2.56
N THR A 87 10.75 -12.63 2.01
CA THR A 87 10.81 -12.81 0.57
C THR A 87 9.44 -13.15 0.00
N LYS A 88 8.62 -13.82 0.81
CA LYS A 88 7.28 -14.20 0.38
C LYS A 88 6.49 -12.98 -0.08
N SER A 89 6.86 -11.81 0.46
CA SER A 89 6.17 -10.57 0.10
C SER A 89 6.57 -10.11 -1.30
N PHE A 90 7.79 -10.43 -1.71
CA PHE A 90 8.28 -10.05 -3.02
C PHE A 90 7.40 -10.66 -4.11
N GLU A 91 7.03 -11.92 -3.93
CA GLU A 91 6.17 -12.62 -4.88
C GLU A 91 4.74 -12.09 -4.80
N ASP A 92 4.37 -11.61 -3.62
CA ASP A 92 3.03 -11.07 -3.37
C ASP A 92 2.75 -9.85 -4.26
N ILE A 93 3.77 -9.03 -4.47
CA ILE A 93 3.61 -7.82 -5.26
C ILE A 93 3.06 -8.10 -6.67
N HIS A 94 3.58 -9.13 -7.34
CA HIS A 94 3.12 -9.45 -8.69
C HIS A 94 1.74 -10.10 -8.68
N GLN A 95 1.54 -11.10 -7.83
CA GLN A 95 0.25 -11.79 -7.76
C GLN A 95 -0.87 -10.82 -7.45
N TYR A 96 -0.58 -9.83 -6.61
CA TYR A 96 -1.59 -8.83 -6.23
C TYR A 96 -1.95 -7.97 -7.44
N ARG A 97 -0.93 -7.42 -8.09
CA ARG A 97 -1.13 -6.57 -9.26
C ARG A 97 -1.88 -7.32 -10.36
N GLU A 98 -1.59 -8.60 -10.50
CA GLU A 98 -2.23 -9.42 -11.53
C GLU A 98 -3.75 -9.46 -11.32
N GLN A 99 -4.17 -9.41 -10.06
CA GLN A 99 -5.59 -9.43 -9.74
C GLN A 99 -6.24 -8.06 -9.97
N ILE A 100 -5.49 -7.00 -9.71
CA ILE A 100 -6.00 -5.64 -9.89
C ILE A 100 -6.41 -5.40 -11.33
N LYS A 101 -5.52 -5.70 -12.26
CA LYS A 101 -5.79 -5.50 -13.68
C LYS A 101 -7.04 -6.25 -14.11
N ARG A 102 -7.32 -7.39 -13.48
CA ARG A 102 -8.48 -8.19 -13.80
C ARG A 102 -9.77 -7.50 -13.38
N VAL A 103 -9.84 -7.07 -12.14
CA VAL A 103 -11.03 -6.39 -11.61
C VAL A 103 -11.12 -4.96 -12.12
N LYS A 104 -9.98 -4.30 -12.23
CA LYS A 104 -9.94 -2.92 -12.70
C LYS A 104 -10.17 -2.84 -14.20
N ASP A 105 -9.99 -3.98 -14.89
CA ASP A 105 -10.19 -4.03 -16.34
C ASP A 105 -9.36 -2.96 -17.05
N SER A 106 -8.22 -2.61 -16.47
CA SER A 106 -7.35 -1.60 -17.05
C SER A 106 -5.94 -2.14 -17.25
N ASP A 107 -5.01 -1.26 -17.57
CA ASP A 107 -3.62 -1.66 -17.79
C ASP A 107 -2.68 -0.88 -16.87
N ASP A 108 -2.72 0.45 -16.98
CA ASP A 108 -1.88 1.30 -16.15
C ASP A 108 -2.73 2.10 -15.17
N VAL A 109 -2.86 1.58 -13.95
CA VAL A 109 -3.65 2.23 -12.91
C VAL A 109 -2.74 2.74 -11.80
N PRO A 110 -3.20 3.76 -11.04
CA PRO A 110 -2.43 4.33 -9.93
C PRO A 110 -1.91 3.27 -8.98
N MET A 111 -0.58 3.13 -8.92
CA MET A 111 0.04 2.14 -8.05
C MET A 111 1.38 2.64 -7.53
N VAL A 112 1.74 2.22 -6.31
CA VAL A 112 3.00 2.62 -5.71
C VAL A 112 3.54 1.51 -4.80
N LEU A 113 4.78 1.10 -5.04
CA LEU A 113 5.40 0.05 -4.23
C LEU A 113 6.20 0.66 -3.08
N VAL A 114 5.99 0.14 -1.88
CA VAL A 114 6.68 0.63 -0.70
C VAL A 114 7.43 -0.49 0.01
N GLY A 115 8.64 -0.19 0.46
CA GLY A 115 9.44 -1.18 1.16
C GLY A 115 9.34 -1.04 2.66
N ASN A 116 8.42 -1.79 3.26
CA ASN A 116 8.21 -1.74 4.71
C ASN A 116 9.22 -2.63 5.44
N LYS A 117 9.38 -2.38 6.74
CA LYS A 117 10.31 -3.14 7.56
C LYS A 117 11.74 -3.01 7.07
N CYS A 118 12.02 -1.92 6.37
CA CYS A 118 13.36 -1.68 5.83
C CYS A 118 14.30 -1.16 6.91
N ASP A 119 13.73 -0.50 7.92
CA ASP A 119 14.54 0.05 9.02
C ASP A 119 14.79 -0.99 10.11
N LEU A 120 14.35 -2.23 9.86
CA LEU A 120 14.54 -3.30 10.84
C LEU A 120 16.02 -3.68 10.96
N ALA A 121 16.49 -4.52 10.03
CA ALA A 121 17.89 -4.97 10.03
C ALA A 121 18.08 -6.18 9.13
N ALA A 122 17.16 -7.14 9.25
CA ALA A 122 17.22 -8.36 8.45
C ALA A 122 16.52 -8.18 7.11
N ARG A 123 17.29 -7.88 6.08
CA ARG A 123 16.74 -7.68 4.74
C ARG A 123 17.11 -8.83 3.81
N THR A 124 16.20 -9.79 3.68
CA THR A 124 16.41 -10.94 2.82
C THR A 124 16.45 -10.49 1.36
N VAL A 125 15.45 -9.73 0.95
CA VAL A 125 15.38 -9.21 -0.40
C VAL A 125 15.74 -7.73 -0.43
N GLU A 126 16.95 -7.44 -0.88
CA GLU A 126 17.44 -6.06 -0.96
C GLU A 126 16.54 -5.21 -1.85
N SER A 127 16.66 -3.89 -1.71
CA SER A 127 15.86 -2.96 -2.49
C SER A 127 16.06 -3.19 -3.99
N ARG A 128 17.18 -3.79 -4.36
CA ARG A 128 17.50 -4.07 -5.75
C ARG A 128 16.36 -4.83 -6.42
N GLN A 129 15.88 -5.88 -5.74
CA GLN A 129 14.79 -6.70 -6.27
C GLN A 129 13.47 -5.92 -6.24
N ALA A 130 13.20 -5.27 -5.12
CA ALA A 130 11.97 -4.49 -4.97
C ALA A 130 11.90 -3.37 -6.00
N GLN A 131 13.00 -2.64 -6.15
CA GLN A 131 13.05 -1.54 -7.11
C GLN A 131 12.76 -2.04 -8.53
N ASP A 132 13.48 -3.07 -8.94
CA ASP A 132 13.31 -3.64 -10.27
C ASP A 132 11.86 -4.11 -10.48
N LEU A 133 11.22 -4.48 -9.38
CA LEU A 133 9.83 -4.96 -9.43
C LEU A 133 8.88 -3.82 -9.78
N ALA A 134 9.07 -2.67 -9.15
CA ALA A 134 8.21 -1.52 -9.39
C ALA A 134 8.34 -1.02 -10.83
N ARG A 135 9.58 -0.84 -11.28
CA ARG A 135 9.83 -0.36 -12.64
C ARG A 135 9.24 -1.32 -13.67
N SER A 136 9.09 -2.59 -13.28
CA SER A 136 8.54 -3.60 -14.18
C SER A 136 7.09 -3.28 -14.52
N TYR A 137 6.44 -2.50 -13.66
CA TYR A 137 5.04 -2.13 -13.86
C TYR A 137 4.92 -0.67 -14.27
N GLY A 138 5.88 0.14 -13.86
CA GLY A 138 5.86 1.55 -14.19
C GLY A 138 5.30 2.40 -13.07
N ILE A 139 5.69 2.08 -11.84
CA ILE A 139 5.23 2.81 -10.67
C ILE A 139 6.40 3.23 -9.78
N PRO A 140 6.22 4.30 -9.00
CA PRO A 140 7.26 4.81 -8.10
C PRO A 140 7.51 3.87 -6.91
N TYR A 141 8.72 3.93 -6.36
CA TYR A 141 9.07 3.09 -5.22
C TYR A 141 9.60 3.94 -4.06
N ILE A 142 9.13 3.65 -2.86
CA ILE A 142 9.56 4.40 -1.68
C ILE A 142 9.74 3.47 -0.48
N GLU A 143 10.94 3.46 0.07
CA GLU A 143 11.24 2.62 1.23
C GLU A 143 10.76 3.28 2.51
N THR A 144 9.98 2.56 3.30
CA THR A 144 9.45 3.09 4.55
C THR A 144 9.53 2.06 5.67
N SER A 145 9.28 2.51 6.89
CA SER A 145 9.31 1.63 8.05
C SER A 145 8.16 1.92 9.00
N ALA A 146 7.26 0.96 9.15
CA ALA A 146 6.09 1.13 10.02
C ALA A 146 6.51 1.32 11.47
N LYS A 147 7.66 0.76 11.85
CA LYS A 147 8.14 0.87 13.22
C LYS A 147 8.77 2.23 13.48
N THR A 148 9.30 2.86 12.43
CA THR A 148 9.94 4.16 12.55
C THR A 148 9.06 5.28 11.98
N ARG A 149 7.96 4.90 11.31
CA ARG A 149 7.06 5.87 10.71
C ARG A 149 7.77 6.71 9.65
N GLN A 150 8.93 6.23 9.19
CA GLN A 150 9.69 6.94 8.17
C GLN A 150 9.26 6.52 6.77
N GLY A 151 8.89 7.50 5.96
CA GLY A 151 8.47 7.22 4.59
C GLY A 151 7.00 6.84 4.48
N VAL A 152 6.33 6.70 5.62
CA VAL A 152 4.92 6.32 5.63
C VAL A 152 4.08 7.33 4.86
N GLU A 153 4.23 8.61 5.20
CA GLU A 153 3.49 9.67 4.54
C GLU A 153 3.90 9.82 3.07
N ASP A 154 5.18 9.57 2.79
CA ASP A 154 5.69 9.67 1.44
C ASP A 154 5.12 8.59 0.52
N ALA A 155 4.96 7.39 1.07
CA ALA A 155 4.43 6.27 0.29
C ALA A 155 2.95 6.48 -0.03
N PHE A 156 2.16 6.80 0.98
CA PHE A 156 0.72 7.02 0.80
C PHE A 156 0.46 8.25 -0.06
N TYR A 157 1.16 9.33 0.23
CA TYR A 157 1.00 10.58 -0.51
C TYR A 157 1.26 10.38 -2.00
N THR A 158 2.28 9.59 -2.31
CA THR A 158 2.65 9.31 -3.70
C THR A 158 1.51 8.61 -4.44
N LEU A 159 0.83 7.71 -3.74
CA LEU A 159 -0.28 6.97 -4.34
C LEU A 159 -1.37 7.90 -4.83
N VAL A 160 -1.71 8.90 -4.02
CA VAL A 160 -2.76 9.86 -4.38
C VAL A 160 -2.43 10.58 -5.69
N ARG A 161 -1.16 10.94 -5.87
CA ARG A 161 -0.71 11.63 -7.07
C ARG A 161 -1.16 10.89 -8.33
N GLU A 162 -1.02 9.57 -8.32
CA GLU A 162 -1.40 8.76 -9.47
C GLU A 162 -2.91 8.75 -9.65
N ILE A 163 -3.65 8.64 -8.54
CA ILE A 163 -5.10 8.61 -8.58
C ILE A 163 -5.66 9.93 -9.13
N ARG A 164 -5.04 11.03 -8.73
CA ARG A 164 -5.48 12.36 -9.18
C ARG A 164 -5.55 12.43 -10.71
N GLN A 165 -4.68 11.65 -11.36
CA GLN A 165 -4.64 11.62 -12.82
C GLN A 165 -5.90 10.99 -13.40
N HIS A 166 -6.53 10.11 -12.63
CA HIS A 166 -7.74 9.43 -13.07
C HIS A 166 -8.83 10.45 -13.41
N MET A 1 -12.97 18.17 0.19
CA MET A 1 -11.91 18.02 -0.84
C MET A 1 -12.11 16.75 -1.65
N THR A 2 -11.20 16.51 -2.60
CA THR A 2 -11.28 15.33 -3.46
C THR A 2 -11.08 14.06 -2.65
N GLU A 3 -11.89 13.04 -2.94
CA GLU A 3 -11.79 11.77 -2.23
C GLU A 3 -10.95 10.77 -3.02
N TYR A 4 -9.99 10.15 -2.34
CA TYR A 4 -9.12 9.18 -2.98
C TYR A 4 -9.03 7.89 -2.15
N LYS A 5 -9.64 6.83 -2.65
CA LYS A 5 -9.62 5.55 -1.97
C LYS A 5 -8.38 4.73 -2.35
N LEU A 6 -7.46 4.61 -1.40
CA LEU A 6 -6.22 3.87 -1.64
C LEU A 6 -6.28 2.49 -1.00
N VAL A 7 -6.39 1.45 -1.84
CA VAL A 7 -6.44 0.08 -1.33
C VAL A 7 -5.04 -0.52 -1.27
N VAL A 8 -4.55 -0.73 -0.06
CA VAL A 8 -3.23 -1.29 0.15
C VAL A 8 -3.23 -2.82 0.02
N VAL A 9 -2.12 -3.36 -0.49
CA VAL A 9 -1.99 -4.80 -0.66
C VAL A 9 -0.65 -5.29 -0.15
N GLY A 10 -0.63 -6.48 0.45
CA GLY A 10 0.60 -7.03 0.98
C GLY A 10 0.44 -8.47 1.43
N ALA A 11 1.52 -9.23 1.33
CA ALA A 11 1.50 -10.64 1.73
C ALA A 11 1.25 -10.77 3.23
N GLY A 12 1.53 -11.95 3.78
CA GLY A 12 1.32 -12.19 5.19
C GLY A 12 2.51 -11.75 6.04
N GLY A 13 3.69 -11.69 5.42
CA GLY A 13 4.88 -11.30 6.14
C GLY A 13 5.20 -9.83 5.98
N VAL A 14 4.17 -9.03 5.74
CA VAL A 14 4.35 -7.59 5.57
C VAL A 14 3.64 -6.81 6.68
N GLY A 15 3.89 -5.50 6.72
CA GLY A 15 3.26 -4.67 7.73
C GLY A 15 2.41 -3.57 7.14
N LYS A 16 1.89 -3.81 5.94
CA LYS A 16 1.05 -2.83 5.25
C LYS A 16 -0.03 -2.30 6.17
N SER A 17 -0.49 -3.15 7.09
CA SER A 17 -1.53 -2.77 8.04
C SER A 17 -0.98 -1.82 9.09
N ALA A 18 0.30 -1.98 9.43
CA ALA A 18 0.94 -1.15 10.43
C ALA A 18 1.12 0.29 9.95
N LEU A 19 1.76 0.45 8.79
CA LEU A 19 2.01 1.77 8.23
C LEU A 19 0.71 2.50 7.91
N THR A 20 -0.35 1.75 7.61
CA THR A 20 -1.64 2.35 7.28
C THR A 20 -2.19 3.13 8.48
N ILE A 21 -2.29 2.47 9.61
CA ILE A 21 -2.80 3.10 10.83
C ILE A 21 -1.90 4.26 11.24
N GLN A 22 -0.60 4.12 10.99
CA GLN A 22 0.36 5.15 11.34
C GLN A 22 0.04 6.49 10.66
N LEU A 23 -0.22 6.44 9.36
CA LEU A 23 -0.53 7.64 8.61
C LEU A 23 -1.89 8.21 8.98
N ILE A 24 -2.89 7.33 9.08
CA ILE A 24 -4.26 7.76 9.39
C ILE A 24 -4.44 8.25 10.82
N GLN A 25 -3.75 7.64 11.79
CA GLN A 25 -3.91 8.04 13.18
C GLN A 25 -2.58 8.12 13.94
N ASN A 26 -1.48 8.31 13.22
CA ASN A 26 -0.16 8.41 13.84
C ASN A 26 0.03 7.38 14.96
N HIS A 27 -0.42 6.16 14.71
CA HIS A 27 -0.31 5.09 15.69
C HIS A 27 0.10 3.78 15.03
N PHE A 28 0.52 2.81 15.83
CA PHE A 28 0.93 1.52 15.32
C PHE A 28 -0.20 0.51 15.41
N VAL A 29 -0.51 -0.14 14.29
CA VAL A 29 -1.58 -1.12 14.25
C VAL A 29 -1.33 -2.25 15.25
N ASP A 30 -2.06 -3.35 15.10
CA ASP A 30 -1.92 -4.50 16.02
C ASP A 30 -2.59 -4.21 17.35
N GLU A 31 -3.33 -3.11 17.43
CA GLU A 31 -4.02 -2.73 18.65
C GLU A 31 -5.50 -2.45 18.36
N TYR A 32 -5.75 -1.74 17.28
CA TYR A 32 -7.12 -1.40 16.87
C TYR A 32 -7.87 -2.65 16.42
N ASP A 33 -9.20 -2.55 16.36
CA ASP A 33 -10.03 -3.66 15.93
C ASP A 33 -10.13 -3.68 14.40
N PRO A 34 -9.53 -4.69 13.75
CA PRO A 34 -9.56 -4.81 12.28
C PRO A 34 -10.87 -5.38 11.76
N SER A 35 -11.22 -5.00 10.53
CA SER A 35 -12.45 -5.46 9.89
C SER A 35 -13.67 -4.66 10.32
N ILE A 36 -13.52 -3.85 11.37
CA ILE A 36 -14.64 -3.04 11.86
C ILE A 36 -14.84 -1.80 10.99
N GLU A 37 -13.75 -1.24 10.49
CA GLU A 37 -13.80 -0.05 9.65
C GLU A 37 -13.35 -0.37 8.23
N ASP A 38 -12.30 -1.19 8.12
CA ASP A 38 -11.75 -1.58 6.82
C ASP A 38 -11.04 -0.40 6.16
N SER A 39 -11.80 0.63 5.83
CA SER A 39 -11.25 1.82 5.19
C SER A 39 -10.80 2.85 6.22
N TYR A 40 -10.06 3.85 5.77
CA TYR A 40 -9.56 4.91 6.65
C TYR A 40 -9.69 6.27 5.98
N ARG A 41 -9.61 7.33 6.77
CA ARG A 41 -9.72 8.69 6.24
C ARG A 41 -8.57 9.57 6.71
N LYS A 42 -8.15 10.49 5.84
CA LYS A 42 -7.06 11.41 6.14
C LYS A 42 -7.13 12.63 5.22
N GLN A 43 -6.77 13.79 5.75
CA GLN A 43 -6.78 15.02 4.97
C GLN A 43 -5.40 15.66 4.94
N VAL A 44 -4.86 15.80 3.73
CA VAL A 44 -3.53 16.40 3.55
C VAL A 44 -3.45 17.20 2.26
N VAL A 45 -2.34 17.91 2.08
CA VAL A 45 -2.14 18.71 0.88
C VAL A 45 -0.98 18.17 0.05
N ILE A 46 -1.30 17.64 -1.12
CA ILE A 46 -0.29 17.09 -2.02
C ILE A 46 -0.29 17.82 -3.36
N ASP A 47 0.88 18.32 -3.75
CA ASP A 47 1.02 19.04 -5.02
C ASP A 47 0.32 20.41 -4.95
N GLY A 48 0.19 20.94 -3.75
CA GLY A 48 -0.45 22.24 -3.58
C GLY A 48 -1.97 22.17 -3.61
N GLU A 49 -2.51 20.97 -3.78
CA GLU A 49 -3.95 20.79 -3.82
C GLU A 49 -4.43 19.93 -2.65
N THR A 50 -5.23 20.54 -1.77
CA THR A 50 -5.74 19.83 -0.61
C THR A 50 -6.73 18.74 -1.02
N CYS A 51 -6.32 17.49 -0.87
CA CYS A 51 -7.17 16.36 -1.23
C CYS A 51 -7.38 15.44 -0.03
N LEU A 52 -8.20 14.41 -0.23
CA LEU A 52 -8.49 13.46 0.83
C LEU A 52 -7.73 12.16 0.61
N LEU A 53 -6.97 11.74 1.62
CA LEU A 53 -6.20 10.51 1.53
C LEU A 53 -6.89 9.37 2.27
N ASP A 54 -7.85 8.75 1.62
CA ASP A 54 -8.58 7.63 2.21
C ASP A 54 -7.81 6.33 2.03
N ILE A 55 -7.17 5.87 3.10
CA ILE A 55 -6.40 4.64 3.05
C ILE A 55 -7.25 3.42 3.40
N LEU A 56 -7.23 2.44 2.51
CA LEU A 56 -8.01 1.22 2.70
C LEU A 56 -7.08 0.01 2.81
N ASP A 57 -7.03 -0.59 3.99
CA ASP A 57 -6.18 -1.75 4.22
C ASP A 57 -6.94 -3.04 4.00
N THR A 58 -6.21 -4.10 3.69
CA THR A 58 -6.80 -5.42 3.45
C THR A 58 -6.10 -6.49 4.28
N ALA A 59 -6.62 -7.71 4.23
CA ALA A 59 -6.04 -8.81 4.98
C ALA A 59 -4.96 -9.52 4.17
N GLY A 60 -3.95 -10.05 4.86
CA GLY A 60 -2.87 -10.75 4.18
C GLY A 60 -2.43 -12.00 4.92
N GLN A 61 -3.22 -12.43 5.90
CA GLN A 61 -2.90 -13.62 6.68
C GLN A 61 -4.17 -14.39 7.07
N GLU A 62 -5.09 -14.48 6.13
CA GLU A 62 -6.36 -15.18 6.37
C GLU A 62 -6.89 -15.80 5.08
N GLU A 63 -6.01 -16.00 4.10
CA GLU A 63 -6.39 -16.59 2.82
C GLU A 63 -7.63 -15.90 2.24
N TYR A 64 -7.52 -14.60 2.01
CA TYR A 64 -8.63 -13.83 1.46
C TYR A 64 -8.56 -13.79 -0.06
N SER A 65 -9.70 -13.52 -0.69
CA SER A 65 -9.78 -13.45 -2.14
C SER A 65 -11.11 -12.85 -2.59
N ALA A 66 -12.21 -13.34 -2.01
CA ALA A 66 -13.54 -12.86 -2.35
C ALA A 66 -13.66 -11.37 -2.08
N MET A 67 -13.34 -10.97 -0.85
CA MET A 67 -13.42 -9.57 -0.46
C MET A 67 -12.27 -8.76 -1.06
N ARG A 68 -11.12 -9.42 -1.22
CA ARG A 68 -9.94 -8.76 -1.79
C ARG A 68 -10.28 -8.03 -3.08
N ASP A 69 -11.16 -8.63 -3.88
CA ASP A 69 -11.57 -8.05 -5.15
C ASP A 69 -12.52 -6.87 -4.92
N GLN A 70 -13.29 -6.94 -3.84
CA GLN A 70 -14.24 -5.89 -3.52
C GLN A 70 -13.54 -4.54 -3.31
N TYR A 71 -12.47 -4.55 -2.53
CA TYR A 71 -11.72 -3.33 -2.25
C TYR A 71 -11.19 -2.70 -3.55
N MET A 72 -10.66 -3.52 -4.42
CA MET A 72 -10.12 -3.05 -5.69
C MET A 72 -11.22 -2.50 -6.60
N ARG A 73 -12.38 -3.13 -6.54
CA ARG A 73 -13.52 -2.71 -7.37
C ARG A 73 -14.04 -1.34 -6.95
N THR A 74 -13.82 -0.97 -5.69
CA THR A 74 -14.28 0.32 -5.18
C THR A 74 -13.13 1.30 -5.01
N GLY A 75 -11.91 0.78 -4.99
CA GLY A 75 -10.73 1.63 -4.82
C GLY A 75 -10.20 2.15 -6.15
N GLU A 76 -9.43 3.24 -6.08
CA GLU A 76 -8.84 3.83 -7.28
C GLU A 76 -7.38 3.42 -7.44
N GLY A 77 -6.53 3.91 -6.55
CA GLY A 77 -5.12 3.58 -6.61
C GLY A 77 -4.72 2.67 -5.47
N PHE A 78 -4.15 1.52 -5.79
CA PHE A 78 -3.74 0.56 -4.77
C PHE A 78 -2.26 0.70 -4.43
N LEU A 79 -1.96 0.75 -3.14
CA LEU A 79 -0.59 0.86 -2.66
C LEU A 79 0.05 -0.52 -2.54
N CYS A 80 1.23 -0.68 -3.13
CA CYS A 80 1.93 -1.95 -3.08
C CYS A 80 2.96 -1.96 -1.96
N VAL A 81 2.81 -2.90 -1.05
CA VAL A 81 3.74 -3.01 0.09
C VAL A 81 4.32 -4.42 0.18
N PHE A 82 5.63 -4.49 0.40
CA PHE A 82 6.31 -5.77 0.52
C PHE A 82 7.30 -5.74 1.68
N ALA A 83 7.66 -6.93 2.17
CA ALA A 83 8.59 -7.04 3.29
C ALA A 83 10.00 -7.35 2.79
N ILE A 84 10.99 -6.66 3.34
CA ILE A 84 12.38 -6.86 2.95
C ILE A 84 12.95 -8.12 3.60
N ASN A 85 12.44 -8.45 4.79
CA ASN A 85 12.90 -9.62 5.52
C ASN A 85 12.12 -10.87 5.09
N ASN A 86 10.96 -10.66 4.47
CA ASN A 86 10.12 -11.77 4.01
C ASN A 86 10.05 -11.79 2.49
N THR A 87 10.96 -12.55 1.87
CA THR A 87 10.99 -12.66 0.41
C THR A 87 9.67 -13.19 -0.13
N LYS A 88 8.95 -13.95 0.70
CA LYS A 88 7.66 -14.51 0.29
C LYS A 88 6.72 -13.41 -0.17
N SER A 89 6.87 -12.22 0.39
CA SER A 89 6.02 -11.08 0.02
C SER A 89 6.38 -10.57 -1.36
N PHE A 90 7.65 -10.73 -1.75
CA PHE A 90 8.12 -10.27 -3.05
C PHE A 90 7.36 -10.98 -4.17
N GLU A 91 7.05 -12.25 -3.96
CA GLU A 91 6.32 -13.04 -4.95
C GLU A 91 4.86 -12.59 -5.04
N ASP A 92 4.33 -12.11 -3.92
CA ASP A 92 2.95 -11.66 -3.85
C ASP A 92 2.73 -10.40 -4.68
N ILE A 93 3.74 -9.53 -4.71
CA ILE A 93 3.66 -8.27 -5.44
C ILE A 93 3.33 -8.50 -6.92
N HIS A 94 3.92 -9.52 -7.53
CA HIS A 94 3.67 -9.81 -8.94
C HIS A 94 2.29 -10.40 -9.18
N GLN A 95 1.94 -11.40 -8.39
CA GLN A 95 0.63 -12.05 -8.53
C GLN A 95 -0.51 -11.10 -8.16
N TYR A 96 -0.28 -10.24 -7.18
CA TYR A 96 -1.28 -9.28 -6.74
C TYR A 96 -1.71 -8.38 -7.90
N ARG A 97 -0.73 -7.91 -8.67
CA ARG A 97 -1.00 -7.04 -9.81
C ARG A 97 -1.91 -7.73 -10.82
N GLU A 98 -1.68 -9.02 -11.01
CA GLU A 98 -2.48 -9.80 -11.96
C GLU A 98 -3.96 -9.76 -11.60
N GLN A 99 -4.24 -9.76 -10.29
CA GLN A 99 -5.61 -9.71 -9.82
C GLN A 99 -6.18 -8.29 -9.91
N ILE A 100 -5.33 -7.31 -9.64
CA ILE A 100 -5.71 -5.91 -9.70
C ILE A 100 -6.20 -5.55 -11.10
N LYS A 101 -5.48 -6.02 -12.11
CA LYS A 101 -5.83 -5.74 -13.50
C LYS A 101 -7.20 -6.33 -13.86
N ARG A 102 -7.52 -7.47 -13.27
CA ARG A 102 -8.78 -8.15 -13.54
C ARG A 102 -9.98 -7.36 -13.00
N VAL A 103 -9.91 -6.99 -11.71
CA VAL A 103 -11.00 -6.25 -11.08
C VAL A 103 -11.05 -4.80 -11.56
N LYS A 104 -9.88 -4.19 -11.74
CA LYS A 104 -9.81 -2.80 -12.19
C LYS A 104 -10.23 -2.67 -13.65
N ASP A 105 -10.22 -3.78 -14.38
CA ASP A 105 -10.60 -3.78 -15.79
C ASP A 105 -9.80 -2.75 -16.57
N SER A 106 -8.54 -2.54 -16.18
CA SER A 106 -7.68 -1.59 -16.85
C SER A 106 -6.31 -2.19 -17.13
N ASP A 107 -5.33 -1.35 -17.44
CA ASP A 107 -3.98 -1.81 -17.73
C ASP A 107 -2.96 -1.02 -16.91
N ASP A 108 -3.05 0.30 -16.99
CA ASP A 108 -2.15 1.17 -16.25
C ASP A 108 -2.92 1.96 -15.19
N VAL A 109 -2.94 1.43 -13.97
CA VAL A 109 -3.64 2.07 -12.88
C VAL A 109 -2.67 2.63 -11.84
N PRO A 110 -3.11 3.65 -11.07
CA PRO A 110 -2.27 4.28 -10.04
C PRO A 110 -1.81 3.28 -8.98
N MET A 111 -0.49 3.20 -8.79
CA MET A 111 0.08 2.29 -7.81
C MET A 111 1.43 2.80 -7.31
N VAL A 112 1.82 2.38 -6.12
CA VAL A 112 3.09 2.79 -5.53
C VAL A 112 3.67 1.69 -4.65
N LEU A 113 4.91 1.30 -4.92
CA LEU A 113 5.57 0.26 -4.15
C LEU A 113 6.32 0.85 -2.97
N VAL A 114 6.04 0.34 -1.77
CA VAL A 114 6.69 0.81 -0.56
C VAL A 114 7.39 -0.34 0.17
N GLY A 115 8.68 -0.19 0.39
CA GLY A 115 9.45 -1.21 1.08
C GLY A 115 9.27 -1.15 2.59
N ASN A 116 8.34 -1.92 3.10
CA ASN A 116 8.07 -1.94 4.53
C ASN A 116 9.11 -2.78 5.27
N LYS A 117 9.17 -2.61 6.59
CA LYS A 117 10.12 -3.36 7.41
C LYS A 117 11.55 -3.06 6.98
N CYS A 118 11.77 -1.86 6.46
CA CYS A 118 13.10 -1.46 6.01
C CYS A 118 14.02 -1.23 7.20
N ASP A 119 13.45 -0.81 8.32
CA ASP A 119 14.22 -0.56 9.53
C ASP A 119 15.00 -1.81 9.96
N LEU A 120 14.45 -2.97 9.64
CA LEU A 120 15.08 -4.24 9.98
C LEU A 120 16.48 -4.32 9.40
N ALA A 121 17.18 -5.41 9.71
CA ALA A 121 18.55 -5.60 9.22
C ALA A 121 18.66 -6.82 8.31
N ALA A 122 17.81 -7.81 8.54
CA ALA A 122 17.81 -9.03 7.74
C ALA A 122 17.06 -8.83 6.42
N ARG A 123 17.50 -7.85 5.64
CA ARG A 123 16.86 -7.56 4.35
C ARG A 123 17.24 -8.62 3.32
N THR A 124 16.30 -9.51 3.02
CA THR A 124 16.53 -10.58 2.05
C THR A 124 16.71 -10.00 0.64
N VAL A 125 15.80 -9.09 0.27
CA VAL A 125 15.86 -8.47 -1.06
C VAL A 125 16.29 -7.02 -0.95
N GLU A 126 17.47 -6.71 -1.49
CA GLU A 126 18.01 -5.36 -1.46
C GLU A 126 17.06 -4.38 -2.15
N SER A 127 17.24 -3.10 -1.89
CA SER A 127 16.41 -2.06 -2.48
C SER A 127 16.37 -2.19 -4.00
N ARG A 128 17.45 -2.71 -4.57
CA ARG A 128 17.54 -2.90 -6.01
C ARG A 128 16.43 -3.83 -6.51
N GLN A 129 16.20 -4.91 -5.77
CA GLN A 129 15.18 -5.88 -6.13
C GLN A 129 13.78 -5.25 -6.05
N ALA A 130 13.59 -4.38 -5.05
CA ALA A 130 12.32 -3.71 -4.86
C ALA A 130 12.07 -2.66 -5.95
N GLN A 131 13.11 -1.91 -6.28
CA GLN A 131 13.02 -0.87 -7.30
C GLN A 131 12.59 -1.46 -8.64
N ASP A 132 13.28 -2.52 -9.07
CA ASP A 132 12.98 -3.16 -10.33
C ASP A 132 11.54 -3.69 -10.34
N LEU A 133 11.07 -4.12 -9.17
CA LEU A 133 9.72 -4.65 -9.05
C LEU A 133 8.68 -3.59 -9.41
N ALA A 134 8.88 -2.38 -8.91
CA ALA A 134 7.97 -1.28 -9.19
C ALA A 134 8.09 -0.83 -10.64
N ARG A 135 9.32 -0.79 -11.14
CA ARG A 135 9.57 -0.36 -12.51
C ARG A 135 8.90 -1.31 -13.51
N SER A 136 8.81 -2.58 -13.14
CA SER A 136 8.19 -3.58 -14.00
C SER A 136 6.74 -3.23 -14.30
N TYR A 137 6.13 -2.45 -13.41
CA TYR A 137 4.74 -2.04 -13.57
C TYR A 137 4.65 -0.57 -13.97
N GLY A 138 5.66 0.21 -13.59
CA GLY A 138 5.67 1.62 -13.91
C GLY A 138 5.17 2.48 -12.76
N ILE A 139 5.67 2.20 -11.56
CA ILE A 139 5.27 2.96 -10.38
C ILE A 139 6.49 3.33 -9.54
N PRO A 140 6.41 4.45 -8.80
CA PRO A 140 7.51 4.92 -7.95
C PRO A 140 7.73 4.03 -6.74
N TYR A 141 8.95 4.03 -6.21
CA TYR A 141 9.30 3.23 -5.05
C TYR A 141 9.73 4.10 -3.88
N ILE A 142 9.26 3.76 -2.69
CA ILE A 142 9.60 4.53 -1.49
C ILE A 142 9.78 3.62 -0.28
N GLU A 143 10.97 3.66 0.31
CA GLU A 143 11.27 2.84 1.48
C GLU A 143 10.64 3.43 2.73
N THR A 144 9.93 2.61 3.50
CA THR A 144 9.28 3.08 4.71
C THR A 144 9.22 1.99 5.78
N SER A 145 8.97 2.40 7.02
CA SER A 145 8.88 1.47 8.14
C SER A 145 7.71 1.83 9.04
N ALA A 146 6.70 0.97 9.07
CA ALA A 146 5.51 1.21 9.89
C ALA A 146 5.86 1.35 11.37
N LYS A 147 6.89 0.63 11.80
CA LYS A 147 7.32 0.68 13.20
C LYS A 147 7.91 2.04 13.57
N THR A 148 8.91 2.46 12.82
CA THR A 148 9.56 3.75 13.07
C THR A 148 8.74 4.91 12.51
N ARG A 149 7.74 4.60 11.69
CA ARG A 149 6.89 5.62 11.10
C ARG A 149 7.70 6.53 10.18
N GLN A 150 8.58 5.93 9.39
CA GLN A 150 9.43 6.67 8.46
C GLN A 150 9.04 6.38 7.02
N GLY A 151 8.82 7.43 6.24
CA GLY A 151 8.45 7.26 4.85
C GLY A 151 6.99 6.87 4.67
N VAL A 152 6.26 6.73 5.76
CA VAL A 152 4.85 6.37 5.71
C VAL A 152 4.05 7.39 4.90
N GLU A 153 4.19 8.66 5.27
CA GLU A 153 3.48 9.74 4.59
C GLU A 153 3.96 9.88 3.15
N ASP A 154 5.24 9.61 2.93
CA ASP A 154 5.84 9.70 1.60
C ASP A 154 5.29 8.62 0.67
N ALA A 155 5.02 7.44 1.23
CA ALA A 155 4.52 6.32 0.45
C ALA A 155 3.06 6.52 0.04
N PHE A 156 2.21 6.86 1.01
CA PHE A 156 0.80 7.08 0.76
C PHE A 156 0.57 8.30 -0.13
N TYR A 157 1.29 9.39 0.17
CA TYR A 157 1.16 10.63 -0.59
C TYR A 157 1.41 10.39 -2.08
N THR A 158 2.45 9.61 -2.39
CA THR A 158 2.80 9.32 -3.77
C THR A 158 1.64 8.64 -4.50
N LEU A 159 0.92 7.78 -3.80
CA LEU A 159 -0.20 7.05 -4.38
C LEU A 159 -1.25 8.01 -4.94
N VAL A 160 -1.57 9.05 -4.17
CA VAL A 160 -2.58 10.03 -4.58
C VAL A 160 -2.20 10.68 -5.92
N ARG A 161 -0.91 11.00 -6.07
CA ARG A 161 -0.41 11.63 -7.29
C ARG A 161 -0.85 10.88 -8.54
N GLU A 162 -0.76 9.56 -8.49
CA GLU A 162 -1.15 8.74 -9.63
C GLU A 162 -2.66 8.77 -9.86
N ILE A 163 -3.42 8.77 -8.76
CA ILE A 163 -4.87 8.79 -8.84
C ILE A 163 -5.39 10.13 -9.37
N ARG A 164 -4.75 11.22 -8.95
CA ARG A 164 -5.15 12.55 -9.39
C ARG A 164 -5.19 12.65 -10.90
N GLN A 165 -4.31 11.90 -11.56
CA GLN A 165 -4.25 11.90 -13.03
C GLN A 165 -5.49 11.26 -13.62
N HIS A 166 -6.09 10.33 -12.88
CA HIS A 166 -7.29 9.64 -13.33
C HIS A 166 -8.55 10.30 -12.78
N MET A 1 -14.02 17.70 0.68
CA MET A 1 -12.72 17.46 -0.01
C MET A 1 -12.76 16.22 -0.88
N THR A 2 -11.82 16.12 -1.81
CA THR A 2 -11.76 14.98 -2.71
C THR A 2 -11.42 13.70 -1.95
N GLU A 3 -12.22 12.66 -2.16
CA GLU A 3 -12.00 11.39 -1.49
C GLU A 3 -11.24 10.42 -2.39
N TYR A 4 -10.20 9.81 -1.85
CA TYR A 4 -9.39 8.85 -2.60
C TYR A 4 -9.29 7.53 -1.86
N LYS A 5 -9.86 6.48 -2.44
CA LYS A 5 -9.82 5.15 -1.83
C LYS A 5 -8.61 4.37 -2.29
N LEU A 6 -7.63 4.22 -1.40
CA LEU A 6 -6.41 3.50 -1.72
C LEU A 6 -6.42 2.10 -1.11
N VAL A 7 -6.33 1.08 -1.96
CA VAL A 7 -6.33 -0.30 -1.51
C VAL A 7 -4.89 -0.78 -1.27
N VAL A 8 -4.55 -1.00 -0.01
CA VAL A 8 -3.21 -1.46 0.34
C VAL A 8 -3.07 -2.96 0.12
N VAL A 9 -2.10 -3.35 -0.70
CA VAL A 9 -1.86 -4.75 -1.00
C VAL A 9 -0.55 -5.23 -0.37
N GLY A 10 -0.55 -6.48 0.10
CA GLY A 10 0.64 -7.04 0.71
C GLY A 10 0.48 -8.51 1.03
N ALA A 11 1.58 -9.15 1.41
CA ALA A 11 1.56 -10.57 1.75
C ALA A 11 2.01 -10.81 3.19
N GLY A 12 1.30 -11.69 3.88
CA GLY A 12 1.63 -12.00 5.26
C GLY A 12 1.64 -10.78 6.15
N GLY A 13 2.59 -10.74 7.08
CA GLY A 13 2.68 -9.61 7.99
C GLY A 13 3.63 -8.54 7.50
N VAL A 14 3.57 -8.25 6.20
CA VAL A 14 4.44 -7.24 5.60
C VAL A 14 4.33 -5.92 6.35
N GLY A 15 3.13 -5.60 6.82
CA GLY A 15 2.92 -4.37 7.55
C GLY A 15 2.03 -3.39 6.81
N LYS A 16 1.21 -3.89 5.89
CA LYS A 16 0.31 -3.04 5.13
C LYS A 16 -0.63 -2.28 6.06
N SER A 17 -1.14 -2.98 7.07
CA SER A 17 -2.05 -2.39 8.03
C SER A 17 -1.28 -1.47 8.98
N ALA A 18 -0.12 -1.94 9.43
CA ALA A 18 0.72 -1.15 10.33
C ALA A 18 1.09 0.19 9.70
N LEU A 19 1.35 0.17 8.41
CA LEU A 19 1.72 1.39 7.68
C LEU A 19 0.52 2.33 7.61
N THR A 20 -0.68 1.75 7.51
CA THR A 20 -1.91 2.53 7.43
C THR A 20 -2.15 3.29 8.74
N ILE A 21 -2.05 2.58 9.86
CA ILE A 21 -2.26 3.18 11.16
C ILE A 21 -1.28 4.33 11.41
N GLN A 22 -0.08 4.20 10.87
CA GLN A 22 0.94 5.23 11.01
C GLN A 22 0.55 6.47 10.22
N LEU A 23 0.14 6.27 8.98
CA LEU A 23 -0.26 7.37 8.12
C LEU A 23 -1.58 7.98 8.57
N ILE A 24 -2.57 7.12 8.84
CA ILE A 24 -3.90 7.56 9.25
C ILE A 24 -3.99 7.87 10.75
N GLN A 25 -3.54 6.94 11.58
CA GLN A 25 -3.62 7.12 13.03
C GLN A 25 -2.33 7.67 13.64
N ASN A 26 -1.27 7.78 12.85
CA ASN A 26 0.00 8.30 13.35
C ASN A 26 0.53 7.40 14.46
N HIS A 27 0.19 6.12 14.41
CA HIS A 27 0.64 5.16 15.41
C HIS A 27 0.75 3.76 14.82
N PHE A 28 1.21 2.82 15.63
CA PHE A 28 1.37 1.43 15.19
C PHE A 28 0.10 0.63 15.44
N VAL A 29 -0.27 -0.20 14.45
CA VAL A 29 -1.46 -1.03 14.55
C VAL A 29 -1.37 -1.96 15.77
N ASP A 30 -2.22 -2.99 15.80
CA ASP A 30 -2.25 -3.95 16.92
C ASP A 30 -3.09 -3.44 18.08
N GLU A 31 -2.88 -2.17 18.46
CA GLU A 31 -3.62 -1.57 19.56
C GLU A 31 -4.82 -0.78 19.04
N TYR A 32 -5.46 -1.30 17.99
CA TYR A 32 -6.63 -0.65 17.42
C TYR A 32 -7.77 -1.64 17.22
N ASP A 33 -8.98 -1.12 17.03
CA ASP A 33 -10.15 -1.96 16.83
C ASP A 33 -10.48 -2.10 15.34
N PRO A 34 -10.15 -3.25 14.73
CA PRO A 34 -10.40 -3.49 13.31
C PRO A 34 -11.84 -3.91 13.04
N SER A 35 -12.31 -3.65 11.82
CA SER A 35 -13.68 -4.00 11.41
C SER A 35 -14.72 -3.01 11.94
N ILE A 36 -14.28 -2.06 12.77
CA ILE A 36 -15.19 -1.07 13.33
C ILE A 36 -15.50 0.02 12.32
N GLU A 37 -14.50 0.39 11.52
CA GLU A 37 -14.66 1.43 10.51
C GLU A 37 -14.48 0.85 9.09
N ASP A 38 -13.79 -0.29 9.00
CA ASP A 38 -13.55 -0.94 7.72
C ASP A 38 -12.43 -0.24 6.95
N SER A 39 -12.62 1.05 6.68
CA SER A 39 -11.62 1.83 5.96
C SER A 39 -11.02 2.91 6.85
N TYR A 40 -10.00 3.59 6.34
CA TYR A 40 -9.34 4.66 7.10
C TYR A 40 -9.58 6.01 6.43
N ARG A 41 -9.42 7.08 7.21
CA ARG A 41 -9.62 8.44 6.70
C ARG A 41 -8.53 9.37 7.20
N LYS A 42 -8.05 10.25 6.32
CA LYS A 42 -7.00 11.20 6.69
C LYS A 42 -6.88 12.29 5.63
N GLN A 43 -6.68 13.53 6.08
CA GLN A 43 -6.55 14.66 5.17
C GLN A 43 -5.09 15.12 5.07
N VAL A 44 -4.65 15.43 3.86
CA VAL A 44 -3.28 15.88 3.64
C VAL A 44 -3.16 16.67 2.34
N VAL A 45 -2.17 17.55 2.28
CA VAL A 45 -1.95 18.36 1.08
C VAL A 45 -0.84 17.78 0.21
N ILE A 46 -1.22 17.26 -0.95
CA ILE A 46 -0.27 16.66 -1.88
C ILE A 46 -0.21 17.44 -3.18
N ASP A 47 0.99 17.83 -3.58
CA ASP A 47 1.19 18.59 -4.82
C ASP A 47 0.58 19.99 -4.71
N GLY A 48 0.41 20.46 -3.48
CA GLY A 48 -0.16 21.79 -3.27
C GLY A 48 -1.67 21.80 -3.34
N GLU A 49 -2.28 20.63 -3.50
CA GLU A 49 -3.73 20.53 -3.58
C GLU A 49 -4.27 19.61 -2.49
N THR A 50 -5.05 20.19 -1.57
CA THR A 50 -5.62 19.45 -0.47
C THR A 50 -6.50 18.30 -0.99
N CYS A 51 -6.30 17.11 -0.43
CA CYS A 51 -7.06 15.94 -0.84
C CYS A 51 -7.25 14.98 0.34
N LEU A 52 -8.31 14.19 0.27
CA LEU A 52 -8.61 13.23 1.34
C LEU A 52 -7.96 11.88 1.03
N LEU A 53 -7.07 11.46 1.93
CA LEU A 53 -6.37 10.19 1.76
C LEU A 53 -7.07 9.05 2.48
N ASP A 54 -8.10 8.50 1.85
CA ASP A 54 -8.84 7.39 2.44
C ASP A 54 -8.11 6.08 2.20
N ILE A 55 -7.43 5.57 3.23
CA ILE A 55 -6.69 4.33 3.11
C ILE A 55 -7.56 3.12 3.43
N LEU A 56 -7.57 2.17 2.50
CA LEU A 56 -8.36 0.94 2.67
C LEU A 56 -7.45 -0.26 2.87
N ASP A 57 -7.34 -0.71 4.11
CA ASP A 57 -6.49 -1.86 4.44
C ASP A 57 -7.13 -3.16 3.94
N THR A 58 -6.28 -4.15 3.65
CA THR A 58 -6.76 -5.44 3.16
C THR A 58 -6.16 -6.58 3.97
N ALA A 59 -6.59 -7.80 3.67
CA ALA A 59 -6.10 -8.98 4.37
C ALA A 59 -4.73 -9.40 3.85
N GLY A 60 -3.73 -9.37 4.72
CA GLY A 60 -2.39 -9.76 4.33
C GLY A 60 -2.29 -11.20 3.90
N GLN A 61 -2.66 -11.47 2.65
CA GLN A 61 -2.63 -12.83 2.11
C GLN A 61 -3.55 -13.75 2.90
N GLU A 62 -3.07 -14.24 4.04
CA GLU A 62 -3.85 -15.14 4.89
C GLU A 62 -4.51 -16.26 4.08
N GLU A 63 -5.71 -16.02 3.58
CA GLU A 63 -6.44 -17.00 2.79
C GLU A 63 -7.73 -16.41 2.23
N TYR A 64 -7.67 -15.13 1.86
CA TYR A 64 -8.83 -14.45 1.30
C TYR A 64 -8.73 -14.34 -0.21
N SER A 65 -9.80 -13.87 -0.85
CA SER A 65 -9.82 -13.72 -2.30
C SER A 65 -11.13 -13.10 -2.76
N ALA A 66 -12.23 -13.52 -2.13
CA ALA A 66 -13.56 -13.00 -2.49
C ALA A 66 -13.63 -11.50 -2.26
N MET A 67 -13.30 -11.06 -1.05
CA MET A 67 -13.34 -9.65 -0.71
C MET A 67 -12.14 -8.91 -1.32
N ARG A 68 -11.03 -9.62 -1.48
CA ARG A 68 -9.82 -9.04 -2.05
C ARG A 68 -10.13 -8.31 -3.35
N ASP A 69 -10.98 -8.91 -4.17
CA ASP A 69 -11.37 -8.31 -5.44
C ASP A 69 -12.32 -7.14 -5.22
N GLN A 70 -13.13 -7.23 -4.17
CA GLN A 70 -14.09 -6.19 -3.84
C GLN A 70 -13.37 -4.87 -3.56
N TYR A 71 -12.28 -4.94 -2.81
CA TYR A 71 -11.50 -3.76 -2.46
C TYR A 71 -11.01 -3.05 -3.73
N MET A 72 -10.46 -3.82 -4.64
CA MET A 72 -9.94 -3.29 -5.90
C MET A 72 -11.06 -2.73 -6.78
N ARG A 73 -12.22 -3.39 -6.76
CA ARG A 73 -13.36 -2.97 -7.55
C ARG A 73 -13.85 -1.58 -7.15
N THR A 74 -13.63 -1.23 -5.88
CA THR A 74 -14.06 0.07 -5.38
C THR A 74 -12.87 1.00 -5.12
N GLY A 75 -11.68 0.41 -4.98
CA GLY A 75 -10.49 1.20 -4.72
C GLY A 75 -9.94 1.86 -5.98
N GLU A 76 -9.37 3.05 -5.82
CA GLU A 76 -8.80 3.78 -6.94
C GLU A 76 -7.37 3.32 -7.21
N GLY A 77 -6.47 3.61 -6.28
CA GLY A 77 -5.08 3.22 -6.42
C GLY A 77 -4.72 2.03 -5.54
N PHE A 78 -3.55 1.46 -5.78
CA PHE A 78 -3.11 0.31 -5.00
C PHE A 78 -1.66 0.47 -4.56
N LEU A 79 -1.43 0.41 -3.25
CA LEU A 79 -0.08 0.54 -2.70
C LEU A 79 0.53 -0.84 -2.49
N CYS A 80 1.73 -1.04 -3.03
CA CYS A 80 2.42 -2.32 -2.90
C CYS A 80 3.41 -2.29 -1.75
N VAL A 81 3.06 -2.98 -0.67
CA VAL A 81 3.92 -3.05 0.51
C VAL A 81 4.47 -4.45 0.71
N PHE A 82 5.78 -4.60 0.50
CA PHE A 82 6.44 -5.88 0.67
C PHE A 82 7.40 -5.83 1.84
N ALA A 83 7.76 -6.99 2.38
CA ALA A 83 8.69 -7.06 3.49
C ALA A 83 10.09 -7.38 3.01
N ILE A 84 11.08 -6.66 3.55
CA ILE A 84 12.47 -6.88 3.18
C ILE A 84 12.99 -8.17 3.79
N ASN A 85 12.49 -8.50 4.97
CA ASN A 85 12.90 -9.71 5.67
C ASN A 85 12.11 -10.92 5.16
N ASN A 86 10.95 -10.67 4.58
CA ASN A 86 10.11 -11.73 4.04
C ASN A 86 10.04 -11.67 2.53
N THR A 87 10.97 -12.34 1.86
CA THR A 87 11.02 -12.36 0.41
C THR A 87 9.71 -12.88 -0.18
N LYS A 88 8.99 -13.68 0.60
CA LYS A 88 7.71 -14.24 0.16
C LYS A 88 6.76 -13.14 -0.29
N SER A 89 6.91 -11.95 0.30
CA SER A 89 6.06 -10.82 -0.03
C SER A 89 6.45 -10.24 -1.39
N PHE A 90 7.73 -10.32 -1.72
CA PHE A 90 8.23 -9.79 -2.99
C PHE A 90 7.54 -10.48 -4.16
N GLU A 91 7.33 -11.79 -4.03
CA GLU A 91 6.67 -12.56 -5.09
C GLU A 91 5.19 -12.21 -5.17
N ASP A 92 4.63 -11.79 -4.05
CA ASP A 92 3.22 -11.42 -3.98
C ASP A 92 2.92 -10.13 -4.75
N ILE A 93 3.86 -9.20 -4.72
CA ILE A 93 3.69 -7.91 -5.40
C ILE A 93 3.37 -8.09 -6.89
N HIS A 94 4.01 -9.05 -7.55
CA HIS A 94 3.77 -9.28 -8.97
C HIS A 94 2.42 -9.94 -9.22
N GLN A 95 2.14 -11.00 -8.47
CA GLN A 95 0.88 -11.72 -8.63
C GLN A 95 -0.31 -10.86 -8.19
N TYR A 96 -0.09 -10.05 -7.16
CA TYR A 96 -1.14 -9.17 -6.65
C TYR A 96 -1.60 -8.19 -7.73
N ARG A 97 -0.65 -7.52 -8.35
CA ARG A 97 -0.95 -6.56 -9.41
C ARG A 97 -1.78 -7.20 -10.52
N GLU A 98 -1.47 -8.46 -10.82
CA GLU A 98 -2.18 -9.19 -11.87
C GLU A 98 -3.68 -9.27 -11.55
N GLN A 99 -3.99 -9.36 -10.26
CA GLN A 99 -5.37 -9.45 -9.82
C GLN A 99 -6.08 -8.10 -9.95
N ILE A 100 -5.35 -7.03 -9.68
CA ILE A 100 -5.91 -5.69 -9.78
C ILE A 100 -6.41 -5.40 -11.18
N LYS A 101 -5.59 -5.72 -12.18
CA LYS A 101 -5.97 -5.49 -13.57
C LYS A 101 -7.25 -6.23 -13.93
N ARG A 102 -7.44 -7.40 -13.33
CA ARG A 102 -8.62 -8.22 -13.58
C ARG A 102 -9.88 -7.55 -13.04
N VAL A 103 -9.84 -7.16 -11.77
CA VAL A 103 -10.99 -6.52 -11.13
C VAL A 103 -11.18 -5.09 -11.63
N LYS A 104 -10.08 -4.35 -11.74
CA LYS A 104 -10.14 -2.98 -12.21
C LYS A 104 -10.47 -2.91 -13.70
N ASP A 105 -10.27 -4.03 -14.40
CA ASP A 105 -10.54 -4.10 -15.83
C ASP A 105 -9.75 -3.03 -16.59
N SER A 106 -8.58 -2.69 -16.07
CA SER A 106 -7.72 -1.69 -16.70
C SER A 106 -6.33 -2.24 -16.95
N ASP A 107 -5.42 -1.36 -17.35
CA ASP A 107 -4.04 -1.77 -17.62
C ASP A 107 -3.06 -0.95 -16.79
N ASP A 108 -3.15 0.37 -16.90
CA ASP A 108 -2.27 1.26 -16.15
C ASP A 108 -3.07 2.06 -15.12
N VAL A 109 -3.10 1.56 -13.89
CA VAL A 109 -3.83 2.21 -12.81
C VAL A 109 -2.87 2.72 -11.74
N PRO A 110 -3.30 3.73 -10.95
CA PRO A 110 -2.47 4.31 -9.89
C PRO A 110 -1.91 3.25 -8.94
N MET A 111 -0.58 3.14 -8.92
CA MET A 111 0.08 2.17 -8.06
C MET A 111 1.43 2.69 -7.59
N VAL A 112 1.90 2.18 -6.45
CA VAL A 112 3.18 2.59 -5.90
C VAL A 112 3.85 1.43 -5.14
N LEU A 113 5.16 1.33 -5.29
CA LEU A 113 5.92 0.28 -4.62
C LEU A 113 6.59 0.81 -3.35
N VAL A 114 6.43 0.08 -2.25
CA VAL A 114 7.03 0.49 -0.98
C VAL A 114 7.54 -0.71 -0.20
N GLY A 115 8.78 -0.62 0.27
CA GLY A 115 9.37 -1.70 1.04
C GLY A 115 9.08 -1.57 2.52
N ASN A 116 8.01 -2.23 2.97
CA ASN A 116 7.62 -2.18 4.37
C ASN A 116 8.54 -3.03 5.23
N LYS A 117 8.75 -2.60 6.47
CA LYS A 117 9.63 -3.32 7.40
C LYS A 117 11.09 -3.12 7.04
N CYS A 118 11.41 -1.98 6.44
CA CYS A 118 12.77 -1.68 6.04
C CYS A 118 13.64 -1.39 7.26
N ASP A 119 13.01 -0.94 8.35
CA ASP A 119 13.72 -0.63 9.58
C ASP A 119 13.76 -1.83 10.52
N LEU A 120 13.36 -3.00 10.01
CA LEU A 120 13.36 -4.21 10.81
C LEU A 120 14.76 -4.53 11.35
N ALA A 121 15.38 -5.61 10.88
CA ALA A 121 16.71 -5.98 11.34
C ALA A 121 17.30 -7.11 10.49
N ALA A 122 16.81 -7.23 9.25
CA ALA A 122 17.28 -8.27 8.35
C ALA A 122 16.66 -8.12 6.97
N ARG A 123 17.19 -7.18 6.19
CA ARG A 123 16.67 -6.95 4.84
C ARG A 123 17.23 -7.98 3.85
N THR A 124 16.38 -8.93 3.48
CA THR A 124 16.77 -9.98 2.55
C THR A 124 16.65 -9.48 1.11
N VAL A 125 15.61 -8.70 0.85
CA VAL A 125 15.36 -8.16 -0.49
C VAL A 125 16.14 -6.86 -0.70
N GLU A 126 17.10 -6.90 -1.62
CA GLU A 126 17.92 -5.73 -1.92
C GLU A 126 17.08 -4.63 -2.54
N SER A 127 17.53 -3.38 -2.38
CA SER A 127 16.81 -2.24 -2.92
C SER A 127 16.65 -2.37 -4.43
N ARG A 128 17.58 -3.06 -5.08
CA ARG A 128 17.53 -3.27 -6.52
C ARG A 128 16.28 -4.03 -6.92
N GLN A 129 15.92 -5.03 -6.14
CA GLN A 129 14.74 -5.85 -6.41
C GLN A 129 13.49 -4.97 -6.39
N ALA A 130 13.36 -4.16 -5.35
CA ALA A 130 12.21 -3.27 -5.21
C ALA A 130 12.19 -2.21 -6.30
N GLN A 131 13.34 -1.59 -6.54
CA GLN A 131 13.47 -0.56 -7.56
C GLN A 131 13.06 -1.11 -8.93
N ASP A 132 13.61 -2.27 -9.28
CA ASP A 132 13.31 -2.90 -10.56
C ASP A 132 11.86 -3.39 -10.57
N LEU A 133 11.37 -3.78 -9.41
CA LEU A 133 10.00 -4.27 -9.29
C LEU A 133 9.01 -3.16 -9.60
N ALA A 134 9.26 -1.98 -9.04
CA ALA A 134 8.40 -0.83 -9.26
C ALA A 134 8.53 -0.31 -10.70
N ARG A 135 9.76 -0.32 -11.20
CA ARG A 135 10.04 0.14 -12.56
C ARG A 135 9.42 -0.80 -13.60
N SER A 136 9.37 -2.09 -13.26
CA SER A 136 8.82 -3.09 -14.16
C SER A 136 7.36 -2.78 -14.48
N TYR A 137 6.67 -2.16 -13.53
CA TYR A 137 5.26 -1.80 -13.72
C TYR A 137 5.12 -0.33 -14.11
N GLY A 138 6.08 0.48 -13.68
CA GLY A 138 6.04 1.90 -13.99
C GLY A 138 5.55 2.73 -12.82
N ILE A 139 5.80 2.25 -11.62
CA ILE A 139 5.38 2.96 -10.41
C ILE A 139 6.58 3.35 -9.55
N PRO A 140 6.49 4.50 -8.84
CA PRO A 140 7.57 4.98 -7.99
C PRO A 140 7.84 4.06 -6.80
N TYR A 141 9.06 4.10 -6.29
CA TYR A 141 9.44 3.26 -5.17
C TYR A 141 9.84 4.10 -3.95
N ILE A 142 9.37 3.69 -2.77
CA ILE A 142 9.67 4.40 -1.54
C ILE A 142 9.83 3.43 -0.36
N GLU A 143 11.00 3.45 0.27
CA GLU A 143 11.26 2.58 1.40
C GLU A 143 10.62 3.12 2.67
N THR A 144 9.96 2.26 3.42
CA THR A 144 9.30 2.67 4.66
C THR A 144 9.22 1.53 5.67
N SER A 145 9.12 1.89 6.95
CA SER A 145 9.02 0.90 8.01
C SER A 145 7.82 1.20 8.91
N ALA A 146 6.87 0.27 8.95
CA ALA A 146 5.67 0.44 9.75
C ALA A 146 5.98 0.55 11.24
N LYS A 147 7.20 0.17 11.63
CA LYS A 147 7.60 0.22 13.03
C LYS A 147 8.18 1.59 13.40
N THR A 148 8.62 2.34 12.40
CA THR A 148 9.20 3.66 12.63
C THR A 148 8.38 4.77 11.99
N ARG A 149 7.54 4.41 11.00
CA ARG A 149 6.70 5.38 10.30
C ARG A 149 7.52 6.19 9.29
N GLN A 150 8.81 5.89 9.19
CA GLN A 150 9.69 6.60 8.26
C GLN A 150 9.35 6.23 6.81
N GLY A 151 8.96 7.24 6.03
CA GLY A 151 8.63 7.00 4.64
C GLY A 151 7.16 6.70 4.41
N VAL A 152 6.47 6.24 5.46
CA VAL A 152 5.05 5.91 5.36
C VAL A 152 4.26 7.06 4.73
N GLU A 153 4.51 8.28 5.19
CA GLU A 153 3.82 9.45 4.67
C GLU A 153 4.19 9.70 3.20
N ASP A 154 5.44 9.38 2.85
CA ASP A 154 5.92 9.56 1.48
C ASP A 154 5.32 8.52 0.54
N ALA A 155 5.33 7.27 0.96
CA ALA A 155 4.80 6.18 0.14
C ALA A 155 3.33 6.40 -0.21
N PHE A 156 2.54 6.72 0.81
CA PHE A 156 1.11 6.96 0.60
C PHE A 156 0.85 8.20 -0.24
N TYR A 157 1.59 9.28 0.06
CA TYR A 157 1.44 10.53 -0.68
C TYR A 157 1.66 10.31 -2.18
N THR A 158 2.56 9.39 -2.50
CA THR A 158 2.87 9.09 -3.90
C THR A 158 1.69 8.43 -4.60
N LEU A 159 0.97 7.59 -3.88
CA LEU A 159 -0.18 6.89 -4.45
C LEU A 159 -1.24 7.86 -4.96
N VAL A 160 -1.53 8.89 -4.16
CA VAL A 160 -2.53 9.88 -4.54
C VAL A 160 -2.15 10.58 -5.85
N ARG A 161 -0.87 10.88 -6.00
CA ARG A 161 -0.38 11.54 -7.21
C ARG A 161 -0.83 10.81 -8.47
N GLU A 162 -0.75 9.48 -8.43
CA GLU A 162 -1.14 8.66 -9.57
C GLU A 162 -2.66 8.68 -9.77
N ILE A 163 -3.39 8.51 -8.68
CA ILE A 163 -4.85 8.52 -8.73
C ILE A 163 -5.39 9.83 -9.29
N ARG A 164 -4.81 10.94 -8.83
CA ARG A 164 -5.23 12.26 -9.29
C ARG A 164 -5.16 12.36 -10.81
N GLN A 165 -4.28 11.58 -11.41
CA GLN A 165 -4.12 11.58 -12.87
C GLN A 165 -4.94 10.46 -13.50
N HIS A 166 -6.00 10.03 -12.83
CA HIS A 166 -6.85 8.96 -13.35
C HIS A 166 -7.82 9.51 -14.39
#